data_2WBB
#
_entry.id   2WBB
#
_cell.length_a   64.730
_cell.length_b   278.563
_cell.length_c   82.702
_cell.angle_alpha   90.00
_cell.angle_beta   97.87
_cell.angle_gamma   90.00
#
_symmetry.space_group_name_H-M   'P 1 21 1'
#
loop_
_entity.id
_entity.type
_entity.pdbx_description
1 polymer 'FRUCTOSE-1,6-BISPHOSPHATASE 1'
2 non-polymer N-{[(2Z)-5-BROMO-1,3-THIAZOL-2(3H)-YLIDENE]CARBAMOYL}-4-METHYLBENZENESULFONAMIDE
3 water water
#
_entity_poly.entity_id   1
_entity_poly.type   'polypeptide(L)'
_entity_poly.pdbx_seq_one_letter_code
;MADQAPFDTDVNTLTRFVMEEGRKARGTGELTQLLNSLCTAVKAISSAVRKAGIAHLYGIAGSTNVTGDQVKKLDVLSND
LVMNMLKSSFATCVLVSEEDKHAIIVEPEKRGKYVVCFDPLDGSSNIDCLVSVGTIFGIYRKKSTDEPSEKDALQPGRNL
VAAGYALYGSATMLVLAMDCGVNCFMLDPAIGEFILVDKDVKIKKKGKIYSLNEGYAKDFDPAVTEYIQRKKFPPDNSAP
YGARYVGSMVADVHRTLVYGGIFLYPANKKSPNGKLRLLYECNPMAYVMEKAGGMATTGKEAVLDVIPTDIHQRAPVILG
SPDDVLEFLKVYEKHSAQ
;
_entity_poly.pdbx_strand_id   A,B,C,D,E,F,G,H
#
# COMPACT_ATOMS: atom_id res chain seq x y z
N ASP A 10 48.99 4.23 -13.10
CA ASP A 10 47.58 3.88 -12.76
C ASP A 10 47.43 3.05 -11.48
N VAL A 11 46.45 3.40 -10.67
CA VAL A 11 46.07 2.60 -9.50
C VAL A 11 45.69 1.17 -9.89
N ASN A 12 46.12 0.22 -9.07
CA ASN A 12 45.63 -1.13 -9.21
C ASN A 12 45.29 -1.75 -7.86
N THR A 13 44.42 -2.74 -7.87
CA THR A 13 44.00 -3.47 -6.69
C THR A 13 44.28 -4.93 -6.91
N LEU A 14 44.28 -5.70 -5.83
CA LEU A 14 44.54 -7.15 -5.91
C LEU A 14 43.60 -7.84 -6.90
N THR A 15 42.30 -7.76 -6.63
CA THR A 15 41.28 -8.39 -7.44
C THR A 15 41.45 -8.09 -8.92
N ARG A 16 41.67 -6.82 -9.23
CA ARG A 16 41.78 -6.35 -10.60
C ARG A 16 43.16 -6.65 -11.21
N PHE A 17 44.22 -6.68 -10.39
CA PHE A 17 45.52 -7.16 -10.82
C PHE A 17 45.39 -8.60 -11.31
N VAL A 18 44.72 -9.42 -10.49
CA VAL A 18 44.54 -10.85 -10.73
C VAL A 18 43.67 -11.11 -11.96
N MET A 19 42.52 -10.44 -12.06
CA MET A 19 41.63 -10.54 -13.22
C MET A 19 42.35 -10.24 -14.52
N GLU A 20 43.20 -9.21 -14.50
CA GLU A 20 43.97 -8.83 -15.67
C GLU A 20 44.99 -9.92 -16.03
N GLU A 21 45.84 -10.30 -15.07
CA GLU A 21 46.73 -11.46 -15.24
C GLU A 21 46.00 -12.73 -15.70
N GLY A 22 44.79 -12.94 -15.21
CA GLY A 22 44.00 -14.11 -15.57
C GLY A 22 43.45 -14.06 -16.99
N ARG A 23 43.04 -12.87 -17.42
CA ARG A 23 42.55 -12.70 -18.78
C ARG A 23 43.69 -12.78 -19.81
N LYS A 24 44.86 -12.23 -19.46
CA LYS A 24 46.07 -12.44 -20.25
C LYS A 24 46.44 -13.93 -20.37
N ALA A 25 46.22 -14.69 -19.29
CA ALA A 25 46.49 -16.14 -19.30
C ALA A 25 45.34 -16.92 -19.95
N ARG A 26 44.19 -16.28 -20.10
CA ARG A 26 42.99 -16.90 -20.68
C ARG A 26 42.44 -18.11 -19.90
N GLY A 27 42.61 -18.09 -18.58
CA GLY A 27 42.13 -19.18 -17.72
C GLY A 27 40.62 -19.11 -17.54
N THR A 28 40.06 -20.05 -16.80
CA THR A 28 38.62 -20.14 -16.63
C THR A 28 38.05 -19.18 -15.56
N GLY A 29 38.91 -18.70 -14.67
CA GLY A 29 38.49 -17.82 -13.59
C GLY A 29 38.47 -18.42 -12.19
N GLU A 30 38.69 -19.73 -12.07
CA GLU A 30 38.68 -20.37 -10.75
C GLU A 30 39.71 -19.77 -9.82
N LEU A 31 40.91 -19.49 -10.34
CA LEU A 31 41.98 -18.97 -9.50
C LEU A 31 41.71 -17.55 -9.00
N THR A 32 41.20 -16.70 -9.90
CA THR A 32 40.78 -15.36 -9.53
C THR A 32 39.70 -15.46 -8.43
N GLN A 33 38.75 -16.37 -8.63
CA GLN A 33 37.63 -16.54 -7.70
C GLN A 33 38.14 -17.01 -6.33
N LEU A 34 39.05 -17.99 -6.34
CA LEU A 34 39.68 -18.46 -5.11
C LEU A 34 40.46 -17.33 -4.43
N LEU A 35 41.18 -16.54 -5.21
CA LEU A 35 42.01 -15.49 -4.65
C LEU A 35 41.19 -14.32 -4.10
N ASN A 36 40.06 -14.02 -4.75
CA ASN A 36 39.14 -13.01 -4.26
C ASN A 36 38.44 -13.44 -2.96
N SER A 37 38.01 -14.70 -2.91
CA SER A 37 37.53 -15.28 -1.68
C SER A 37 38.57 -15.13 -0.57
N LEU A 38 39.80 -15.52 -0.85
CA LEU A 38 40.87 -15.47 0.16
C LEU A 38 41.07 -14.06 0.74
N CYS A 39 41.25 -13.08 -0.13
CA CYS A 39 41.50 -11.72 0.31
C CYS A 39 40.32 -11.15 1.10
N THR A 40 39.10 -11.63 0.84
CA THR A 40 37.94 -11.30 1.69
C THR A 40 38.12 -11.84 3.11
N ALA A 41 38.52 -13.10 3.23
CA ALA A 41 38.85 -13.74 4.51
C ALA A 41 39.90 -12.94 5.25
N VAL A 42 40.92 -12.49 4.50
CA VAL A 42 42.07 -11.78 5.03
C VAL A 42 41.68 -10.42 5.62
N LYS A 43 40.79 -9.71 4.92
CA LYS A 43 40.25 -8.45 5.41
C LYS A 43 39.42 -8.67 6.65
N ALA A 44 38.74 -9.82 6.73
CA ALA A 44 37.98 -10.21 7.94
C ALA A 44 38.92 -10.56 9.10
N ILE A 45 40.01 -11.27 8.80
CA ILE A 45 40.99 -11.62 9.82
C ILE A 45 41.66 -10.34 10.32
N SER A 46 42.05 -9.47 9.38
CA SER A 46 42.68 -8.18 9.71
C SER A 46 41.78 -7.36 10.64
N SER A 47 40.50 -7.25 10.31
CA SER A 47 39.56 -6.54 11.17
C SER A 47 39.52 -7.18 12.58
N ALA A 48 39.37 -8.48 12.64
CA ALA A 48 39.39 -9.19 13.93
C ALA A 48 40.67 -8.95 14.77
N VAL A 49 41.83 -9.00 14.10
CA VAL A 49 43.15 -8.88 14.73
C VAL A 49 43.39 -7.49 15.34
N ARG A 50 42.96 -6.44 14.61
CA ARG A 50 43.01 -5.06 15.09
C ARG A 50 41.91 -4.79 16.13
N LYS A 51 41.18 -5.85 16.50
CA LYS A 51 40.22 -5.84 17.62
C LYS A 51 38.99 -4.96 17.38
N ALA A 52 38.52 -4.87 16.14
CA ALA A 52 37.27 -4.15 15.90
C ALA A 52 36.16 -4.83 16.69
N GLY A 53 35.33 -4.06 17.37
CA GLY A 53 34.21 -4.63 18.13
C GLY A 53 34.56 -5.17 19.50
N ILE A 54 35.82 -5.03 19.91
CA ILE A 54 36.24 -5.53 21.22
C ILE A 54 35.44 -4.92 22.38
N ALA A 55 35.08 -3.64 22.23
CA ALA A 55 34.25 -2.94 23.21
C ALA A 55 33.04 -3.77 23.64
N HIS A 56 32.50 -4.55 22.71
CA HIS A 56 31.34 -5.38 22.99
C HIS A 56 31.68 -6.61 23.81
N LEU A 57 32.91 -7.11 23.69
CA LEU A 57 33.36 -8.18 24.58
C LEU A 57 33.50 -7.64 25.99
N TYR A 58 33.68 -6.33 26.10
CA TYR A 58 33.94 -5.68 27.39
C TYR A 58 32.72 -5.03 28.02
N GLY A 59 31.55 -5.33 27.48
CA GLY A 59 30.30 -4.95 28.11
C GLY A 59 29.83 -3.54 27.84
N ILE A 60 30.22 -2.98 26.70
CA ILE A 60 29.81 -1.61 26.35
C ILE A 60 28.28 -1.46 26.34
N ALA A 61 27.58 -2.50 25.89
CA ALA A 61 26.13 -2.51 25.77
C ALA A 61 25.43 -3.27 26.89
N GLY A 62 26.17 -3.62 27.95
CA GLY A 62 25.56 -4.21 29.13
C GLY A 62 26.43 -5.23 29.83
N VAL A 71 33.73 -14.84 21.26
CA VAL A 71 33.83 -16.13 21.95
C VAL A 71 34.90 -17.01 21.30
N LYS A 72 34.79 -17.19 19.99
CA LYS A 72 35.84 -17.86 19.19
C LYS A 72 37.16 -17.11 19.34
N LYS A 73 38.20 -17.82 19.77
CA LYS A 73 39.58 -17.34 19.68
C LYS A 73 39.92 -16.87 18.27
N LEU A 74 40.99 -16.09 18.14
CA LEU A 74 41.37 -15.52 16.86
C LEU A 74 41.87 -16.54 15.85
N ASP A 75 42.63 -17.52 16.31
CA ASP A 75 43.16 -18.55 15.42
C ASP A 75 42.06 -19.48 14.89
N VAL A 76 41.04 -19.69 15.74
CA VAL A 76 39.84 -20.44 15.37
C VAL A 76 38.97 -19.62 14.38
N LEU A 77 38.58 -18.40 14.77
CA LEU A 77 37.82 -17.54 13.87
C LEU A 77 38.53 -17.44 12.48
N SER A 78 39.86 -17.29 12.49
CA SER A 78 40.64 -17.11 11.27
C SER A 78 40.56 -18.34 10.38
N ASN A 79 40.64 -19.51 11.00
CA ASN A 79 40.49 -20.76 10.30
C ASN A 79 39.09 -20.88 9.66
N ASP A 80 38.06 -20.53 10.43
CA ASP A 80 36.69 -20.58 9.93
C ASP A 80 36.46 -19.59 8.78
N LEU A 81 37.01 -18.38 8.91
CA LEU A 81 36.99 -17.39 7.84
C LEU A 81 37.56 -17.96 6.55
N VAL A 82 38.81 -18.40 6.61
CA VAL A 82 39.47 -19.00 5.44
C VAL A 82 38.77 -20.24 4.89
N MET A 83 38.42 -21.21 5.74
CA MET A 83 37.75 -22.43 5.31
C MET A 83 36.43 -22.09 4.61
N ASN A 84 35.66 -21.20 5.24
CA ASN A 84 34.35 -20.86 4.73
C ASN A 84 34.38 -20.18 3.38
N MET A 85 35.24 -19.17 3.26
CA MET A 85 35.37 -18.42 2.04
C MET A 85 36.00 -19.28 0.92
N LEU A 86 36.84 -20.24 1.30
CA LEU A 86 37.45 -21.11 0.30
C LEU A 86 36.47 -22.20 -0.17
N LYS A 87 35.83 -22.87 0.78
CA LYS A 87 34.80 -23.84 0.45
C LYS A 87 33.74 -23.22 -0.46
N SER A 88 33.31 -22.01 -0.11
CA SER A 88 32.21 -21.32 -0.81
C SER A 88 32.66 -20.62 -2.11
N SER A 89 33.94 -20.75 -2.45
CA SER A 89 34.47 -20.12 -3.65
C SER A 89 34.19 -20.95 -4.91
N PHE A 90 33.86 -22.22 -4.71
CA PHE A 90 33.67 -23.20 -5.79
C PHE A 90 34.96 -23.42 -6.58
N ALA A 91 36.11 -23.16 -5.97
CA ALA A 91 37.39 -23.18 -6.68
C ALA A 91 38.35 -24.18 -6.06
N THR A 92 37.94 -24.77 -4.93
CA THR A 92 38.82 -25.67 -4.18
C THR A 92 38.18 -27.04 -3.94
N CYS A 93 39.00 -28.04 -3.65
CA CYS A 93 38.50 -29.38 -3.43
C CYS A 93 39.11 -30.02 -2.17
N VAL A 94 40.32 -29.59 -1.83
CA VAL A 94 41.05 -30.09 -0.67
C VAL A 94 41.71 -28.94 0.05
N LEU A 95 41.48 -28.85 1.36
CA LEU A 95 42.00 -27.76 2.17
C LEU A 95 42.77 -28.32 3.35
N VAL A 96 44.04 -27.93 3.43
CA VAL A 96 44.87 -28.30 4.54
C VAL A 96 45.11 -27.04 5.37
N SER A 97 44.80 -27.14 6.66
CA SER A 97 45.07 -26.05 7.61
C SER A 97 45.90 -26.50 8.80
N GLU A 98 46.70 -25.57 9.32
CA GLU A 98 47.43 -25.77 10.58
C GLU A 98 46.51 -26.25 11.71
N GLU A 99 45.23 -25.87 11.63
CA GLU A 99 44.29 -26.08 12.73
C GLU A 99 43.63 -27.46 12.72
N ASP A 100 43.66 -28.12 11.57
CA ASP A 100 42.92 -29.33 11.35
C ASP A 100 43.83 -30.53 11.19
N LYS A 101 43.50 -31.61 11.88
CA LYS A 101 44.32 -32.82 11.87
C LYS A 101 44.37 -33.47 10.48
N HIS A 102 43.21 -33.67 9.88
CA HIS A 102 43.10 -34.22 8.54
C HIS A 102 42.79 -33.13 7.54
N ALA A 103 43.03 -33.43 6.26
CA ALA A 103 42.66 -32.54 5.16
C ALA A 103 41.14 -32.43 5.08
N ILE A 104 40.62 -31.23 4.89
CA ILE A 104 39.19 -31.06 4.67
C ILE A 104 38.91 -31.28 3.19
N ILE A 105 37.96 -32.16 2.91
CA ILE A 105 37.54 -32.46 1.56
C ILE A 105 36.25 -31.69 1.28
N VAL A 106 36.32 -30.75 0.35
CA VAL A 106 35.16 -29.91 -0.01
C VAL A 106 34.03 -30.78 -0.56
N GLU A 107 32.80 -30.49 -0.14
CA GLU A 107 31.60 -31.21 -0.59
C GLU A 107 31.46 -31.15 -2.10
N PRO A 108 30.97 -32.24 -2.73
CA PRO A 108 30.94 -32.39 -4.19
C PRO A 108 30.38 -31.20 -4.94
N GLU A 109 29.40 -30.51 -4.36
CA GLU A 109 28.71 -29.42 -5.07
C GLU A 109 29.51 -28.13 -5.12
N LYS A 110 30.52 -28.04 -4.26
CA LYS A 110 31.36 -26.85 -4.14
C LYS A 110 32.77 -27.10 -4.64
N ARG A 111 33.02 -28.29 -5.19
CA ARG A 111 34.38 -28.67 -5.59
C ARG A 111 34.84 -27.90 -6.81
N GLY A 112 36.08 -27.41 -6.72
CA GLY A 112 36.77 -26.78 -7.83
C GLY A 112 38.14 -27.42 -7.93
N LYS A 113 39.00 -26.85 -8.75
CA LYS A 113 40.25 -27.52 -9.13
C LYS A 113 41.46 -27.33 -8.22
N TYR A 114 41.40 -26.44 -7.25
CA TYR A 114 42.60 -26.15 -6.44
C TYR A 114 42.66 -26.78 -5.06
N VAL A 115 43.89 -27.04 -4.62
CA VAL A 115 44.19 -27.50 -3.27
C VAL A 115 44.86 -26.33 -2.56
N VAL A 116 44.33 -25.93 -1.39
CA VAL A 116 44.93 -24.84 -0.64
C VAL A 116 45.43 -25.33 0.71
N CYS A 117 46.71 -25.09 0.97
CA CYS A 117 47.33 -25.30 2.28
C CYS A 117 47.61 -23.94 2.92
N PHE A 118 47.19 -23.78 4.16
CA PHE A 118 47.26 -22.49 4.83
C PHE A 118 47.44 -22.58 6.34
N ASP A 119 48.18 -21.61 6.88
CA ASP A 119 48.19 -21.36 8.29
C ASP A 119 47.39 -20.08 8.49
N PRO A 120 46.19 -20.19 9.10
CA PRO A 120 45.26 -19.07 9.13
C PRO A 120 45.69 -17.91 10.05
N LEU A 121 46.36 -18.25 11.15
CA LEU A 121 46.95 -17.21 12.00
C LEU A 121 48.31 -17.62 12.54
N ASP A 122 49.33 -17.37 11.72
CA ASP A 122 50.72 -17.65 12.06
C ASP A 122 51.22 -16.69 13.13
N GLY A 123 51.88 -17.25 14.16
CA GLY A 123 52.43 -16.47 15.26
C GLY A 123 51.39 -16.21 16.33
N SER A 124 50.25 -16.89 16.22
CA SER A 124 49.07 -16.61 17.06
C SER A 124 49.28 -16.85 18.53
N SER A 125 50.18 -17.78 18.88
CA SER A 125 50.39 -18.13 20.28
C SER A 125 50.99 -16.96 21.08
N ASN A 126 51.59 -16.01 20.38
CA ASN A 126 52.04 -14.73 20.96
C ASN A 126 51.25 -13.49 20.42
N ILE A 127 49.94 -13.62 20.26
CA ILE A 127 49.10 -12.49 19.83
C ILE A 127 48.73 -11.61 21.02
N ASP A 128 49.08 -12.07 22.22
CA ASP A 128 48.72 -11.34 23.44
C ASP A 128 49.62 -10.16 23.72
N CYS A 129 50.82 -10.19 23.16
CA CYS A 129 51.73 -9.06 23.30
C CYS A 129 51.62 -8.14 22.10
N LEU A 130 50.68 -8.44 21.21
CA LEU A 130 50.34 -7.60 20.05
C LEU A 130 51.43 -7.54 19.00
N VAL A 131 52.24 -8.60 18.96
CA VAL A 131 53.23 -8.83 17.92
C VAL A 131 52.53 -9.09 16.59
N SER A 132 53.19 -8.71 15.50
CA SER A 132 52.67 -8.95 14.18
C SER A 132 52.31 -10.41 14.03
N VAL A 133 51.16 -10.67 13.43
CA VAL A 133 50.74 -12.03 13.09
C VAL A 133 50.41 -12.05 11.60
N GLY A 134 50.09 -13.22 11.08
CA GLY A 134 49.89 -13.32 9.65
C GLY A 134 49.18 -14.57 9.18
N THR A 135 48.80 -14.58 7.91
CA THR A 135 48.16 -15.73 7.28
C THR A 135 49.04 -16.21 6.15
N ILE A 136 49.31 -17.52 6.13
CA ILE A 136 50.17 -18.05 5.10
C ILE A 136 49.36 -19.03 4.28
N PHE A 137 49.54 -18.95 2.96
CA PHE A 137 48.79 -19.82 2.07
C PHE A 137 49.65 -20.28 0.90
N GLY A 138 49.39 -21.50 0.46
CA GLY A 138 49.97 -22.06 -0.75
C GLY A 138 48.87 -22.71 -1.57
N ILE A 139 48.80 -22.38 -2.87
CA ILE A 139 47.77 -22.93 -3.75
C ILE A 139 48.32 -23.86 -4.85
N TYR A 140 47.81 -25.09 -4.88
CA TYR A 140 48.17 -26.10 -5.87
C TYR A 140 46.97 -26.40 -6.73
N ARG A 141 47.25 -26.71 -8.00
CA ARG A 141 46.30 -27.36 -8.88
C ARG A 141 46.25 -28.81 -8.41
N LYS A 142 45.06 -29.36 -8.22
CA LYS A 142 44.90 -30.81 -7.98
C LYS A 142 45.42 -31.53 -9.22
N LYS A 143 46.24 -32.55 -9.03
CA LYS A 143 47.02 -33.15 -10.12
C LYS A 143 46.44 -34.43 -10.77
N SER A 144 45.45 -35.03 -10.14
CA SER A 144 44.80 -36.21 -10.68
C SER A 144 43.28 -36.05 -10.66
N THR A 145 42.61 -36.92 -11.41
CA THR A 145 41.17 -36.91 -11.49
C THR A 145 40.54 -37.85 -10.45
N ASP A 146 41.36 -38.50 -9.62
CA ASP A 146 40.85 -39.30 -8.51
C ASP A 146 39.91 -38.50 -7.60
N GLU A 147 39.01 -39.21 -6.91
CA GLU A 147 38.21 -38.59 -5.86
C GLU A 147 39.17 -37.87 -4.88
N PRO A 148 38.86 -36.61 -4.54
CA PRO A 148 39.79 -35.80 -3.76
C PRO A 148 40.11 -36.44 -2.42
N SER A 149 41.36 -36.33 -2.01
CA SER A 149 41.80 -36.79 -0.71
C SER A 149 43.08 -36.09 -0.27
N GLU A 150 43.44 -36.34 0.98
CA GLU A 150 44.70 -35.88 1.58
C GLU A 150 45.92 -35.91 0.65
N LYS A 151 45.99 -36.93 -0.21
CA LYS A 151 47.08 -37.11 -1.16
C LYS A 151 47.22 -35.99 -2.19
N ASP A 152 46.13 -35.27 -2.46
CA ASP A 152 46.18 -34.20 -3.43
C ASP A 152 47.05 -33.02 -2.98
N ALA A 153 47.21 -32.90 -1.66
CA ALA A 153 48.04 -31.85 -1.06
C ALA A 153 49.50 -32.28 -0.96
N LEU A 154 49.76 -33.57 -1.15
CA LEU A 154 51.12 -34.07 -1.03
C LEU A 154 51.87 -33.82 -2.35
N GLN A 155 52.17 -32.56 -2.61
CA GLN A 155 52.95 -32.18 -3.78
C GLN A 155 54.14 -31.37 -3.29
N PRO A 156 55.28 -31.44 -4.01
CA PRO A 156 56.42 -30.56 -3.71
C PRO A 156 56.04 -29.10 -3.97
N GLY A 157 56.72 -28.17 -3.31
CA GLY A 157 56.45 -26.74 -3.48
C GLY A 157 56.63 -26.22 -4.89
N ARG A 158 57.49 -26.88 -5.67
CA ARG A 158 57.69 -26.54 -7.09
C ARG A 158 56.35 -26.50 -7.85
N ASN A 159 55.38 -27.26 -7.38
CA ASN A 159 54.08 -27.35 -8.05
C ASN A 159 53.11 -26.21 -7.75
N LEU A 160 53.53 -25.28 -6.88
CA LEU A 160 52.67 -24.19 -6.45
C LEU A 160 52.30 -23.31 -7.63
N VAL A 161 51.04 -22.91 -7.64
CA VAL A 161 50.49 -22.05 -8.66
C VAL A 161 50.53 -20.60 -8.13
N ALA A 162 50.34 -20.49 -6.81
CA ALA A 162 50.38 -19.20 -6.15
C ALA A 162 50.62 -19.45 -4.68
N ALA A 163 51.29 -18.51 -4.05
CA ALA A 163 51.53 -18.54 -2.62
C ALA A 163 51.79 -17.14 -2.10
N GLY A 164 51.67 -17.00 -0.80
CA GLY A 164 52.03 -15.75 -0.16
C GLY A 164 51.50 -15.65 1.24
N TYR A 165 51.34 -14.42 1.70
CA TYR A 165 50.95 -14.19 3.05
C TYR A 165 50.29 -12.82 3.21
N ALA A 166 49.44 -12.73 4.23
CA ALA A 166 48.93 -11.45 4.74
C ALA A 166 49.68 -11.22 6.03
N LEU A 167 50.34 -10.09 6.15
CA LEU A 167 50.97 -9.71 7.41
C LEU A 167 50.12 -8.63 8.07
N TYR A 168 49.63 -8.95 9.27
CA TYR A 168 48.90 -7.99 10.09
C TYR A 168 49.92 -7.34 11.05
N GLY A 169 50.59 -6.31 10.54
CA GLY A 169 51.60 -5.57 11.30
C GLY A 169 51.14 -4.15 11.55
N SER A 170 52.06 -3.19 11.52
CA SER A 170 51.67 -1.80 11.64
C SER A 170 50.58 -1.48 10.60
N ALA A 171 50.71 -2.04 9.39
CA ALA A 171 49.64 -2.07 8.42
C ALA A 171 49.45 -3.51 7.95
N THR A 172 48.32 -3.78 7.29
CA THR A 172 48.07 -5.10 6.69
C THR A 172 48.53 -5.10 5.24
N MET A 173 49.39 -6.04 4.91
CA MET A 173 49.88 -6.18 3.55
C MET A 173 49.69 -7.60 3.08
N LEU A 174 49.21 -7.76 1.86
CA LEU A 174 49.20 -9.06 1.22
C LEU A 174 50.27 -9.14 0.15
N VAL A 175 51.14 -10.14 0.31
CA VAL A 175 52.20 -10.45 -0.62
C VAL A 175 51.79 -11.68 -1.41
N LEU A 176 51.63 -11.52 -2.73
CA LEU A 176 51.24 -12.62 -3.62
C LEU A 176 52.38 -12.96 -4.59
N ALA A 177 52.78 -14.24 -4.57
CA ALA A 177 53.73 -14.78 -5.51
C ALA A 177 53.01 -15.65 -6.53
N MET A 178 53.35 -15.44 -7.81
CA MET A 178 52.85 -16.26 -8.89
C MET A 178 53.94 -16.29 -9.95
N ASP A 179 53.63 -16.85 -11.11
CA ASP A 179 54.61 -16.96 -12.18
C ASP A 179 55.15 -15.60 -12.65
N CYS A 180 54.27 -14.60 -12.73
CA CYS A 180 54.66 -13.21 -13.06
C CYS A 180 55.54 -12.50 -12.02
N GLY A 181 55.75 -13.13 -10.87
CA GLY A 181 56.63 -12.59 -9.82
C GLY A 181 55.93 -12.33 -8.50
N VAL A 182 56.51 -11.46 -7.67
CA VAL A 182 56.01 -11.16 -6.33
C VAL A 182 55.46 -9.74 -6.30
N ASN A 183 54.20 -9.61 -5.92
CA ASN A 183 53.56 -8.32 -5.85
C ASN A 183 52.98 -8.06 -4.48
N CYS A 184 53.19 -6.83 -3.99
CA CYS A 184 52.81 -6.43 -2.64
C CYS A 184 51.62 -5.50 -2.62
N PHE A 185 50.62 -5.88 -1.83
CA PHE A 185 49.34 -5.15 -1.82
C PHE A 185 49.00 -4.63 -0.41
N MET A 186 48.89 -3.31 -0.28
CA MET A 186 48.58 -2.71 1.01
C MET A 186 47.08 -2.60 1.22
N LEU A 187 46.59 -3.13 2.34
CA LEU A 187 45.18 -2.98 2.67
C LEU A 187 44.91 -1.54 3.11
N ASP A 188 44.03 -0.87 2.36
CA ASP A 188 43.50 0.42 2.76
C ASP A 188 42.22 0.19 3.56
N PRO A 189 42.31 0.34 4.90
CA PRO A 189 41.16 -0.03 5.72
C PRO A 189 40.01 0.97 5.59
N ALA A 190 40.26 2.15 5.02
CA ALA A 190 39.18 3.11 4.81
C ALA A 190 38.21 2.60 3.75
N ILE A 191 38.71 1.85 2.79
CA ILE A 191 37.87 1.30 1.72
C ILE A 191 37.90 -0.23 1.58
N GLY A 192 38.70 -0.90 2.41
CA GLY A 192 38.82 -2.35 2.33
C GLY A 192 39.30 -2.87 0.99
N GLU A 193 40.28 -2.19 0.40
CA GLU A 193 40.87 -2.65 -0.85
C GLU A 193 42.34 -2.90 -0.65
N PHE A 194 42.85 -3.92 -1.32
CA PHE A 194 44.28 -4.14 -1.41
C PHE A 194 44.85 -3.38 -2.60
N ILE A 195 45.66 -2.37 -2.28
CA ILE A 195 46.26 -1.49 -3.26
C ILE A 195 47.68 -1.95 -3.60
N LEU A 196 47.96 -2.10 -4.90
CA LEU A 196 49.29 -2.47 -5.38
C LEU A 196 50.28 -1.35 -5.12
N VAL A 197 51.31 -1.67 -4.32
CA VAL A 197 52.26 -0.67 -3.86
C VAL A 197 53.70 -0.97 -4.23
N ASP A 198 54.06 -2.25 -4.27
CA ASP A 198 55.41 -2.67 -4.68
C ASP A 198 55.26 -3.80 -5.69
N LYS A 199 55.67 -3.52 -6.93
CA LYS A 199 55.49 -4.43 -8.06
C LYS A 199 56.74 -5.27 -8.34
N ASP A 200 56.53 -6.53 -8.69
CA ASP A 200 57.61 -7.41 -9.17
C ASP A 200 58.84 -7.30 -8.27
N VAL A 201 58.61 -7.61 -6.99
CA VAL A 201 59.59 -7.39 -5.96
C VAL A 201 60.74 -8.38 -6.05
N LYS A 202 61.97 -7.87 -5.90
CA LYS A 202 63.17 -8.68 -5.87
C LYS A 202 63.97 -8.45 -4.59
N ILE A 203 64.41 -9.53 -3.97
CA ILE A 203 65.24 -9.44 -2.76
C ILE A 203 66.69 -9.03 -3.09
N LYS A 204 67.34 -8.38 -2.12
CA LYS A 204 68.76 -8.08 -2.21
C LYS A 204 69.55 -9.37 -2.29
N LYS A 205 70.62 -9.34 -3.08
CA LYS A 205 71.58 -10.44 -3.21
C LYS A 205 72.20 -10.82 -1.86
N LYS A 206 72.49 -9.81 -1.04
CA LYS A 206 73.06 -10.02 0.28
C LYS A 206 72.46 -8.99 1.23
N GLY A 207 72.16 -9.43 2.45
CA GLY A 207 71.63 -8.56 3.47
C GLY A 207 72.60 -8.34 4.61
N LYS A 208 72.10 -7.75 5.69
CA LYS A 208 72.93 -7.35 6.83
C LYS A 208 72.22 -7.70 8.14
N ILE A 209 71.23 -8.56 8.03
CA ILE A 209 70.39 -8.94 9.16
C ILE A 209 70.24 -10.45 9.16
N TYR A 210 70.34 -11.05 10.34
CA TYR A 210 70.14 -12.48 10.52
C TYR A 210 69.05 -12.70 11.53
N SER A 211 68.26 -13.75 11.35
CA SER A 211 67.05 -13.92 12.11
C SER A 211 66.82 -15.38 12.48
N LEU A 212 66.88 -15.64 13.78
CA LEU A 212 66.59 -16.96 14.35
C LEU A 212 66.50 -16.76 15.86
N ASN A 213 66.00 -17.77 16.56
CA ASN A 213 65.88 -17.75 18.01
C ASN A 213 67.19 -18.20 18.66
N GLU A 214 68.00 -17.25 19.08
CA GLU A 214 69.31 -17.55 19.68
C GLU A 214 69.23 -18.10 21.10
N GLY A 215 68.04 -18.06 21.68
CA GLY A 215 67.85 -18.50 23.05
C GLY A 215 68.16 -19.97 23.19
N TYR A 216 67.79 -20.72 22.16
CA TYR A 216 68.04 -22.14 22.13
C TYR A 216 69.37 -22.52 21.46
N ALA A 217 70.36 -21.65 21.61
CA ALA A 217 71.72 -21.88 21.11
C ALA A 217 72.35 -23.19 21.60
N LYS A 218 72.06 -23.58 22.84
CA LYS A 218 72.61 -24.82 23.38
C LYS A 218 72.20 -26.07 22.58
N ASP A 219 71.10 -25.96 21.83
CA ASP A 219 70.60 -27.06 21.01
C ASP A 219 71.03 -26.92 19.54
N PHE A 220 71.76 -25.87 19.21
CA PHE A 220 72.11 -25.59 17.81
C PHE A 220 72.94 -26.69 17.19
N ASP A 221 72.75 -26.86 15.89
CA ASP A 221 73.69 -27.64 15.09
C ASP A 221 74.99 -26.82 15.04
N PRO A 222 76.15 -27.49 15.21
CA PRO A 222 77.42 -26.72 15.23
C PRO A 222 77.64 -25.82 14.01
N ALA A 223 77.03 -26.16 12.88
CA ALA A 223 77.12 -25.35 11.66
C ALA A 223 76.29 -24.08 11.79
N VAL A 224 75.15 -24.20 12.48
CA VAL A 224 74.34 -23.04 12.83
C VAL A 224 75.10 -22.14 13.84
N THR A 225 75.61 -22.76 14.91
CA THR A 225 76.47 -22.09 15.88
C THR A 225 77.58 -21.33 15.15
N GLU A 226 78.20 -21.97 14.16
CA GLU A 226 79.33 -21.37 13.48
C GLU A 226 78.95 -20.25 12.51
N TYR A 227 77.88 -20.49 11.76
CA TYR A 227 77.43 -19.51 10.78
C TYR A 227 77.05 -18.22 11.47
N ILE A 228 76.33 -18.34 12.58
CA ILE A 228 75.82 -17.18 13.33
C ILE A 228 76.98 -16.41 14.01
N GLN A 229 77.99 -17.14 14.49
CA GLN A 229 79.22 -16.50 15.03
C GLN A 229 79.91 -15.59 14.01
N ARG A 230 80.04 -16.08 12.78
CA ARG A 230 80.62 -15.29 11.68
C ARG A 230 79.77 -14.08 11.30
N LYS A 231 78.47 -14.12 11.61
CA LYS A 231 77.62 -12.93 11.43
C LYS A 231 77.89 -11.86 12.50
N LYS A 232 78.19 -12.32 13.72
CA LYS A 232 78.50 -11.49 14.87
C LYS A 232 79.99 -11.14 14.96
N PHE A 233 80.83 -12.04 14.47
CA PHE A 233 82.28 -11.85 14.52
C PHE A 233 82.86 -12.18 13.18
N PRO A 234 82.74 -11.24 12.22
CA PRO A 234 83.23 -11.51 10.87
C PRO A 234 84.75 -11.52 10.89
N PRO A 235 85.35 -12.53 10.23
CA PRO A 235 86.80 -12.54 10.18
C PRO A 235 87.30 -11.79 8.95
N ASP A 236 86.85 -10.54 8.76
CA ASP A 236 87.21 -9.80 7.55
C ASP A 236 87.00 -8.28 7.59
N ASN A 237 86.85 -7.71 8.79
CA ASN A 237 86.69 -6.25 8.93
C ASN A 237 85.32 -5.71 8.46
N SER A 238 84.42 -6.60 8.03
CA SER A 238 83.08 -6.17 7.69
C SER A 238 82.28 -5.88 8.96
N ALA A 239 81.29 -5.01 8.86
CA ALA A 239 80.37 -4.77 9.97
C ALA A 239 79.65 -6.08 10.31
N PRO A 240 79.48 -6.37 11.61
CA PRO A 240 78.62 -7.51 11.93
C PRO A 240 77.18 -7.28 11.49
N TYR A 241 76.41 -8.35 11.33
CA TYR A 241 75.01 -8.25 10.99
C TYR A 241 74.22 -7.86 12.23
N GLY A 242 73.17 -7.06 12.03
CA GLY A 242 72.18 -6.86 13.06
C GLY A 242 71.34 -8.11 13.22
N ALA A 243 70.82 -8.31 14.43
CA ALA A 243 69.88 -9.39 14.70
C ALA A 243 68.47 -8.82 14.85
N ARG A 244 67.52 -9.57 14.28
CA ARG A 244 66.09 -9.33 14.49
C ARG A 244 65.41 -10.68 14.58
N TYR A 245 64.56 -10.86 15.59
CA TYR A 245 63.73 -12.04 15.68
C TYR A 245 62.40 -11.70 16.34
N VAL A 246 61.37 -11.56 15.52
CA VAL A 246 60.03 -11.24 16.01
C VAL A 246 59.44 -12.45 16.72
N GLY A 247 59.74 -13.63 16.17
CA GLY A 247 59.14 -14.89 16.62
C GLY A 247 57.82 -15.16 15.91
N SER A 248 57.57 -14.40 14.84
CA SER A 248 56.42 -14.56 13.97
C SER A 248 56.93 -14.76 12.55
N MET A 249 56.69 -15.93 11.96
CA MET A 249 57.31 -16.22 10.68
C MET A 249 56.97 -15.21 9.58
N VAL A 250 55.70 -14.83 9.48
CA VAL A 250 55.32 -13.88 8.44
C VAL A 250 56.06 -12.55 8.62
N ALA A 251 56.10 -12.04 9.84
CA ALA A 251 56.85 -10.83 10.13
C ALA A 251 58.34 -10.96 9.79
N ASP A 252 59.01 -11.97 10.36
CA ASP A 252 60.45 -12.20 10.11
C ASP A 252 60.79 -12.41 8.62
N VAL A 253 59.99 -13.19 7.90
CA VAL A 253 60.23 -13.45 6.48
C VAL A 253 59.94 -12.17 5.67
N HIS A 254 58.91 -11.41 6.05
CA HIS A 254 58.62 -10.15 5.35
C HIS A 254 59.73 -9.10 5.48
N ARG A 255 60.28 -8.94 6.67
CA ARG A 255 61.47 -8.08 6.82
C ARG A 255 62.61 -8.61 5.96
N THR A 256 62.82 -9.92 6.00
CA THR A 256 63.84 -10.55 5.17
C THR A 256 63.65 -10.21 3.69
N LEU A 257 62.41 -10.28 3.21
CA LEU A 257 62.11 -9.89 1.81
C LEU A 257 62.43 -8.42 1.53
N VAL A 258 61.98 -7.53 2.40
CA VAL A 258 62.06 -6.06 2.17
C VAL A 258 63.48 -5.51 2.30
N TYR A 259 64.20 -5.99 3.32
CA TYR A 259 65.53 -5.51 3.67
C TYR A 259 66.68 -6.44 3.29
N GLY A 260 66.38 -7.70 2.99
CA GLY A 260 67.44 -8.67 2.67
C GLY A 260 67.97 -9.34 3.93
N GLY A 261 68.85 -10.32 3.74
CA GLY A 261 69.41 -11.04 4.85
C GLY A 261 68.84 -12.43 4.92
N ILE A 262 68.83 -13.01 6.12
CA ILE A 262 68.57 -14.43 6.29
C ILE A 262 67.67 -14.76 7.50
N PHE A 263 66.87 -15.80 7.34
CA PHE A 263 65.96 -16.27 8.36
C PHE A 263 66.19 -17.77 8.45
N LEU A 264 66.35 -18.25 9.68
CA LEU A 264 66.72 -19.63 9.94
C LEU A 264 65.78 -20.27 10.97
N TYR A 265 65.20 -21.42 10.62
CA TYR A 265 64.55 -22.32 11.59
C TYR A 265 65.04 -23.74 11.31
N PRO A 266 66.33 -23.99 11.60
CA PRO A 266 66.99 -25.17 11.08
C PRO A 266 66.75 -26.41 11.93
N ALA A 267 67.20 -27.54 11.42
CA ALA A 267 67.14 -28.81 12.15
C ALA A 267 68.24 -28.88 13.20
N ASN A 268 68.09 -29.83 14.13
CA ASN A 268 69.16 -30.17 15.08
C ASN A 268 69.00 -31.63 15.53
N LYS A 269 69.62 -32.00 16.66
CA LYS A 269 69.53 -33.38 17.18
C LYS A 269 68.16 -33.61 17.82
N LYS A 270 67.73 -32.64 18.63
CA LYS A 270 66.39 -32.63 19.23
C LYS A 270 65.26 -32.45 18.19
N SER A 271 65.57 -31.92 17.01
CA SER A 271 64.58 -31.75 15.94
C SER A 271 65.18 -31.98 14.55
N PRO A 272 65.37 -33.24 14.14
CA PRO A 272 66.08 -33.47 12.87
C PRO A 272 65.31 -32.99 11.61
N ASN A 273 64.02 -32.70 11.74
CA ASN A 273 63.23 -32.19 10.61
C ASN A 273 62.76 -30.75 10.79
N GLY A 274 63.43 -29.99 11.65
CA GLY A 274 63.02 -28.62 11.92
C GLY A 274 61.80 -28.56 12.79
N LYS A 275 61.19 -27.38 12.86
CA LYS A 275 59.97 -27.18 13.65
C LYS A 275 58.79 -26.77 12.76
N LEU A 276 59.07 -25.93 11.76
CA LEU A 276 58.03 -25.38 10.90
C LEU A 276 57.42 -26.41 9.95
N ARG A 277 56.16 -26.17 9.59
CA ARG A 277 55.41 -27.05 8.69
C ARG A 277 55.68 -26.80 7.22
N LEU A 278 55.91 -27.88 6.48
CA LEU A 278 56.29 -27.79 5.09
C LEU A 278 55.20 -27.22 4.20
N LEU A 279 54.00 -27.79 4.28
CA LEU A 279 52.95 -27.52 3.30
C LEU A 279 52.46 -26.09 3.35
N TYR A 280 52.28 -25.58 4.56
CA TYR A 280 51.62 -24.29 4.74
C TYR A 280 52.45 -23.23 5.47
N GLU A 281 53.69 -23.55 5.81
CA GLU A 281 54.60 -22.50 6.30
C GLU A 281 55.83 -22.34 5.41
N CYS A 282 56.58 -23.43 5.24
CA CYS A 282 57.86 -23.37 4.54
C CYS A 282 57.68 -23.17 3.03
N ASN A 283 56.85 -24.03 2.41
CA ASN A 283 56.69 -24.01 0.96
C ASN A 283 56.20 -22.65 0.45
N PRO A 284 55.15 -22.08 1.07
CA PRO A 284 54.74 -20.76 0.58
C PRO A 284 55.81 -19.68 0.69
N MET A 285 56.51 -19.65 1.82
CA MET A 285 57.61 -18.70 2.03
C MET A 285 58.77 -18.96 1.08
N ALA A 286 59.13 -20.23 0.92
CA ALA A 286 60.14 -20.63 -0.06
C ALA A 286 59.78 -20.18 -1.48
N TYR A 287 58.50 -20.26 -1.83
CA TYR A 287 58.00 -19.90 -3.17
C TYR A 287 58.10 -18.40 -3.39
N VAL A 288 57.56 -17.63 -2.45
CA VAL A 288 57.73 -16.18 -2.46
C VAL A 288 59.21 -15.80 -2.63
N MET A 289 60.06 -16.40 -1.80
CA MET A 289 61.50 -16.15 -1.83
C MET A 289 62.10 -16.42 -3.20
N GLU A 290 61.80 -17.58 -3.77
CA GLU A 290 62.38 -17.94 -5.07
C GLU A 290 61.86 -17.05 -6.19
N LYS A 291 60.56 -16.73 -6.15
CA LYS A 291 60.02 -15.75 -7.11
C LYS A 291 60.68 -14.38 -6.96
N ALA A 292 61.15 -14.08 -5.74
CA ALA A 292 61.81 -12.81 -5.45
C ALA A 292 63.32 -12.83 -5.70
N GLY A 293 63.81 -13.92 -6.28
CA GLY A 293 65.25 -14.13 -6.48
C GLY A 293 65.97 -14.52 -5.20
N GLY A 294 65.25 -15.08 -4.24
CA GLY A 294 65.85 -15.53 -3.00
C GLY A 294 66.00 -17.03 -3.05
N MET A 295 66.44 -17.60 -1.94
CA MET A 295 66.61 -19.04 -1.84
C MET A 295 65.95 -19.54 -0.57
N ALA A 296 65.67 -20.83 -0.52
CA ALA A 296 65.11 -21.46 0.67
C ALA A 296 65.58 -22.88 0.63
N THR A 297 66.25 -23.28 1.70
CA THR A 297 66.89 -24.58 1.77
C THR A 297 66.54 -25.27 3.09
N THR A 298 66.70 -26.58 3.13
CA THR A 298 66.53 -27.36 4.35
C THR A 298 67.89 -27.60 4.96
N GLY A 299 68.92 -27.16 4.25
CA GLY A 299 70.30 -27.54 4.51
C GLY A 299 70.74 -28.61 3.54
N LYS A 300 69.83 -29.51 3.21
CA LYS A 300 70.12 -30.64 2.34
C LYS A 300 69.57 -30.50 0.92
N GLU A 301 68.51 -29.72 0.77
CA GLU A 301 67.88 -29.49 -0.54
C GLU A 301 66.97 -28.28 -0.48
N ALA A 302 66.60 -27.78 -1.66
CA ALA A 302 65.61 -26.73 -1.76
C ALA A 302 64.31 -27.19 -1.11
N VAL A 303 63.74 -26.35 -0.27
CA VAL A 303 62.44 -26.60 0.34
C VAL A 303 61.37 -26.93 -0.71
N LEU A 304 61.40 -26.21 -1.84
CA LEU A 304 60.46 -26.47 -2.92
C LEU A 304 60.62 -27.86 -3.56
N ASP A 305 61.79 -28.49 -3.40
CA ASP A 305 62.02 -29.84 -3.96
C ASP A 305 61.59 -31.00 -3.05
N VAL A 306 61.24 -30.70 -1.80
CA VAL A 306 60.85 -31.74 -0.84
C VAL A 306 59.53 -32.40 -1.24
N ILE A 307 59.49 -33.74 -1.27
CA ILE A 307 58.22 -34.41 -1.49
C ILE A 307 57.56 -34.81 -0.16
N PRO A 308 56.41 -34.19 0.15
CA PRO A 308 55.78 -34.50 1.43
C PRO A 308 55.17 -35.91 1.42
N THR A 309 55.26 -36.57 2.58
CA THR A 309 54.57 -37.84 2.81
C THR A 309 53.48 -37.68 3.89
N ASP A 310 53.55 -36.57 4.62
CA ASP A 310 52.53 -36.20 5.61
C ASP A 310 52.15 -34.73 5.41
N ILE A 311 50.85 -34.42 5.48
CA ILE A 311 50.40 -33.02 5.29
C ILE A 311 50.90 -32.08 6.37
N HIS A 312 51.20 -32.63 7.55
CA HIS A 312 51.70 -31.85 8.70
C HIS A 312 53.19 -32.03 8.96
N GLN A 313 53.87 -32.57 7.95
CA GLN A 313 55.32 -32.79 7.94
C GLN A 313 56.13 -31.51 8.20
N ARG A 314 57.08 -31.59 9.13
CA ARG A 314 57.98 -30.49 9.43
C ARG A 314 59.12 -30.43 8.43
N ALA A 315 59.70 -29.26 8.22
CA ALA A 315 60.95 -29.14 7.49
C ALA A 315 61.84 -28.10 8.16
N PRO A 316 63.17 -28.24 7.99
CA PRO A 316 64.04 -27.13 8.32
C PRO A 316 63.89 -26.06 7.24
N VAL A 317 64.12 -24.80 7.58
CA VAL A 317 64.05 -23.72 6.59
C VAL A 317 65.06 -22.65 6.87
N ILE A 318 65.93 -22.41 5.90
CA ILE A 318 66.88 -21.31 5.91
C ILE A 318 66.56 -20.58 4.61
N LEU A 319 66.09 -19.34 4.74
CA LEU A 319 65.70 -18.58 3.55
C LEU A 319 66.20 -17.15 3.60
N GLY A 320 66.21 -16.51 2.44
CA GLY A 320 66.64 -15.14 2.38
C GLY A 320 67.43 -14.85 1.14
N SER A 321 68.19 -13.76 1.20
CA SER A 321 69.04 -13.33 0.10
C SER A 321 69.97 -14.48 -0.32
N PRO A 322 70.19 -14.66 -1.64
CA PRO A 322 70.90 -15.84 -2.15
C PRO A 322 72.35 -15.94 -1.62
N ASP A 323 73.10 -14.85 -1.63
CA ASP A 323 74.48 -14.87 -1.11
C ASP A 323 74.52 -15.28 0.35
N ASP A 324 73.50 -14.88 1.12
CA ASP A 324 73.43 -15.24 2.53
C ASP A 324 73.09 -16.71 2.70
N VAL A 325 72.10 -17.18 1.96
CA VAL A 325 71.74 -18.59 2.04
C VAL A 325 72.90 -19.49 1.55
N LEU A 326 73.56 -19.08 0.46
CA LEU A 326 74.70 -19.84 -0.08
C LEU A 326 75.84 -19.90 0.93
N GLU A 327 76.07 -18.80 1.65
CA GLU A 327 77.06 -18.79 2.71
C GLU A 327 76.74 -19.74 3.86
N PHE A 328 75.46 -19.84 4.23
CA PHE A 328 75.05 -20.77 5.28
C PHE A 328 75.26 -22.22 4.85
N LEU A 329 74.96 -22.48 3.57
CA LEU A 329 75.18 -23.80 2.98
C LEU A 329 76.65 -24.19 2.96
N LYS A 330 77.55 -23.22 2.74
CA LYS A 330 79.00 -23.47 2.85
C LYS A 330 79.36 -24.05 4.23
N VAL A 331 78.86 -23.39 5.27
CA VAL A 331 79.15 -23.82 6.63
C VAL A 331 78.41 -25.12 6.96
N TYR A 332 77.17 -25.24 6.49
CA TYR A 332 76.36 -26.44 6.73
C TYR A 332 77.04 -27.69 6.17
N GLU A 333 77.50 -27.61 4.92
CA GLU A 333 78.29 -28.68 4.30
C GLU A 333 79.52 -29.04 5.13
N LYS A 334 80.25 -28.01 5.57
CA LYS A 334 81.47 -28.16 6.38
C LYS A 334 81.26 -29.10 7.59
N HIS A 335 80.01 -29.19 8.03
CA HIS A 335 79.62 -30.06 9.14
C HIS A 335 78.86 -31.28 8.64
N SER A 336 78.95 -31.52 7.33
CA SER A 336 78.32 -32.65 6.63
C SER A 336 76.80 -32.71 6.83
N ALA A 337 76.28 -33.26 7.82
N ASP B 10 31.89 -2.40 35.48
CA ASP B 10 31.41 -1.92 34.14
C ASP B 10 32.56 -1.71 33.19
N VAL B 11 32.23 -1.60 31.90
CA VAL B 11 33.17 -1.16 30.87
C VAL B 11 33.78 0.20 31.25
N ASN B 12 35.03 0.41 30.88
CA ASN B 12 35.57 1.74 30.96
C ASN B 12 36.33 2.18 29.72
N THR B 13 36.39 3.49 29.48
CA THR B 13 37.24 4.01 28.42
C THR B 13 38.41 4.72 29.08
N LEU B 14 39.40 5.06 28.27
CA LEU B 14 40.56 5.86 28.71
C LEU B 14 40.17 7.25 29.20
N THR B 15 39.39 7.97 28.40
CA THR B 15 38.99 9.32 28.74
C THR B 15 38.21 9.36 30.03
N ARG B 16 37.25 8.44 30.18
CA ARG B 16 36.47 8.33 31.39
C ARG B 16 37.29 7.84 32.59
N PHE B 17 38.14 6.84 32.36
CA PHE B 17 39.03 6.37 33.43
C PHE B 17 39.82 7.56 34.01
N VAL B 18 40.39 8.37 33.12
CA VAL B 18 41.20 9.52 33.49
C VAL B 18 40.42 10.61 34.23
N MET B 19 39.21 10.91 33.74
CA MET B 19 38.25 11.79 34.40
C MET B 19 37.92 11.31 35.81
N GLU B 20 37.54 10.05 35.96
CA GLU B 20 37.23 9.56 37.30
C GLU B 20 38.44 9.60 38.25
N GLU B 21 39.64 9.39 37.73
CA GLU B 21 40.84 9.47 38.57
C GLU B 21 41.18 10.91 38.94
N GLY B 22 41.02 11.82 37.98
CA GLY B 22 41.20 13.26 38.18
C GLY B 22 40.18 13.90 39.11
N ARG B 23 38.90 13.55 38.95
CA ARG B 23 37.86 13.93 39.91
C ARG B 23 38.27 13.47 41.31
N LYS B 24 38.60 12.19 41.46
CA LYS B 24 39.10 11.70 42.74
C LYS B 24 40.20 12.62 43.31
N ALA B 25 41.25 12.87 42.51
CA ALA B 25 42.39 13.69 42.95
C ALA B 25 42.09 15.19 43.12
N ARG B 26 40.92 15.61 42.61
CA ARG B 26 40.45 17.00 42.71
C ARG B 26 41.38 18.03 42.07
N GLY B 27 42.05 17.65 40.98
CA GLY B 27 42.89 18.56 40.23
C GLY B 27 42.05 19.42 39.30
N THR B 28 42.71 20.33 38.60
CA THR B 28 42.02 21.36 37.80
C THR B 28 41.48 20.89 36.44
N GLY B 29 41.90 19.73 35.97
CA GLY B 29 41.47 19.21 34.67
C GLY B 29 42.54 19.25 33.58
N GLU B 30 43.65 19.92 33.86
CA GLU B 30 44.69 20.13 32.86
C GLU B 30 45.32 18.84 32.36
N LEU B 31 45.64 17.94 33.28
CA LEU B 31 46.23 16.68 32.90
C LEU B 31 45.27 15.84 32.04
N THR B 32 44.01 15.81 32.45
CA THR B 32 42.93 15.18 31.71
C THR B 32 42.77 15.80 30.32
N GLN B 33 42.87 17.12 30.23
CA GLN B 33 42.85 17.77 28.92
C GLN B 33 44.06 17.39 28.05
N LEU B 34 45.23 17.33 28.66
CA LEU B 34 46.43 16.89 27.96
C LEU B 34 46.27 15.44 27.49
N LEU B 35 45.76 14.58 28.36
CA LEU B 35 45.67 13.17 28.05
C LEU B 35 44.65 12.91 26.94
N ASN B 36 43.50 13.58 27.01
CA ASN B 36 42.49 13.47 25.98
C ASN B 36 43.03 13.95 24.62
N SER B 37 43.77 15.05 24.64
CA SER B 37 44.38 15.60 23.45
C SER B 37 45.40 14.63 22.85
N LEU B 38 46.27 14.10 23.71
CA LEU B 38 47.24 13.10 23.28
C LEU B 38 46.58 11.87 22.64
N CYS B 39 45.54 11.35 23.28
CA CYS B 39 44.80 10.20 22.78
C CYS B 39 44.12 10.45 21.40
N THR B 40 43.66 11.67 21.15
CA THR B 40 43.16 12.04 19.82
C THR B 40 44.26 11.95 18.76
N ALA B 41 45.46 12.45 19.12
CA ALA B 41 46.61 12.35 18.24
C ALA B 41 46.96 10.89 17.97
N VAL B 42 46.96 10.07 19.03
CA VAL B 42 47.27 8.64 18.92
C VAL B 42 46.31 7.90 17.98
N LYS B 43 45.03 8.26 18.00
CA LYS B 43 44.09 7.59 17.11
C LYS B 43 44.29 8.01 15.66
N ALA B 44 44.67 9.28 15.45
CA ALA B 44 44.97 9.80 14.12
C ALA B 44 46.26 9.19 13.60
N ILE B 45 47.26 9.06 14.47
CA ILE B 45 48.47 8.30 14.13
C ILE B 45 48.18 6.83 13.78
N SER B 46 47.37 6.17 14.62
CA SER B 46 47.01 4.76 14.36
C SER B 46 46.39 4.56 12.97
N SER B 47 45.44 5.44 12.62
CA SER B 47 44.77 5.43 11.34
C SER B 47 45.73 5.59 10.16
N ALA B 48 46.62 6.59 10.24
CA ALA B 48 47.66 6.82 9.23
C ALA B 48 48.64 5.64 9.12
N VAL B 49 49.02 5.11 10.28
CA VAL B 49 49.95 4.00 10.33
C VAL B 49 49.34 2.75 9.68
N ARG B 50 48.05 2.52 9.90
CA ARG B 50 47.34 1.42 9.25
C ARG B 50 47.00 1.68 7.77
N LYS B 51 47.47 2.81 7.24
CA LYS B 51 47.39 3.17 5.82
C LYS B 51 45.99 3.54 5.34
N ALA B 52 45.14 4.05 6.23
CA ALA B 52 43.86 4.63 5.82
C ALA B 52 44.08 5.72 4.81
N GLY B 53 43.45 5.60 3.64
CA GLY B 53 43.59 6.60 2.61
C GLY B 53 44.77 6.39 1.71
N ILE B 54 45.49 5.27 1.87
CA ILE B 54 46.67 5.02 1.03
C ILE B 54 46.30 4.93 -0.46
N ALA B 55 45.12 4.41 -0.74
CA ALA B 55 44.58 4.32 -2.09
C ALA B 55 44.63 5.67 -2.83
N HIS B 56 44.28 6.74 -2.10
CA HIS B 56 44.29 8.11 -2.64
C HIS B 56 45.69 8.58 -2.96
N LEU B 57 46.66 8.05 -2.22
CA LEU B 57 48.05 8.33 -2.50
C LEU B 57 48.58 7.54 -3.71
N TYR B 58 47.86 6.49 -4.11
CA TYR B 58 48.29 5.65 -5.24
C TYR B 58 47.44 5.81 -6.50
N GLY B 59 46.63 6.85 -6.51
CA GLY B 59 46.00 7.30 -7.74
C GLY B 59 44.55 6.96 -7.94
N ILE B 60 43.89 6.47 -6.88
CA ILE B 60 42.47 6.09 -6.94
C ILE B 60 41.54 7.17 -7.51
N ALA B 61 41.86 8.45 -7.27
CA ALA B 61 41.07 9.57 -7.79
C ALA B 61 41.76 10.36 -8.92
N GLY B 62 42.84 9.80 -9.48
CA GLY B 62 43.58 10.44 -10.58
C GLY B 62 44.93 11.01 -10.22
N LYS B 73 57.32 10.69 5.72
CA LYS B 73 56.24 11.62 6.02
C LYS B 73 55.42 11.19 7.24
N LEU B 74 55.33 9.88 7.47
CA LEU B 74 54.50 9.35 8.54
C LEU B 74 55.02 9.82 9.90
N ASP B 75 56.33 9.88 10.09
CA ASP B 75 56.87 10.39 11.35
C ASP B 75 56.70 11.91 11.52
N VAL B 76 56.75 12.63 10.41
CA VAL B 76 56.46 14.07 10.40
C VAL B 76 54.97 14.26 10.68
N LEU B 77 54.10 13.58 9.94
CA LEU B 77 52.67 13.63 10.22
C LEU B 77 52.37 13.36 11.71
N SER B 78 52.92 12.25 12.25
CA SER B 78 52.72 11.86 13.63
C SER B 78 53.23 12.96 14.57
N ASN B 79 54.40 13.52 14.28
CA ASN B 79 54.92 14.61 15.07
C ASN B 79 53.98 15.80 15.02
N ASP B 80 53.58 16.19 13.80
CA ASP B 80 52.60 17.28 13.62
C ASP B 80 51.32 17.01 14.39
N LEU B 81 50.83 15.79 14.35
CA LEU B 81 49.62 15.45 15.09
C LEU B 81 49.77 15.71 16.59
N VAL B 82 50.87 15.24 17.17
CA VAL B 82 51.08 15.31 18.63
C VAL B 82 51.38 16.74 19.03
N MET B 83 52.24 17.40 18.26
CA MET B 83 52.52 18.82 18.51
C MET B 83 51.23 19.62 18.46
N ASN B 84 50.45 19.46 17.39
CA ASN B 84 49.27 20.29 17.28
C ASN B 84 48.21 19.97 18.32
N MET B 85 47.96 18.70 18.58
CA MET B 85 47.00 18.34 19.63
C MET B 85 47.42 18.82 21.00
N LEU B 86 48.72 18.81 21.28
CA LEU B 86 49.24 19.22 22.59
C LEU B 86 49.29 20.73 22.78
N LYS B 87 49.79 21.46 21.77
CA LYS B 87 49.76 22.93 21.80
C LYS B 87 48.35 23.42 22.09
N SER B 88 47.37 22.85 21.37
CA SER B 88 45.97 23.27 21.44
C SER B 88 45.19 22.71 22.63
N SER B 89 45.85 21.89 23.46
CA SER B 89 45.23 21.33 24.65
C SER B 89 45.14 22.37 25.75
N PHE B 90 45.92 23.45 25.58
CA PHE B 90 46.14 24.49 26.58
C PHE B 90 46.79 23.98 27.89
N ALA B 91 47.26 22.74 27.88
CA ALA B 91 47.83 22.13 29.10
C ALA B 91 49.36 22.05 29.12
N THR B 92 50.02 22.57 28.10
CA THR B 92 51.47 22.37 27.96
C THR B 92 52.24 23.67 27.77
N CYS B 93 53.52 23.67 28.12
CA CYS B 93 54.36 24.85 27.90
C CYS B 93 55.61 24.53 27.07
N VAL B 94 56.19 23.35 27.31
CA VAL B 94 57.44 22.93 26.67
C VAL B 94 57.26 21.53 26.05
N LEU B 95 57.61 21.40 24.77
CA LEU B 95 57.46 20.10 24.10
C LEU B 95 58.77 19.61 23.49
N VAL B 96 59.15 18.40 23.87
CA VAL B 96 60.36 17.78 23.37
C VAL B 96 59.99 16.54 22.53
N SER B 97 60.47 16.53 21.29
CA SER B 97 60.19 15.46 20.37
C SER B 97 61.48 14.89 19.78
N GLU B 98 61.52 13.58 19.60
CA GLU B 98 62.55 12.94 18.80
C GLU B 98 62.72 13.67 17.46
N GLU B 99 61.61 14.15 16.89
CA GLU B 99 61.65 14.76 15.58
C GLU B 99 62.28 16.14 15.54
N ASP B 100 62.26 16.84 16.67
CA ASP B 100 62.70 18.25 16.71
C ASP B 100 64.03 18.43 17.43
N LYS B 101 64.91 19.20 16.79
CA LYS B 101 66.26 19.44 17.29
C LYS B 101 66.21 20.12 18.65
N HIS B 102 65.45 21.20 18.74
CA HIS B 102 65.28 21.92 19.99
C HIS B 102 63.89 21.69 20.60
N ALA B 103 63.77 22.02 21.89
CA ALA B 103 62.49 21.98 22.57
C ALA B 103 61.55 23.01 21.96
N ILE B 104 60.26 22.66 21.95
CA ILE B 104 59.22 23.55 21.47
C ILE B 104 58.63 24.29 22.65
N ILE B 105 58.64 25.62 22.57
CA ILE B 105 58.09 26.44 23.61
C ILE B 105 56.73 26.93 23.13
N VAL B 106 55.69 26.50 23.82
CA VAL B 106 54.33 26.82 23.44
C VAL B 106 54.06 28.33 23.54
N GLU B 107 53.32 28.86 22.58
CA GLU B 107 52.95 30.28 22.55
C GLU B 107 52.27 30.68 23.88
N PRO B 108 52.53 31.91 24.38
CA PRO B 108 52.01 32.39 25.67
C PRO B 108 50.53 32.09 25.91
N GLU B 109 49.71 32.34 24.89
CA GLU B 109 48.27 32.12 24.97
C GLU B 109 47.87 30.66 25.21
N LYS B 110 48.69 29.72 24.73
CA LYS B 110 48.36 28.30 24.87
C LYS B 110 49.14 27.57 25.98
N ARG B 111 49.95 28.30 26.74
CA ARG B 111 50.76 27.70 27.78
C ARG B 111 49.93 27.13 28.93
N GLY B 112 50.26 25.91 29.31
CA GLY B 112 49.70 25.24 30.49
C GLY B 112 50.84 24.76 31.37
N LYS B 113 50.56 23.91 32.33
CA LYS B 113 51.53 23.63 33.38
C LYS B 113 52.41 22.41 33.14
N TYR B 114 52.18 21.71 32.02
CA TYR B 114 52.89 20.47 31.75
C TYR B 114 53.99 20.56 30.70
N VAL B 115 54.98 19.73 30.87
CA VAL B 115 56.07 19.56 29.91
C VAL B 115 55.90 18.16 29.33
N VAL B 116 55.90 18.04 28.00
CA VAL B 116 55.82 16.69 27.37
C VAL B 116 57.04 16.34 26.51
N CYS B 117 57.60 15.17 26.77
CA CYS B 117 58.69 14.59 25.98
C CYS B 117 58.14 13.38 25.28
N PHE B 118 58.30 13.33 23.96
CA PHE B 118 57.70 12.24 23.20
C PHE B 118 58.50 11.81 22.00
N ASP B 119 58.29 10.55 21.61
CA ASP B 119 58.71 10.05 20.33
C ASP B 119 57.42 9.72 19.59
N PRO B 120 57.06 10.54 18.58
CA PRO B 120 55.76 10.40 17.91
C PRO B 120 55.60 9.10 17.14
N LEU B 121 56.66 8.62 16.50
CA LEU B 121 56.62 7.34 15.81
C LEU B 121 57.91 6.55 16.03
N ASP B 122 57.99 5.86 17.17
CA ASP B 122 59.16 5.07 17.53
C ASP B 122 59.27 3.83 16.68
N GLY B 123 60.47 3.59 16.15
CA GLY B 123 60.75 2.41 15.35
C GLY B 123 60.40 2.60 13.89
N SER B 124 60.10 3.85 13.52
CA SER B 124 59.60 4.18 12.20
C SER B 124 60.65 4.02 11.12
N SER B 125 61.93 4.20 11.48
CA SER B 125 63.02 4.09 10.52
C SER B 125 63.04 2.71 9.80
N ASN B 126 62.27 1.76 10.36
CA ASN B 126 62.06 0.42 9.78
C ASN B 126 60.58 0.11 9.51
N ILE B 127 59.76 1.16 9.32
CA ILE B 127 58.33 0.99 9.09
C ILE B 127 58.04 0.30 7.75
N ASP B 128 59.05 0.29 6.88
CA ASP B 128 58.95 -0.24 5.53
C ASP B 128 58.73 -1.75 5.49
N CYS B 129 59.13 -2.44 6.55
CA CYS B 129 58.85 -3.87 6.68
C CYS B 129 57.61 -4.11 7.55
N LEU B 130 56.84 -3.04 7.78
CA LEU B 130 55.61 -3.06 8.58
C LEU B 130 55.79 -3.61 10.00
N VAL B 131 56.99 -3.40 10.53
CA VAL B 131 57.25 -3.66 11.93
C VAL B 131 56.29 -2.82 12.78
N SER B 132 55.84 -3.39 13.89
CA SER B 132 55.17 -2.64 14.94
C SER B 132 55.91 -1.35 15.20
N VAL B 133 55.15 -0.26 15.34
CA VAL B 133 55.72 1.02 15.74
C VAL B 133 54.91 1.54 16.92
N GLY B 134 55.27 2.70 17.43
CA GLY B 134 54.56 3.27 18.56
C GLY B 134 54.87 4.70 18.85
N THR B 135 54.08 5.27 19.74
CA THR B 135 54.28 6.60 20.26
C THR B 135 54.59 6.44 21.75
N ILE B 136 55.70 7.01 22.19
CA ILE B 136 56.12 6.95 23.59
C ILE B 136 56.07 8.36 24.15
N PHE B 137 55.60 8.53 25.38
CA PHE B 137 55.45 9.88 25.94
C PHE B 137 55.73 9.93 27.43
N GLY B 138 56.33 11.04 27.88
CA GLY B 138 56.55 11.32 29.29
C GLY B 138 56.00 12.69 29.64
N ILE B 139 55.19 12.75 30.68
CA ILE B 139 54.57 14.01 31.13
C ILE B 139 55.12 14.46 32.49
N TYR B 140 55.66 15.67 32.50
CA TYR B 140 56.18 16.32 33.71
C TYR B 140 55.34 17.55 33.99
N ARG B 141 55.26 17.92 35.27
CA ARG B 141 54.82 19.26 35.60
C ARG B 141 56.07 20.14 35.46
N LYS B 142 55.91 21.33 34.86
CA LYS B 142 56.98 22.31 34.86
C LYS B 142 57.34 22.59 36.31
N LYS B 143 58.61 22.40 36.64
CA LYS B 143 59.08 22.46 38.01
C LYS B 143 59.53 23.90 38.39
N SER B 144 60.34 24.53 37.54
CA SER B 144 60.84 25.87 37.82
C SER B 144 59.81 26.93 37.47
N THR B 145 59.92 28.08 38.14
CA THR B 145 58.99 29.19 37.92
C THR B 145 59.53 30.15 36.86
N ASP B 146 60.73 29.86 36.35
CA ASP B 146 61.35 30.64 35.29
C ASP B 146 60.51 30.59 34.02
N GLU B 147 60.74 31.49 33.08
CA GLU B 147 60.03 31.45 31.82
C GLU B 147 60.34 30.10 31.13
N PRO B 148 59.34 29.48 30.45
CA PRO B 148 59.54 28.14 29.91
C PRO B 148 60.71 28.04 28.96
N SER B 149 61.43 26.94 29.05
CA SER B 149 62.61 26.71 28.22
C SER B 149 62.91 25.21 28.11
N GLU B 150 63.85 24.87 27.23
CA GLU B 150 64.37 23.51 27.11
C GLU B 150 64.69 22.91 28.48
N LYS B 151 65.19 23.74 29.39
CA LYS B 151 65.60 23.33 30.73
C LYS B 151 64.50 22.66 31.56
N ASP B 152 63.24 22.96 31.24
CA ASP B 152 62.11 22.40 31.98
C ASP B 152 61.87 20.91 31.72
N ALA B 153 62.43 20.40 30.61
CA ALA B 153 62.34 18.98 30.25
C ALA B 153 63.48 18.19 30.88
N LEU B 154 64.45 18.90 31.46
CA LEU B 154 65.63 18.26 32.05
C LEU B 154 65.39 17.83 33.50
N GLN B 155 64.38 16.99 33.69
CA GLN B 155 64.06 16.48 35.00
C GLN B 155 64.31 14.99 35.00
N PRO B 156 64.72 14.44 36.15
CA PRO B 156 64.87 12.99 36.24
C PRO B 156 63.51 12.32 36.08
N GLY B 157 63.52 11.06 35.61
CA GLY B 157 62.31 10.30 35.33
C GLY B 157 61.45 10.17 36.57
N ARG B 158 62.11 10.16 37.72
CA ARG B 158 61.42 10.15 39.02
C ARG B 158 60.35 11.22 39.11
N ASN B 159 60.53 12.33 38.38
CA ASN B 159 59.58 13.45 38.46
C ASN B 159 58.37 13.32 37.56
N LEU B 160 58.24 12.18 36.88
CA LEU B 160 57.15 11.95 35.92
C LEU B 160 55.82 11.87 36.63
N VAL B 161 54.84 12.52 36.00
CA VAL B 161 53.48 12.59 36.54
C VAL B 161 52.65 11.52 35.83
N ALA B 162 52.89 11.36 34.53
CA ALA B 162 52.30 10.28 33.75
C ALA B 162 53.24 9.94 32.60
N ALA B 163 53.21 8.68 32.18
CA ALA B 163 54.01 8.21 31.06
C ALA B 163 53.35 6.98 30.45
N GLY B 164 53.80 6.60 29.26
CA GLY B 164 53.26 5.42 28.63
C GLY B 164 53.52 5.43 27.16
N TYR B 165 52.70 4.70 26.42
CA TYR B 165 52.94 4.52 25.01
C TYR B 165 51.72 3.98 24.32
N ALA B 166 51.58 4.34 23.05
CA ALA B 166 50.68 3.65 22.13
C ALA B 166 51.51 2.69 21.29
N LEU B 167 51.09 1.43 21.27
CA LEU B 167 51.69 0.43 20.40
C LEU B 167 50.77 0.24 19.20
N TYR B 168 51.30 0.50 18.00
CA TYR B 168 50.58 0.15 16.77
C TYR B 168 51.06 -1.22 16.25
N GLY B 169 50.59 -2.28 16.90
CA GLY B 169 51.01 -3.65 16.59
C GLY B 169 49.94 -4.39 15.79
N SER B 170 49.70 -5.66 16.11
CA SER B 170 48.64 -6.39 15.42
C SER B 170 47.32 -5.66 15.70
N ALA B 171 47.23 -5.09 16.91
CA ALA B 171 46.21 -4.13 17.33
C ALA B 171 46.92 -2.91 17.95
N THR B 172 46.15 -1.85 18.18
CA THR B 172 46.67 -0.65 18.83
C THR B 172 46.29 -0.61 20.31
N MET B 173 47.28 -0.45 21.16
CA MET B 173 47.01 -0.36 22.57
C MET B 173 47.72 0.82 23.17
N LEU B 174 47.04 1.52 24.07
CA LEU B 174 47.63 2.57 24.85
C LEU B 174 47.83 2.05 26.27
N VAL B 175 49.08 2.09 26.72
CA VAL B 175 49.46 1.77 28.08
C VAL B 175 49.75 3.09 28.84
N LEU B 176 49.02 3.32 29.92
CA LEU B 176 49.17 4.53 30.70
C LEU B 176 49.61 4.23 32.16
N ALA B 177 50.73 4.82 32.58
CA ALA B 177 51.23 4.66 33.93
C ALA B 177 51.11 5.95 34.69
N MET B 178 50.52 5.88 35.87
CA MET B 178 50.40 7.01 36.79
C MET B 178 50.57 6.48 38.20
N ASP B 179 50.50 7.36 39.19
CA ASP B 179 50.61 6.92 40.59
C ASP B 179 49.66 5.78 40.95
N CYS B 180 48.48 5.79 40.36
CA CYS B 180 47.48 4.75 40.65
C CYS B 180 47.84 3.36 40.09
N GLY B 181 48.86 3.30 39.23
CA GLY B 181 49.29 2.05 38.60
C GLY B 181 49.40 2.08 37.08
N VAL B 182 49.50 0.90 36.47
CA VAL B 182 49.58 0.78 35.01
C VAL B 182 48.29 0.17 34.49
N ASN B 183 47.70 0.82 33.49
CA ASN B 183 46.44 0.39 32.89
C ASN B 183 46.57 0.38 31.38
N CYS B 184 46.03 -0.67 30.76
CA CYS B 184 46.17 -0.94 29.32
C CYS B 184 44.82 -0.82 28.62
N PHE B 185 44.78 0.00 27.60
CA PHE B 185 43.54 0.31 26.89
C PHE B 185 43.68 -0.11 25.44
N MET B 186 42.77 -0.94 24.94
CA MET B 186 42.79 -1.36 23.55
C MET B 186 41.95 -0.42 22.72
N LEU B 187 42.53 0.14 21.66
CA LEU B 187 41.72 0.86 20.67
C LEU B 187 40.82 -0.12 19.91
N ASP B 188 39.51 0.07 20.06
CA ASP B 188 38.51 -0.55 19.18
C ASP B 188 38.31 0.40 17.99
N PRO B 189 38.84 0.03 16.81
CA PRO B 189 38.76 0.90 15.63
C PRO B 189 37.35 1.13 15.06
N ALA B 190 36.39 0.29 15.43
CA ALA B 190 35.01 0.44 14.98
C ALA B 190 34.32 1.67 15.57
N ILE B 191 34.77 2.11 16.75
CA ILE B 191 34.15 3.24 17.43
C ILE B 191 35.18 4.29 17.81
N GLY B 192 36.44 3.99 17.52
CA GLY B 192 37.53 4.88 17.86
C GLY B 192 37.54 5.22 19.33
N GLU B 193 37.56 4.19 20.17
CA GLU B 193 37.58 4.35 21.61
C GLU B 193 38.60 3.41 22.23
N PHE B 194 39.38 3.93 23.17
CA PHE B 194 40.32 3.13 23.96
C PHE B 194 39.61 2.47 25.12
N ILE B 195 39.56 1.14 25.09
CA ILE B 195 38.80 0.38 26.06
C ILE B 195 39.73 -0.22 27.09
N LEU B 196 39.45 0.03 28.36
CA LEU B 196 40.25 -0.56 29.45
C LEU B 196 40.10 -2.08 29.45
N VAL B 197 41.22 -2.77 29.22
CA VAL B 197 41.21 -4.24 29.12
C VAL B 197 42.08 -4.94 30.18
N ASP B 198 43.08 -4.23 30.71
CA ASP B 198 43.93 -4.71 31.79
C ASP B 198 44.11 -3.63 32.85
N LYS B 199 43.72 -3.96 34.08
CA LYS B 199 43.68 -3.03 35.19
C LYS B 199 44.85 -3.27 36.14
N ASP B 200 45.46 -2.18 36.59
CA ASP B 200 46.50 -2.23 37.61
C ASP B 200 47.49 -3.35 37.30
N VAL B 201 48.08 -3.25 36.11
CA VAL B 201 48.94 -4.29 35.53
C VAL B 201 50.23 -4.43 36.34
N LYS B 202 50.60 -5.68 36.62
CA LYS B 202 51.87 -6.02 37.24
C LYS B 202 52.59 -7.00 36.37
N ILE B 203 53.90 -6.79 36.26
CA ILE B 203 54.77 -7.66 35.48
C ILE B 203 55.11 -8.90 36.32
N LYS B 204 55.36 -10.03 35.65
CA LYS B 204 55.87 -11.24 36.30
C LYS B 204 57.15 -10.92 37.09
N LYS B 205 57.35 -11.61 38.21
CA LYS B 205 58.58 -11.49 39.00
C LYS B 205 59.82 -11.97 38.23
N LYS B 206 59.62 -12.88 37.28
CA LYS B 206 60.69 -13.47 36.48
C LYS B 206 60.06 -14.00 35.20
N GLY B 207 60.72 -13.81 34.07
CA GLY B 207 60.20 -14.30 32.80
C GLY B 207 61.06 -15.39 32.18
N LYS B 208 60.88 -15.62 30.88
CA LYS B 208 61.62 -16.65 30.16
C LYS B 208 62.10 -16.16 28.80
N ILE B 209 62.16 -14.84 28.64
CA ILE B 209 62.54 -14.25 27.36
C ILE B 209 63.55 -13.15 27.59
N TYR B 210 64.57 -13.08 26.73
CA TYR B 210 65.50 -11.97 26.76
C TYR B 210 65.47 -11.26 25.42
N SER B 211 65.72 -9.97 25.45
CA SER B 211 65.53 -9.14 24.29
C SER B 211 66.62 -8.10 24.11
N LEU B 212 67.55 -8.36 23.19
CA LEU B 212 68.53 -7.35 22.78
C LEU B 212 68.99 -7.64 21.37
N ASN B 213 69.56 -6.64 20.69
CA ASN B 213 70.23 -6.84 19.42
C ASN B 213 71.57 -7.52 19.65
N GLU B 214 71.64 -8.82 19.35
CA GLU B 214 72.84 -9.59 19.64
C GLU B 214 73.89 -9.45 18.56
N GLY B 215 73.57 -8.72 17.49
CA GLY B 215 74.57 -8.36 16.48
C GLY B 215 75.69 -7.48 17.02
N TYR B 216 75.43 -6.82 18.15
CA TYR B 216 76.47 -6.10 18.88
C TYR B 216 77.24 -6.97 19.90
N ALA B 217 77.13 -8.30 19.81
CA ALA B 217 77.85 -9.22 20.73
C ALA B 217 79.32 -8.81 20.90
N LYS B 218 79.97 -8.56 19.76
CA LYS B 218 81.34 -8.11 19.65
C LYS B 218 81.70 -6.93 20.59
N ASP B 219 80.73 -6.03 20.83
CA ASP B 219 80.94 -4.83 21.67
C ASP B 219 80.49 -4.97 23.13
N PHE B 220 79.80 -6.04 23.46
CA PHE B 220 79.16 -6.13 24.77
C PHE B 220 80.17 -6.11 25.91
N ASP B 221 79.74 -5.48 27.02
CA ASP B 221 80.30 -5.68 28.36
C ASP B 221 80.57 -7.15 28.64
N PRO B 222 81.55 -7.44 29.53
CA PRO B 222 81.65 -8.77 30.12
C PRO B 222 80.39 -9.12 30.93
N ALA B 223 79.82 -8.11 31.58
CA ALA B 223 78.57 -8.24 32.33
C ALA B 223 77.40 -8.70 31.46
N VAL B 224 77.25 -8.08 30.29
CA VAL B 224 76.15 -8.40 29.38
C VAL B 224 76.37 -9.78 28.77
N THR B 225 77.58 -9.98 28.24
CA THR B 225 77.98 -11.24 27.63
C THR B 225 77.72 -12.42 28.56
N GLU B 226 78.21 -12.34 29.81
CA GLU B 226 77.99 -13.40 30.78
C GLU B 226 76.52 -13.59 31.13
N TYR B 227 75.79 -12.49 31.27
CA TYR B 227 74.35 -12.58 31.56
C TYR B 227 73.60 -13.33 30.44
N ILE B 228 73.85 -12.94 29.19
CA ILE B 228 73.22 -13.61 28.05
C ILE B 228 73.64 -15.08 27.95
N GLN B 229 74.92 -15.33 28.20
CA GLN B 229 75.47 -16.68 28.30
C GLN B 229 74.68 -17.55 29.27
N ARG B 230 74.34 -16.98 30.43
CA ARG B 230 73.51 -17.65 31.43
C ARG B 230 72.09 -17.91 30.96
N LYS B 231 71.59 -17.07 30.04
CA LYS B 231 70.23 -17.22 29.49
C LYS B 231 70.20 -18.37 28.49
N LYS B 232 71.27 -18.50 27.71
CA LYS B 232 71.39 -19.60 26.75
C LYS B 232 71.81 -20.90 27.43
N PHE B 233 72.72 -20.81 28.40
CA PHE B 233 73.29 -21.99 29.07
C PHE B 233 73.18 -21.83 30.58
N PRO B 234 71.96 -21.98 31.13
CA PRO B 234 71.77 -21.72 32.56
C PRO B 234 72.60 -22.65 33.43
N PRO B 235 73.20 -22.11 34.53
CA PRO B 235 74.15 -22.88 35.33
C PRO B 235 73.49 -24.05 36.01
N ASP B 236 72.20 -23.91 36.33
CA ASP B 236 71.44 -24.94 37.05
C ASP B 236 70.61 -25.84 36.12
N ASN B 237 71.04 -25.98 34.87
CA ASN B 237 70.41 -26.88 33.90
C ASN B 237 68.94 -26.57 33.55
N SER B 238 68.37 -25.53 34.17
CA SER B 238 67.01 -25.08 33.82
C SER B 238 66.87 -24.75 32.33
N ALA B 239 65.63 -24.62 31.85
CA ALA B 239 65.37 -24.34 30.44
C ALA B 239 65.95 -22.98 30.02
N PRO B 240 66.58 -22.90 28.83
CA PRO B 240 67.11 -21.62 28.35
C PRO B 240 66.00 -20.60 28.11
N TYR B 241 66.28 -19.32 28.32
CA TYR B 241 65.33 -18.27 27.93
C TYR B 241 65.20 -18.26 26.42
N GLY B 242 63.98 -18.07 25.91
CA GLY B 242 63.80 -17.84 24.49
C GLY B 242 64.27 -16.44 24.14
N ALA B 243 64.60 -16.21 22.88
CA ALA B 243 65.01 -14.88 22.46
C ALA B 243 63.95 -14.21 21.56
N ARG B 244 63.67 -12.94 21.84
CA ARG B 244 62.88 -12.09 20.93
C ARG B 244 63.52 -10.72 20.79
N TYR B 245 63.58 -10.21 19.56
CA TYR B 245 64.01 -8.85 19.32
C TYR B 245 63.35 -8.31 18.04
N VAL B 246 62.27 -7.56 18.22
CA VAL B 246 61.50 -6.98 17.12
C VAL B 246 62.36 -5.90 16.46
N GLY B 247 63.07 -5.14 17.29
CA GLY B 247 63.94 -4.09 16.81
C GLY B 247 63.23 -2.77 16.97
N SER B 248 62.06 -2.83 17.60
CA SER B 248 61.21 -1.69 17.79
C SER B 248 60.86 -1.64 19.25
N MET B 249 61.29 -0.58 19.93
CA MET B 249 61.34 -0.53 21.39
C MET B 249 60.01 -0.78 22.09
N VAL B 250 58.97 -0.07 21.64
CA VAL B 250 57.65 -0.19 22.20
C VAL B 250 57.13 -1.63 22.05
N ALA B 251 57.47 -2.26 20.93
CA ALA B 251 57.03 -3.63 20.71
C ALA B 251 57.79 -4.54 21.68
N ASP B 252 59.10 -4.36 21.76
CA ASP B 252 59.91 -5.18 22.65
C ASP B 252 59.56 -4.96 24.09
N VAL B 253 59.34 -3.70 24.48
CA VAL B 253 59.02 -3.39 25.87
C VAL B 253 57.65 -3.88 26.22
N HIS B 254 56.67 -3.72 25.32
CA HIS B 254 55.32 -4.20 25.60
C HIS B 254 55.28 -5.70 25.90
N ARG B 255 55.93 -6.49 25.05
CA ARG B 255 56.00 -7.93 25.29
C ARG B 255 56.59 -8.20 26.66
N THR B 256 57.63 -7.45 27.02
CA THR B 256 58.29 -7.59 28.32
C THR B 256 57.29 -7.35 29.46
N LEU B 257 56.53 -6.27 29.39
CA LEU B 257 55.41 -6.07 30.33
C LEU B 257 54.46 -7.27 30.36
N VAL B 258 53.94 -7.64 29.19
CA VAL B 258 52.85 -8.61 29.08
C VAL B 258 53.32 -10.03 29.41
N TYR B 259 54.52 -10.40 28.95
CA TYR B 259 55.03 -11.76 29.13
C TYR B 259 56.08 -11.91 30.23
N GLY B 260 56.67 -10.81 30.65
CA GLY B 260 57.78 -10.89 31.57
C GLY B 260 59.07 -11.19 30.82
N GLY B 261 60.19 -11.03 31.53
CA GLY B 261 61.49 -11.21 30.94
C GLY B 261 62.35 -9.97 31.04
N ILE B 262 63.27 -9.84 30.11
CA ILE B 262 64.21 -8.74 30.16
C ILE B 262 64.46 -8.16 28.76
N PHE B 263 64.49 -6.84 28.71
CA PHE B 263 64.91 -6.11 27.52
C PHE B 263 66.22 -5.38 27.82
N LEU B 264 67.17 -5.46 26.89
CA LEU B 264 68.42 -4.70 27.05
C LEU B 264 68.79 -3.89 25.80
N TYR B 265 69.15 -2.63 25.97
CA TYR B 265 69.91 -1.90 24.97
C TYR B 265 71.15 -1.28 25.62
N PRO B 266 72.20 -2.10 25.82
CA PRO B 266 73.39 -1.57 26.49
C PRO B 266 74.21 -0.74 25.52
N ALA B 267 75.13 0.04 26.07
CA ALA B 267 76.12 0.72 25.26
C ALA B 267 76.84 -0.36 24.46
N ASN B 268 76.87 -0.20 23.14
CA ASN B 268 77.83 -0.97 22.39
C ASN B 268 79.04 -0.11 22.57
N LYS B 269 80.00 -0.64 23.32
CA LYS B 269 81.19 0.10 23.73
C LYS B 269 81.65 0.99 22.57
N LYS B 270 81.15 0.66 21.36
CA LYS B 270 81.37 1.41 20.11
C LYS B 270 80.34 2.53 19.86
N SER B 271 79.20 2.48 20.57
CA SER B 271 78.30 3.66 20.77
C SER B 271 77.84 3.86 22.23
N PRO B 272 78.65 4.67 22.94
CA PRO B 272 79.03 4.57 24.33
C PRO B 272 78.04 5.04 25.39
N ASN B 273 77.10 5.92 25.02
CA ASN B 273 76.12 6.39 25.98
C ASN B 273 74.78 5.66 25.86
N GLY B 274 74.80 4.50 25.18
CA GLY B 274 73.56 3.79 24.83
C GLY B 274 73.06 4.35 23.52
N LYS B 275 72.02 3.72 22.96
CA LYS B 275 71.43 4.22 21.72
C LYS B 275 70.11 4.96 22.00
N LEU B 276 69.30 4.39 22.89
CA LEU B 276 67.97 4.87 23.19
C LEU B 276 68.00 6.18 23.97
N ARG B 277 67.08 7.08 23.64
CA ARG B 277 67.03 8.43 24.22
C ARG B 277 66.44 8.41 25.61
N LEU B 278 67.04 9.18 26.52
CA LEU B 278 66.61 9.15 27.91
C LEU B 278 65.21 9.72 28.10
N LEU B 279 64.96 10.90 27.56
CA LEU B 279 63.74 11.67 27.91
C LEU B 279 62.46 11.05 27.43
N TYR B 280 62.49 10.47 26.24
CA TYR B 280 61.25 10.04 25.59
C TYR B 280 61.24 8.60 25.12
N GLU B 281 62.30 7.85 25.41
CA GLU B 281 62.29 6.40 25.26
C GLU B 281 62.52 5.73 26.61
N CYS B 282 63.70 5.96 27.22
CA CYS B 282 64.08 5.26 28.45
C CYS B 282 63.21 5.58 29.67
N ASN B 283 63.10 6.87 30.01
CA ASN B 283 62.30 7.28 31.17
C ASN B 283 60.86 6.79 31.14
N PRO B 284 60.08 7.12 30.07
CA PRO B 284 58.70 6.62 30.02
C PRO B 284 58.55 5.13 30.27
N MET B 285 59.41 4.31 29.67
CA MET B 285 59.35 2.86 29.84
C MET B 285 59.79 2.39 31.23
N ALA B 286 60.82 3.06 31.76
CA ALA B 286 61.30 2.85 33.14
C ALA B 286 60.19 3.16 34.15
N TYR B 287 59.45 4.23 33.88
CA TYR B 287 58.32 4.63 34.70
C TYR B 287 57.21 3.59 34.63
N VAL B 288 56.78 3.25 33.41
CA VAL B 288 55.88 2.10 33.22
C VAL B 288 56.38 0.85 33.96
N MET B 289 57.63 0.46 33.74
CA MET B 289 58.20 -0.72 34.39
C MET B 289 58.02 -0.65 35.90
N GLU B 290 58.44 0.46 36.49
CA GLU B 290 58.42 0.61 37.95
C GLU B 290 57.02 0.64 38.55
N LYS B 291 56.10 1.33 37.87
CA LYS B 291 54.68 1.27 38.26
C LYS B 291 54.10 -0.15 38.14
N ALA B 292 54.65 -0.97 37.24
CA ALA B 292 54.17 -2.33 37.07
C ALA B 292 54.91 -3.34 37.95
N GLY B 293 55.76 -2.86 38.84
CA GLY B 293 56.51 -3.77 39.74
C GLY B 293 57.80 -4.23 39.13
N GLY B 294 58.19 -3.56 38.04
CA GLY B 294 59.42 -3.87 37.34
C GLY B 294 60.58 -2.98 37.72
N MET B 295 61.70 -3.20 37.06
CA MET B 295 62.90 -2.45 37.34
C MET B 295 63.46 -1.98 36.01
N ALA B 296 64.23 -0.89 36.06
CA ALA B 296 64.92 -0.37 34.90
C ALA B 296 66.20 0.31 35.37
N THR B 297 67.32 -0.16 34.86
CA THR B 297 68.63 0.32 35.27
C THR B 297 69.43 0.73 34.05
N THR B 298 70.43 1.59 34.24
CA THR B 298 71.48 1.80 33.23
C THR B 298 72.59 0.78 33.45
N GLY B 299 72.46 -0.01 34.52
CA GLY B 299 73.55 -0.83 35.05
C GLY B 299 74.14 -0.19 36.30
N LYS B 300 74.32 1.13 36.22
CA LYS B 300 74.98 1.93 37.25
C LYS B 300 73.98 2.47 38.27
N GLU B 301 72.86 3.02 37.77
CA GLU B 301 71.81 3.63 38.58
C GLU B 301 70.44 3.40 37.94
N ALA B 302 69.38 3.61 38.71
CA ALA B 302 68.03 3.57 38.17
C ALA B 302 67.93 4.57 37.02
N VAL B 303 67.30 4.14 35.93
CA VAL B 303 67.02 5.01 34.79
C VAL B 303 66.35 6.30 35.28
N LEU B 304 65.41 6.15 36.22
CA LEU B 304 64.58 7.28 36.64
C LEU B 304 65.32 8.27 37.53
N ASP B 305 66.53 7.90 37.93
CA ASP B 305 67.43 8.75 38.72
C ASP B 305 68.46 9.56 37.92
N VAL B 306 68.66 9.24 36.65
CA VAL B 306 69.58 10.04 35.83
C VAL B 306 69.06 11.47 35.76
N ILE B 307 69.93 12.44 36.08
CA ILE B 307 69.59 13.83 35.93
C ILE B 307 70.09 14.23 34.54
N PRO B 308 69.16 14.47 33.61
CA PRO B 308 69.55 14.78 32.24
C PRO B 308 70.19 16.15 32.14
N THR B 309 71.08 16.31 31.18
CA THR B 309 71.66 17.61 30.90
C THR B 309 71.30 18.03 29.48
N ASP B 310 70.81 17.08 28.70
CA ASP B 310 70.51 17.33 27.28
C ASP B 310 69.27 16.57 26.84
N ILE B 311 68.42 17.24 26.07
CA ILE B 311 67.10 16.69 25.76
C ILE B 311 67.12 15.41 24.92
N HIS B 312 68.12 15.30 24.05
CA HIS B 312 68.29 14.11 23.22
C HIS B 312 69.42 13.21 23.70
N GLN B 313 69.81 13.34 24.96
CA GLN B 313 70.88 12.48 25.45
C GLN B 313 70.41 11.02 25.49
N ARG B 314 71.35 10.10 25.36
CA ARG B 314 71.09 8.68 25.26
C ARG B 314 71.41 8.04 26.61
N ALA B 315 70.89 6.84 26.84
CA ALA B 315 71.21 6.09 28.05
C ALA B 315 71.27 4.63 27.71
N PRO B 316 72.14 3.86 28.39
CA PRO B 316 71.94 2.43 28.31
C PRO B 316 70.69 2.11 29.11
N VAL B 317 70.03 1.01 28.76
CA VAL B 317 68.81 0.63 29.45
C VAL B 317 68.72 -0.89 29.53
N ILE B 318 68.40 -1.38 30.72
CA ILE B 318 68.09 -2.78 30.94
C ILE B 318 66.85 -2.77 31.83
N LEU B 319 65.80 -3.45 31.40
CA LEU B 319 64.52 -3.35 32.09
C LEU B 319 63.74 -4.64 32.01
N GLY B 320 62.73 -4.77 32.87
CA GLY B 320 61.89 -5.95 32.82
C GLY B 320 61.51 -6.49 34.17
N SER B 321 61.30 -7.80 34.23
CA SER B 321 60.95 -8.46 35.49
C SER B 321 62.04 -8.18 36.53
N PRO B 322 61.65 -8.02 37.80
CA PRO B 322 62.63 -7.63 38.82
C PRO B 322 63.69 -8.70 39.08
N ASP B 323 63.30 -9.97 39.18
CA ASP B 323 64.27 -11.07 39.33
C ASP B 323 65.23 -11.19 38.16
N ASP B 324 64.74 -10.89 36.96
CA ASP B 324 65.61 -10.91 35.79
C ASP B 324 66.60 -9.75 35.83
N VAL B 325 66.09 -8.53 36.01
CA VAL B 325 66.94 -7.34 36.11
C VAL B 325 67.92 -7.46 37.28
N LEU B 326 67.41 -7.87 38.44
CA LEU B 326 68.26 -8.13 39.62
C LEU B 326 69.39 -9.13 39.33
N GLU B 327 69.05 -10.22 38.64
CA GLU B 327 70.02 -11.21 38.20
C GLU B 327 71.14 -10.59 37.35
N PHE B 328 70.78 -9.66 36.47
CA PHE B 328 71.76 -9.00 35.62
C PHE B 328 72.65 -8.06 36.43
N LEU B 329 72.05 -7.36 37.39
CA LEU B 329 72.79 -6.42 38.24
C LEU B 329 73.78 -7.14 39.16
N LYS B 330 73.45 -8.36 39.56
CA LYS B 330 74.37 -9.24 40.26
C LYS B 330 75.60 -9.53 39.37
N VAL B 331 75.34 -9.93 38.12
CA VAL B 331 76.41 -10.14 37.15
C VAL B 331 77.21 -8.86 36.88
N TYR B 332 76.50 -7.75 36.69
CA TYR B 332 77.14 -6.45 36.50
C TYR B 332 78.11 -6.11 37.64
N GLU B 333 77.75 -6.53 38.85
CA GLU B 333 78.49 -6.18 40.07
C GLU B 333 79.67 -7.10 40.36
N LYS B 334 79.59 -8.34 39.89
CA LYS B 334 80.71 -9.27 39.91
C LYS B 334 81.82 -8.70 39.04
N HIS B 335 81.46 -8.25 37.85
CA HIS B 335 82.39 -7.57 36.95
C HIS B 335 82.64 -6.14 37.45
N SER B 336 82.28 -5.91 38.72
CA SER B 336 82.39 -4.60 39.39
C SER B 336 81.39 -3.58 38.85
N ALA B 337 81.46 -3.13 37.70
N ASP C 10 24.81 -19.87 1.70
CA ASP C 10 26.25 -19.45 1.80
C ASP C 10 26.42 -17.96 1.57
N VAL C 11 27.28 -17.34 2.38
CA VAL C 11 27.69 -15.97 2.20
C VAL C 11 28.12 -15.68 0.74
N ASN C 12 27.79 -14.47 0.26
CA ASN C 12 28.34 -14.02 -1.00
C ASN C 12 28.70 -12.55 -0.98
N THR C 13 29.58 -12.17 -1.89
CA THR C 13 30.02 -10.78 -2.00
C THR C 13 29.64 -10.28 -3.38
N LEU C 14 29.66 -8.96 -3.59
CA LEU C 14 29.31 -8.39 -4.87
C LEU C 14 30.21 -8.94 -5.96
N THR C 15 31.53 -8.82 -5.76
CA THR C 15 32.54 -9.20 -6.76
C THR C 15 32.44 -10.66 -7.17
N ARG C 16 32.28 -11.52 -6.20
CA ARG C 16 32.27 -12.95 -6.41
C ARG C 16 30.92 -13.38 -6.96
N PHE C 17 29.84 -12.71 -6.55
CA PHE C 17 28.53 -12.88 -7.18
C PHE C 17 28.60 -12.66 -8.68
N VAL C 18 29.16 -11.52 -9.07
CA VAL C 18 29.30 -11.12 -10.48
C VAL C 18 30.23 -12.06 -11.26
N MET C 19 31.24 -12.58 -10.56
CA MET C 19 32.21 -13.50 -11.15
C MET C 19 31.54 -14.80 -11.55
N GLU C 20 30.75 -15.38 -10.65
CA GLU C 20 30.11 -16.65 -10.94
C GLU C 20 28.99 -16.45 -11.98
N GLU C 21 28.32 -15.31 -11.94
CA GLU C 21 27.35 -14.95 -12.99
C GLU C 21 28.04 -14.83 -14.34
N GLY C 22 29.13 -14.08 -14.40
CA GLY C 22 29.92 -13.95 -15.61
C GLY C 22 30.46 -15.27 -16.15
N ARG C 23 30.97 -16.10 -15.24
CA ARG C 23 31.42 -17.46 -15.53
C ARG C 23 30.32 -18.28 -16.22
N LYS C 24 29.12 -18.27 -15.63
CA LYS C 24 27.94 -18.88 -16.21
C LYS C 24 27.64 -18.38 -17.63
N ALA C 25 27.64 -17.05 -17.82
CA ALA C 25 27.39 -16.45 -19.12
C ALA C 25 28.58 -16.63 -20.05
N ARG C 26 29.71 -17.05 -19.49
CA ARG C 26 30.95 -17.31 -20.23
C ARG C 26 31.42 -16.08 -21.07
N GLY C 27 31.27 -14.89 -20.49
CA GLY C 27 31.74 -13.66 -21.11
C GLY C 27 33.22 -13.46 -20.88
N THR C 28 33.77 -12.39 -21.45
CA THR C 28 35.22 -12.16 -21.45
C THR C 28 35.76 -11.59 -20.14
N GLY C 29 34.88 -11.34 -19.17
CA GLY C 29 35.27 -10.79 -17.87
C GLY C 29 35.28 -9.28 -17.82
N GLU C 30 35.04 -8.65 -18.98
CA GLU C 30 35.11 -7.20 -19.09
C GLU C 30 34.06 -6.49 -18.24
N LEU C 31 32.86 -7.07 -18.13
CA LEU C 31 31.79 -6.50 -17.32
C LEU C 31 32.09 -6.64 -15.82
N THR C 32 32.56 -7.83 -15.43
CA THR C 32 33.00 -8.06 -14.07
C THR C 32 34.07 -7.03 -13.69
N GLN C 33 35.01 -6.80 -14.59
CA GLN C 33 36.11 -5.88 -14.33
C GLN C 33 35.62 -4.45 -14.09
N LEU C 34 34.68 -4.02 -14.93
CA LEU C 34 34.03 -2.73 -14.80
C LEU C 34 33.32 -2.64 -13.47
N LEU C 35 32.54 -3.67 -13.13
CA LEU C 35 31.72 -3.65 -11.92
C LEU C 35 32.56 -3.63 -10.65
N ASN C 36 33.66 -4.38 -10.64
CA ASN C 36 34.60 -4.37 -9.53
C ASN C 36 35.30 -3.03 -9.34
N SER C 37 35.65 -2.37 -10.45
CA SER C 37 36.23 -1.02 -10.43
C SER C 37 35.28 0.04 -9.89
N LEU C 38 34.03 -0.02 -10.31
CA LEU C 38 32.99 0.88 -9.82
C LEU C 38 32.70 0.59 -8.36
N CYS C 39 32.69 -0.68 -7.99
CA CYS C 39 32.60 -1.13 -6.61
C CYS C 39 33.62 -0.40 -5.73
N THR C 40 34.89 -0.37 -6.16
CA THR C 40 35.99 0.24 -5.40
C THR C 40 35.78 1.75 -5.29
N ALA C 41 35.29 2.36 -6.37
CA ALA C 41 35.02 3.80 -6.41
C ALA C 41 33.93 4.16 -5.41
N VAL C 42 32.89 3.32 -5.36
CA VAL C 42 31.76 3.48 -4.47
C VAL C 42 32.16 3.40 -2.98
N LYS C 43 33.03 2.46 -2.63
CA LYS C 43 33.57 2.35 -1.27
C LYS C 43 34.41 3.55 -0.88
N ALA C 44 35.25 4.02 -1.81
CA ALA C 44 35.98 5.27 -1.64
C ALA C 44 35.04 6.48 -1.49
N ILE C 45 33.92 6.48 -2.22
CA ILE C 45 32.93 7.57 -2.12
C ILE C 45 32.23 7.55 -0.78
N SER C 46 31.79 6.36 -0.36
CA SER C 46 31.15 6.15 0.94
C SER C 46 32.03 6.68 2.08
N SER C 47 33.30 6.31 2.08
CA SER C 47 34.26 6.72 3.12
C SER C 47 34.37 8.25 3.22
N ALA C 48 34.37 8.92 2.08
CA ALA C 48 34.43 10.38 2.02
C ALA C 48 33.10 11.03 2.43
N VAL C 49 32.00 10.36 2.10
CA VAL C 49 30.67 10.85 2.46
C VAL C 49 30.47 10.78 3.98
N ARG C 50 30.99 9.70 4.60
CA ARG C 50 30.89 9.50 6.06
C ARG C 50 31.91 10.37 6.81
N LYS C 51 32.75 11.07 6.05
CA LYS C 51 33.67 12.09 6.57
C LYS C 51 34.95 11.57 7.21
N ALA C 52 35.38 10.39 6.77
CA ALA C 52 36.63 9.83 7.24
C ALA C 52 37.76 10.78 6.89
N GLY C 53 38.47 11.27 7.90
CA GLY C 53 39.57 12.20 7.68
C GLY C 53 39.20 13.66 7.73
N ILE C 54 37.93 13.96 8.03
CA ILE C 54 37.51 15.36 8.17
C ILE C 54 38.35 16.11 9.21
N ALA C 55 38.89 15.37 10.19
CA ALA C 55 39.70 15.99 11.24
C ALA C 55 40.92 16.68 10.63
N HIS C 56 41.44 16.09 9.56
CA HIS C 56 42.55 16.69 8.85
C HIS C 56 42.20 18.02 8.18
N LEU C 57 40.98 18.16 7.70
CA LEU C 57 40.52 19.42 7.11
C LEU C 57 40.37 20.51 8.16
N TYR C 58 40.15 20.11 9.40
CA TYR C 58 39.85 21.08 10.46
C TYR C 58 41.04 21.36 11.36
N GLY C 59 42.20 20.91 10.93
CA GLY C 59 43.46 21.32 11.52
C GLY C 59 44.04 20.41 12.57
N ILE C 60 43.58 19.16 12.63
CA ILE C 60 44.12 18.19 13.59
C ILE C 60 45.68 18.08 13.58
N ALA C 61 46.29 18.12 12.39
CA ALA C 61 47.75 18.03 12.28
C ALA C 61 48.38 19.37 11.99
N GLY C 62 47.72 20.44 12.45
CA GLY C 62 48.09 21.79 12.04
C GLY C 62 47.69 22.07 10.62
N LYS C 73 35.73 19.44 -2.75
CA LYS C 73 34.28 19.29 -2.91
C LYS C 73 33.94 17.84 -3.13
N LEU C 74 33.00 17.32 -2.34
CA LEU C 74 32.66 15.91 -2.33
C LEU C 74 32.16 15.36 -3.68
N ASP C 75 31.27 16.10 -4.34
CA ASP C 75 30.76 15.67 -5.65
C ASP C 75 31.84 15.60 -6.73
N VAL C 76 32.82 16.51 -6.67
CA VAL C 76 34.01 16.51 -7.55
C VAL C 76 34.84 15.25 -7.28
N LEU C 77 35.25 15.06 -6.04
CA LEU C 77 35.96 13.85 -5.63
C LEU C 77 35.24 12.59 -6.09
N SER C 78 33.91 12.57 -5.95
CA SER C 78 33.11 11.37 -6.28
C SER C 78 33.18 11.10 -7.77
N ASN C 79 33.03 12.17 -8.55
CA ASN C 79 33.25 12.14 -9.99
C ASN C 79 34.65 11.66 -10.35
N ASP C 80 35.68 12.26 -9.75
CA ASP C 80 37.08 11.83 -9.95
C ASP C 80 37.29 10.35 -9.66
N LEU C 81 36.63 9.84 -8.63
CA LEU C 81 36.79 8.45 -8.23
C LEU C 81 36.17 7.51 -9.25
N VAL C 82 34.94 7.83 -9.64
CA VAL C 82 34.22 7.02 -10.61
C VAL C 82 34.94 7.10 -11.97
N MET C 83 35.24 8.32 -12.42
CA MET C 83 35.98 8.55 -13.67
C MET C 83 37.29 7.76 -13.69
N ASN C 84 38.17 7.99 -12.72
CA ASN C 84 39.46 7.28 -12.70
C ASN C 84 39.38 5.76 -12.65
N MET C 85 38.56 5.21 -11.77
CA MET C 85 38.43 3.74 -11.67
C MET C 85 37.85 3.08 -12.94
N LEU C 86 36.84 3.70 -13.54
CA LEU C 86 36.29 3.17 -14.80
C LEU C 86 37.27 3.28 -15.98
N LYS C 87 37.93 4.43 -16.12
CA LYS C 87 38.96 4.61 -17.14
C LYS C 87 40.03 3.51 -17.04
N SER C 88 40.54 3.32 -15.83
CA SER C 88 41.60 2.35 -15.57
C SER C 88 41.11 0.88 -15.50
N SER C 89 39.82 0.65 -15.72
CA SER C 89 39.28 -0.71 -15.71
C SER C 89 39.56 -1.43 -17.03
N PHE C 90 39.87 -0.64 -18.06
CA PHE C 90 40.08 -1.14 -19.42
C PHE C 90 38.79 -1.71 -20.02
N ALA C 91 37.66 -1.45 -19.35
CA ALA C 91 36.35 -1.98 -19.73
C ALA C 91 35.42 -0.94 -20.34
N THR C 92 35.85 0.33 -20.31
CA THR C 92 34.98 1.43 -20.76
C THR C 92 35.60 2.25 -21.90
N CYS C 93 34.76 2.96 -22.64
CA CYS C 93 35.22 3.82 -23.72
C CYS C 93 34.54 5.16 -23.70
N VAL C 94 33.25 5.18 -23.32
CA VAL C 94 32.48 6.42 -23.17
C VAL C 94 31.93 6.56 -21.73
N LEU C 95 32.13 7.73 -21.14
CA LEU C 95 31.68 8.01 -19.77
C LEU C 95 30.85 9.28 -19.68
N VAL C 96 29.57 9.15 -19.34
CA VAL C 96 28.70 10.32 -19.16
C VAL C 96 28.42 10.56 -17.68
N SER C 97 28.77 11.74 -17.19
CA SER C 97 28.51 12.11 -15.80
C SER C 97 27.66 13.38 -15.73
N GLU C 98 26.86 13.48 -14.67
CA GLU C 98 26.14 14.71 -14.37
C GLU C 98 27.12 15.88 -14.21
N GLU C 99 28.35 15.57 -13.84
CA GLU C 99 29.40 16.57 -13.55
C GLU C 99 30.13 17.15 -14.75
N ASP C 100 30.05 16.47 -15.89
CA ASP C 100 30.79 16.92 -17.06
C ASP C 100 29.88 17.26 -18.21
N LYS C 101 30.05 18.45 -18.75
CA LYS C 101 29.22 18.95 -19.85
C LYS C 101 29.11 17.96 -21.00
N HIS C 102 30.21 17.26 -21.31
CA HIS C 102 30.24 16.32 -22.43
C HIS C 102 30.64 14.92 -21.99
N ALA C 103 30.39 13.94 -22.86
CA ALA C 103 30.85 12.58 -22.62
C ALA C 103 32.36 12.59 -22.48
N ILE C 104 32.87 11.76 -21.59
CA ILE C 104 34.31 11.56 -21.52
C ILE C 104 34.62 10.35 -22.40
N ILE C 105 35.54 10.55 -23.32
CA ILE C 105 35.99 9.50 -24.22
C ILE C 105 37.32 9.00 -23.67
N VAL C 106 37.33 7.74 -23.25
CA VAL C 106 38.50 7.10 -22.68
C VAL C 106 39.65 7.05 -23.69
N GLU C 107 40.86 7.39 -23.24
CA GLU C 107 42.04 7.29 -24.09
C GLU C 107 42.21 5.88 -24.70
N PRO C 108 42.69 5.81 -25.96
CA PRO C 108 42.69 4.55 -26.73
C PRO C 108 43.35 3.37 -26.01
N GLU C 109 44.39 3.63 -25.23
CA GLU C 109 45.09 2.56 -24.50
C GLU C 109 44.24 1.86 -23.43
N LYS C 110 43.18 2.53 -22.97
CA LYS C 110 42.36 2.03 -21.86
C LYS C 110 40.95 1.60 -22.28
N ARG C 111 40.63 1.74 -23.57
CA ARG C 111 39.27 1.53 -24.06
C ARG C 111 38.77 0.11 -23.96
N GLY C 112 37.55 -0.02 -23.45
CA GLY C 112 36.86 -1.29 -23.42
C GLY C 112 35.57 -1.08 -24.18
N LYS C 113 34.62 -1.99 -24.02
CA LYS C 113 33.45 -1.96 -24.89
C LYS C 113 32.21 -1.30 -24.30
N TYR C 114 32.28 -0.87 -23.04
CA TYR C 114 31.06 -0.41 -22.35
C TYR C 114 30.94 1.11 -22.21
N VAL C 115 29.71 1.59 -22.30
CA VAL C 115 29.37 2.98 -22.00
C VAL C 115 28.80 3.02 -20.58
N VAL C 116 29.24 3.98 -19.77
CA VAL C 116 28.70 4.12 -18.42
C VAL C 116 28.18 5.53 -18.22
N CYS C 117 26.90 5.63 -17.89
CA CYS C 117 26.28 6.91 -17.54
C CYS C 117 26.06 6.86 -16.04
N PHE C 118 26.52 7.90 -15.34
CA PHE C 118 26.45 7.86 -13.88
C PHE C 118 26.27 9.24 -13.28
N ASP C 119 25.55 9.29 -12.16
CA ASP C 119 25.57 10.46 -11.29
C ASP C 119 26.38 10.04 -10.05
N PRO C 120 27.57 10.64 -9.88
CA PRO C 120 28.49 10.16 -8.84
C PRO C 120 28.05 10.50 -7.42
N LEU C 121 27.38 11.62 -7.24
CA LEU C 121 26.89 11.99 -5.92
C LEU C 121 25.52 12.62 -6.03
N ASP C 122 24.58 11.81 -6.45
CA ASP C 122 23.20 12.22 -6.55
C ASP C 122 22.69 12.73 -5.20
N GLY C 123 22.04 13.89 -5.22
CA GLY C 123 21.42 14.45 -4.04
C GLY C 123 22.33 15.30 -3.18
N SER C 124 23.47 15.72 -3.73
CA SER C 124 24.53 16.39 -2.98
C SER C 124 24.44 17.92 -2.83
N SER C 125 23.58 18.58 -3.61
CA SER C 125 23.37 20.02 -3.43
C SER C 125 22.88 20.27 -2.01
N ASN C 126 22.19 19.26 -1.47
CA ASN C 126 21.69 19.23 -0.09
C ASN C 126 22.50 18.39 0.90
N ILE C 127 23.66 17.88 0.47
CA ILE C 127 24.56 17.15 1.39
C ILE C 127 24.85 17.93 2.69
N ASP C 128 24.66 19.24 2.68
CA ASP C 128 24.88 20.11 3.85
C ASP C 128 24.03 19.78 5.08
N CYS C 129 22.89 19.13 4.86
CA CYS C 129 21.99 18.73 5.96
C CYS C 129 22.13 17.24 6.33
N LEU C 130 23.16 16.59 5.79
CA LEU C 130 23.48 15.18 6.01
C LEU C 130 22.43 14.23 5.45
N VAL C 131 21.71 14.70 4.44
CA VAL C 131 20.70 13.92 3.75
C VAL C 131 21.45 12.80 3.08
N SER C 132 20.79 11.65 2.93
CA SER C 132 21.36 10.50 2.23
C SER C 132 21.64 10.86 0.80
N VAL C 133 22.81 10.46 0.33
CA VAL C 133 23.18 10.73 -1.05
C VAL C 133 23.44 9.40 -1.72
N GLY C 134 23.74 9.42 -3.01
CA GLY C 134 23.91 8.16 -3.71
C GLY C 134 24.73 8.28 -4.95
N THR C 135 25.09 7.14 -5.52
CA THR C 135 25.74 7.08 -6.81
C THR C 135 24.81 6.25 -7.72
N ILE C 136 24.46 6.78 -8.89
CA ILE C 136 23.62 6.07 -9.83
C ILE C 136 24.42 5.82 -11.09
N PHE C 137 24.25 4.63 -11.69
CA PHE C 137 24.99 4.24 -12.88
C PHE C 137 24.13 3.38 -13.79
N GLY C 138 24.31 3.55 -15.10
CA GLY C 138 23.73 2.66 -16.10
C GLY C 138 24.82 2.22 -17.07
N ILE C 139 24.74 0.97 -17.49
CA ILE C 139 25.79 0.36 -18.33
C ILE C 139 25.24 -0.20 -19.63
N TYR C 140 25.80 0.26 -20.75
CA TYR C 140 25.43 -0.25 -22.08
C TYR C 140 26.66 -0.87 -22.75
N ARG C 141 26.43 -1.74 -23.72
CA ARG C 141 27.45 -2.04 -24.74
C ARG C 141 27.53 -0.86 -25.70
N LYS C 142 28.74 -0.48 -26.11
CA LYS C 142 28.89 0.57 -27.13
C LYS C 142 28.23 0.14 -28.44
N LYS C 143 27.97 1.12 -29.30
CA LYS C 143 27.18 0.89 -30.50
C LYS C 143 28.03 0.78 -31.76
N SER C 144 28.84 1.80 -32.03
CA SER C 144 29.49 1.91 -33.34
C SER C 144 30.92 1.37 -33.27
N THR C 145 31.30 0.58 -34.28
CA THR C 145 32.70 0.16 -34.46
C THR C 145 33.61 1.35 -34.80
N ASP C 146 32.98 2.49 -35.08
CA ASP C 146 33.67 3.75 -35.32
C ASP C 146 34.43 4.21 -34.06
N GLU C 147 34.67 5.52 -33.99
CA GLU C 147 35.16 6.14 -32.80
C GLU C 147 34.09 5.96 -31.71
N PRO C 148 34.51 5.71 -30.45
CA PRO C 148 33.55 5.89 -29.39
C PRO C 148 33.24 7.38 -29.32
N SER C 149 31.96 7.70 -29.19
CA SER C 149 31.51 9.08 -29.23
C SER C 149 30.37 9.27 -28.24
N GLU C 150 30.07 10.53 -27.92
CA GLU C 150 28.91 10.93 -27.11
C GLU C 150 27.63 10.18 -27.55
N LYS C 151 27.54 9.87 -28.84
CA LYS C 151 26.40 9.15 -29.42
C LYS C 151 26.24 7.68 -28.98
N ASP C 152 27.31 7.10 -28.44
CA ASP C 152 27.25 5.74 -27.89
C ASP C 152 26.46 5.70 -26.59
N ALA C 153 26.38 6.84 -25.91
CA ALA C 153 25.60 6.98 -24.68
C ALA C 153 24.12 7.19 -24.96
N LEU C 154 23.81 7.62 -26.19
CA LEU C 154 22.44 7.91 -26.60
C LEU C 154 21.71 6.64 -27.01
N GLN C 155 21.35 5.84 -26.01
CA GLN C 155 20.61 4.62 -26.25
C GLN C 155 19.40 4.62 -25.32
N PRO C 156 18.25 4.06 -25.78
CA PRO C 156 17.13 3.87 -24.86
C PRO C 156 17.55 2.98 -23.68
N GLY C 157 16.93 3.19 -22.52
CA GLY C 157 17.21 2.40 -21.33
C GLY C 157 17.06 0.93 -21.53
N ARG C 158 16.19 0.52 -22.45
CA ARG C 158 15.97 -0.89 -22.80
C ARG C 158 17.26 -1.60 -23.19
N ASN C 159 18.27 -0.84 -23.64
CA ASN C 159 19.54 -1.39 -24.09
C ASN C 159 20.52 -1.66 -22.96
N LEU C 160 20.08 -1.43 -21.73
CA LEU C 160 20.95 -1.53 -20.58
C LEU C 160 21.38 -2.95 -20.34
N VAL C 161 22.67 -3.10 -20.08
CA VAL C 161 23.31 -4.35 -19.71
C VAL C 161 23.20 -4.52 -18.19
N ALA C 162 23.43 -3.41 -17.46
CA ALA C 162 23.34 -3.40 -16.01
C ALA C 162 23.06 -2.00 -15.55
N ALA C 163 22.42 -1.89 -14.39
CA ALA C 163 22.17 -0.60 -13.77
C ALA C 163 21.98 -0.74 -12.26
N GLY C 164 22.18 0.34 -11.54
CA GLY C 164 21.83 0.38 -10.15
C GLY C 164 22.33 1.64 -9.48
N TYR C 165 22.48 1.55 -8.18
CA TYR C 165 22.91 2.65 -7.38
C TYR C 165 23.58 2.16 -6.11
N ALA C 166 24.36 3.05 -5.52
CA ALA C 166 24.77 2.88 -4.15
C ALA C 166 24.12 3.98 -3.34
N LEU C 167 23.51 3.61 -2.22
CA LEU C 167 22.88 4.58 -1.33
C LEU C 167 23.81 4.76 -0.16
N TYR C 168 24.15 6.00 0.13
CA TYR C 168 24.91 6.34 1.33
C TYR C 168 23.92 6.90 2.32
N GLY C 169 23.19 5.99 2.99
CA GLY C 169 22.13 6.33 3.92
C GLY C 169 22.61 6.12 5.33
N SER C 170 21.74 5.58 6.19
CA SER C 170 22.16 5.14 7.54
C SER C 170 23.25 4.05 7.45
N ALA C 171 23.18 3.22 6.41
CA ALA C 171 24.24 2.31 6.00
C ALA C 171 24.40 2.42 4.48
N THR C 172 25.52 1.90 3.94
CA THR C 172 25.78 1.94 2.50
C THR C 172 25.36 0.63 1.82
N MET C 173 24.53 0.75 0.79
CA MET C 173 24.03 -0.42 0.10
C MET C 173 24.20 -0.23 -1.40
N LEU C 174 24.58 -1.32 -2.08
CA LEU C 174 24.66 -1.28 -3.52
C LEU C 174 23.55 -2.15 -4.11
N VAL C 175 22.72 -1.53 -4.97
CA VAL C 175 21.66 -2.28 -5.63
C VAL C 175 22.05 -2.50 -7.08
N LEU C 176 22.20 -3.78 -7.43
CA LEU C 176 22.62 -4.16 -8.77
C LEU C 176 21.53 -4.89 -9.53
N ALA C 177 21.18 -4.34 -10.67
CA ALA C 177 20.20 -4.95 -11.55
C ALA C 177 20.91 -5.39 -12.82
N MET C 178 20.64 -6.64 -13.19
CA MET C 178 21.07 -7.20 -14.46
C MET C 178 19.96 -8.11 -14.93
N ASP C 179 20.22 -8.82 -16.02
CA ASP C 179 19.25 -9.78 -16.56
C ASP C 179 18.75 -10.76 -15.49
N CYS C 180 19.64 -11.18 -14.59
CA CYS C 180 19.31 -12.20 -13.57
C CYS C 180 18.40 -11.69 -12.45
N GLY C 181 18.09 -10.39 -12.48
CA GLY C 181 17.27 -9.75 -11.46
C GLY C 181 18.00 -8.65 -10.72
N VAL C 182 17.41 -8.21 -9.61
CA VAL C 182 17.98 -7.18 -8.75
C VAL C 182 18.57 -7.85 -7.50
N ASN C 183 19.80 -7.50 -7.13
CA ASN C 183 20.41 -8.03 -5.91
C ASN C 183 20.99 -6.91 -5.07
N CYS C 184 20.78 -6.96 -3.75
CA CYS C 184 21.19 -5.91 -2.83
C CYS C 184 22.32 -6.37 -1.94
N PHE C 185 23.33 -5.51 -1.82
CA PHE C 185 24.55 -5.80 -1.11
C PHE C 185 24.81 -4.71 -0.10
N MET C 186 25.02 -5.10 1.15
CA MET C 186 25.36 -4.13 2.17
C MET C 186 26.87 -4.02 2.30
N LEU C 187 27.38 -2.79 2.29
CA LEU C 187 28.79 -2.57 2.58
C LEU C 187 29.01 -2.77 4.07
N ASP C 188 29.84 -3.75 4.40
CA ASP C 188 30.29 -3.94 5.76
C ASP C 188 31.53 -3.09 5.88
N PRO C 189 31.45 -1.94 6.58
CA PRO C 189 32.59 -1.04 6.64
C PRO C 189 33.79 -1.61 7.42
N ALA C 190 33.56 -2.66 8.21
CA ALA C 190 34.61 -3.23 9.06
C ALA C 190 35.65 -3.94 8.22
N ILE C 191 35.20 -4.49 7.08
CA ILE C 191 36.06 -5.23 6.16
C ILE C 191 35.93 -4.70 4.74
N GLY C 192 35.17 -3.62 4.54
CA GLY C 192 35.13 -2.98 3.22
C GLY C 192 34.70 -3.91 2.11
N GLU C 193 33.68 -4.71 2.37
CA GLU C 193 33.19 -5.68 1.43
C GLU C 193 31.67 -5.57 1.32
N PHE C 194 31.17 -5.58 0.08
CA PHE C 194 29.72 -5.63 -0.19
C PHE C 194 29.16 -7.02 -0.03
N ILE C 195 28.31 -7.22 0.96
CA ILE C 195 27.76 -8.51 1.31
C ILE C 195 26.39 -8.61 0.68
N LEU C 196 26.11 -9.75 0.04
CA LEU C 196 24.81 -10.00 -0.55
C LEU C 196 23.81 -10.24 0.59
N VAL C 197 22.81 -9.37 0.70
CA VAL C 197 21.83 -9.48 1.77
C VAL C 197 20.40 -9.77 1.27
N ASP C 198 20.09 -9.30 0.06
CA ASP C 198 18.79 -9.52 -0.59
C ASP C 198 18.96 -10.07 -2.00
N LYS C 199 18.48 -11.29 -2.20
CA LYS C 199 18.59 -11.94 -3.52
C LYS C 199 17.33 -11.75 -4.35
N ASP C 200 17.52 -11.45 -5.64
CA ASP C 200 16.44 -11.49 -6.62
C ASP C 200 15.20 -10.80 -6.08
N VAL C 201 15.41 -9.55 -5.67
CA VAL C 201 14.41 -8.71 -5.05
C VAL C 201 13.24 -8.39 -5.99
N LYS C 202 12.03 -8.51 -5.45
CA LYS C 202 10.84 -8.13 -6.19
C LYS C 202 10.04 -7.13 -5.36
N ILE C 203 9.66 -6.03 -5.99
CA ILE C 203 8.91 -4.98 -5.32
C ILE C 203 7.49 -5.46 -5.04
N LYS C 204 6.92 -5.00 -3.91
CA LYS C 204 5.51 -5.21 -3.59
C LYS C 204 4.62 -4.77 -4.75
N LYS C 205 3.57 -5.54 -4.98
CA LYS C 205 2.58 -5.28 -6.04
C LYS C 205 1.93 -3.89 -5.89
N LYS C 206 1.68 -3.49 -4.65
CA LYS C 206 1.07 -2.20 -4.33
C LYS C 206 1.61 -1.77 -2.97
N GLY C 207 1.93 -0.50 -2.83
CA GLY C 207 2.41 0.02 -1.55
C GLY C 207 1.43 0.90 -0.81
N LYS C 208 1.92 1.61 0.20
CA LYS C 208 1.14 2.49 1.06
C LYS C 208 1.75 3.88 1.15
N ILE C 209 2.74 4.17 0.30
CA ILE C 209 3.47 5.44 0.33
C ILE C 209 3.57 6.08 -1.05
N TYR C 210 3.39 7.38 -1.12
CA TYR C 210 3.67 8.14 -2.34
C TYR C 210 4.80 9.14 -2.05
N SER C 211 5.51 9.55 -3.11
CA SER C 211 6.73 10.34 -2.95
C SER C 211 6.95 11.35 -4.07
N LEU C 212 6.68 12.62 -3.79
CA LEU C 212 6.94 13.71 -4.73
C LEU C 212 7.06 15.03 -3.97
N ASN C 213 7.70 16.02 -4.59
CA ASN C 213 7.79 17.34 -3.98
C ASN C 213 6.46 18.07 -4.19
N GLU C 214 5.64 18.13 -3.14
CA GLU C 214 4.32 18.76 -3.25
C GLU C 214 4.38 20.27 -3.17
N GLY C 215 5.57 20.81 -2.90
CA GLY C 215 5.81 22.24 -3.07
C GLY C 215 5.56 22.76 -4.49
N TYR C 216 5.53 21.85 -5.47
CA TYR C 216 5.30 22.21 -6.86
C TYR C 216 3.84 22.02 -7.26
N ALA C 217 3.00 21.73 -6.27
CA ALA C 217 1.55 21.52 -6.44
C ALA C 217 0.86 22.48 -7.40
N LYS C 218 1.21 23.76 -7.30
CA LYS C 218 0.68 24.82 -8.15
C LYS C 218 1.00 24.57 -9.63
N ASP C 219 2.09 23.87 -9.90
CA ASP C 219 2.56 23.61 -11.27
C ASP C 219 2.04 22.32 -11.88
N PHE C 220 1.52 21.42 -11.05
CA PHE C 220 1.19 20.07 -11.49
C PHE C 220 0.18 20.06 -12.61
N ASP C 221 0.38 19.15 -13.56
CA ASP C 221 -0.65 18.82 -14.51
C ASP C 221 -1.83 18.20 -13.74
N PRO C 222 -3.03 18.18 -14.34
CA PRO C 222 -4.23 17.75 -13.62
C PRO C 222 -4.24 16.27 -13.23
N ALA C 223 -3.53 15.45 -14.01
CA ALA C 223 -3.43 14.02 -13.70
C ALA C 223 -2.71 13.79 -12.38
N VAL C 224 -1.57 14.46 -12.21
CA VAL C 224 -0.77 14.35 -10.99
C VAL C 224 -1.62 14.84 -9.82
N THR C 225 -2.22 16.01 -9.97
CA THR C 225 -3.16 16.56 -8.99
C THR C 225 -4.25 15.53 -8.59
N GLU C 226 -4.87 14.86 -9.56
CA GLU C 226 -5.90 13.90 -9.19
C GLU C 226 -5.36 12.63 -8.55
N TYR C 227 -4.20 12.17 -9.03
CA TYR C 227 -3.64 10.95 -8.47
C TYR C 227 -3.30 11.16 -7.00
N ILE C 228 -2.68 12.30 -6.71
CA ILE C 228 -2.22 12.57 -5.34
C ILE C 228 -3.42 12.76 -4.41
N GLN C 229 -4.44 13.44 -4.94
CA GLN C 229 -5.68 13.66 -4.23
C GLN C 229 -6.34 12.33 -3.84
N ARG C 230 -6.20 11.32 -4.69
CA ARG C 230 -6.70 9.97 -4.44
C ARG C 230 -5.91 9.24 -3.36
N LYS C 231 -4.64 9.63 -3.17
CA LYS C 231 -3.79 9.00 -2.16
C LYS C 231 -4.11 9.54 -0.77
N LYS C 232 -4.61 10.77 -0.73
CA LYS C 232 -4.95 11.43 0.53
C LYS C 232 -6.43 11.23 0.87
N PHE C 233 -7.27 11.30 -0.15
CA PHE C 233 -8.71 11.13 0.04
C PHE C 233 -9.18 9.98 -0.82
N PRO C 234 -8.91 8.73 -0.38
CA PRO C 234 -9.26 7.57 -1.19
C PRO C 234 -10.76 7.45 -1.47
N PRO C 235 -11.11 7.27 -2.77
CA PRO C 235 -12.46 7.11 -3.27
C PRO C 235 -13.12 5.84 -2.75
N ASP C 236 -12.33 4.82 -2.47
CA ASP C 236 -12.86 3.56 -1.91
C ASP C 236 -12.80 3.58 -0.38
N ASN C 237 -12.65 4.79 0.17
CA ASN C 237 -12.60 5.04 1.61
C ASN C 237 -11.60 4.17 2.41
N SER C 238 -10.61 3.61 1.72
CA SER C 238 -9.51 2.88 2.38
C SER C 238 -8.53 3.87 3.01
N ALA C 239 -7.57 3.34 3.78
CA ALA C 239 -6.53 4.16 4.39
C ALA C 239 -5.80 5.06 3.36
N PRO C 240 -5.58 6.35 3.71
CA PRO C 240 -4.77 7.24 2.87
C PRO C 240 -3.29 6.85 2.88
N TYR C 241 -2.60 7.05 1.75
CA TYR C 241 -1.16 6.75 1.65
C TYR C 241 -0.35 7.69 2.51
N GLY C 242 0.73 7.18 3.13
CA GLY C 242 1.69 8.04 3.80
C GLY C 242 2.45 8.86 2.78
N ALA C 243 2.92 10.03 3.18
CA ALA C 243 3.81 10.83 2.34
C ALA C 243 5.25 10.70 2.85
N ARG C 244 6.19 10.51 1.92
CA ARG C 244 7.62 10.57 2.22
C ARG C 244 8.35 11.19 1.06
N TYR C 245 9.18 12.19 1.33
CA TYR C 245 10.01 12.79 0.30
C TYR C 245 11.32 13.27 0.93
N VAL C 246 12.34 12.42 0.85
CA VAL C 246 13.68 12.79 1.31
C VAL C 246 14.23 13.95 0.47
N GLY C 247 13.98 13.93 -0.83
CA GLY C 247 14.45 14.99 -1.70
C GLY C 247 15.76 14.55 -2.32
N SER C 248 16.06 13.25 -2.18
CA SER C 248 17.24 12.66 -2.76
C SER C 248 16.80 11.39 -3.49
N MET C 249 16.94 11.39 -4.81
CA MET C 249 16.30 10.36 -5.64
C MET C 249 16.66 8.94 -5.21
N VAL C 250 17.95 8.71 -4.99
CA VAL C 250 18.46 7.42 -4.55
C VAL C 250 17.71 6.96 -3.29
N ALA C 251 17.66 7.82 -2.27
CA ALA C 251 16.96 7.48 -1.02
C ALA C 251 15.47 7.22 -1.24
N ASP C 252 14.84 8.10 -2.03
CA ASP C 252 13.40 7.96 -2.30
C ASP C 252 13.11 6.70 -3.13
N VAL C 253 13.89 6.44 -4.16
CA VAL C 253 13.71 5.22 -4.96
C VAL C 253 14.02 3.93 -4.17
N HIS C 254 15.08 3.93 -3.38
CA HIS C 254 15.39 2.74 -2.57
C HIS C 254 14.23 2.36 -1.66
N ARG C 255 13.72 3.34 -0.90
CA ARG C 255 12.56 3.13 -0.05
C ARG C 255 11.38 2.59 -0.87
N THR C 256 11.20 3.12 -2.09
CA THR C 256 10.13 2.67 -2.99
C THR C 256 10.32 1.18 -3.27
N LEU C 257 11.56 0.79 -3.59
CA LEU C 257 11.88 -0.61 -3.83
C LEU C 257 11.61 -1.53 -2.62
N VAL C 258 12.00 -1.08 -1.44
CA VAL C 258 11.96 -1.91 -0.22
C VAL C 258 10.56 -2.02 0.38
N TYR C 259 9.85 -0.89 0.41
CA TYR C 259 8.53 -0.80 1.03
C TYR C 259 7.37 -0.87 0.03
N GLY C 260 7.66 -0.56 -1.24
CA GLY C 260 6.63 -0.42 -2.24
C GLY C 260 6.05 0.98 -2.23
N GLY C 261 5.16 1.25 -3.18
CA GLY C 261 4.55 2.56 -3.35
C GLY C 261 5.04 3.21 -4.63
N ILE C 262 5.03 4.55 -4.66
CA ILE C 262 5.28 5.28 -5.88
C ILE C 262 6.17 6.53 -5.69
N PHE C 263 7.10 6.73 -6.62
CA PHE C 263 7.94 7.93 -6.65
C PHE C 263 7.61 8.75 -7.90
N LEU C 264 7.41 10.06 -7.72
CA LEU C 264 7.06 10.94 -8.83
C LEU C 264 7.97 12.14 -8.95
N TYR C 265 8.55 12.32 -10.13
CA TYR C 265 9.10 13.61 -10.49
C TYR C 265 8.56 14.08 -11.86
N PRO C 266 7.34 14.64 -11.86
CA PRO C 266 6.65 15.07 -13.08
C PRO C 266 7.14 16.45 -13.52
N ALA C 267 6.53 17.01 -14.56
CA ALA C 267 6.94 18.35 -15.01
C ALA C 267 6.39 19.52 -14.15
N ASN C 268 7.11 20.63 -14.17
CA ASN C 268 6.69 21.91 -13.61
C ASN C 268 7.25 23.05 -14.46
N LYS C 269 6.85 24.29 -14.17
CA LYS C 269 7.26 25.45 -14.98
C LYS C 269 8.78 25.66 -15.07
N LYS C 270 9.48 25.46 -13.95
CA LYS C 270 10.94 25.52 -13.91
C LYS C 270 11.59 24.33 -14.62
N SER C 271 10.88 23.19 -14.61
CA SER C 271 11.34 21.97 -15.24
C SER C 271 10.22 21.38 -16.11
N PRO C 272 10.00 21.97 -17.31
CA PRO C 272 8.85 21.66 -18.18
C PRO C 272 8.87 20.28 -18.83
N ASN C 273 10.05 19.64 -18.85
CA ASN C 273 10.19 18.24 -19.31
C ASN C 273 10.69 17.37 -18.16
N GLY C 274 10.28 17.69 -16.93
CA GLY C 274 10.81 17.04 -15.74
C GLY C 274 12.16 17.62 -15.36
N LYS C 275 12.65 17.27 -14.18
CA LYS C 275 13.91 17.79 -13.69
C LYS C 275 15.00 16.74 -13.76
N LEU C 276 14.61 15.48 -13.56
CA LEU C 276 15.55 14.37 -13.50
C LEU C 276 16.11 13.99 -14.87
N ARG C 277 17.39 13.70 -14.90
CA ARG C 277 18.13 13.42 -16.14
C ARG C 277 17.88 12.00 -16.59
N LEU C 278 17.58 11.85 -17.89
CA LEU C 278 17.19 10.54 -18.42
C LEU C 278 18.27 9.45 -18.29
N LEU C 279 19.46 9.76 -18.77
CA LEU C 279 20.52 8.78 -18.94
C LEU C 279 21.02 8.18 -17.64
N TYR C 280 21.28 9.04 -16.65
CA TYR C 280 22.00 8.64 -15.43
C TYR C 280 21.19 8.82 -14.14
N GLU C 281 19.91 9.20 -14.30
CA GLU C 281 18.96 9.12 -13.19
C GLU C 281 17.77 8.20 -13.48
N CYS C 282 16.96 8.54 -14.48
CA CYS C 282 15.72 7.80 -14.77
C CYS C 282 15.89 6.35 -15.26
N ASN C 283 16.75 6.16 -16.27
CA ASN C 283 16.90 4.84 -16.88
C ASN C 283 17.39 3.81 -15.89
N PRO C 284 18.51 4.10 -15.16
CA PRO C 284 18.98 3.10 -14.19
C PRO C 284 17.90 2.72 -13.18
N MET C 285 17.18 3.72 -12.68
CA MET C 285 16.13 3.51 -11.69
C MET C 285 14.97 2.77 -12.31
N ALA C 286 14.63 3.12 -13.54
CA ALA C 286 13.60 2.42 -14.33
C ALA C 286 13.98 0.96 -14.53
N TYR C 287 15.23 0.74 -14.95
CA TYR C 287 15.78 -0.60 -15.20
C TYR C 287 15.71 -1.45 -13.93
N VAL C 288 16.13 -0.86 -12.81
CA VAL C 288 16.04 -1.53 -11.51
C VAL C 288 14.59 -1.87 -11.23
N MET C 289 13.69 -0.88 -11.41
CA MET C 289 12.25 -1.08 -11.17
C MET C 289 11.71 -2.22 -12.01
N GLU C 290 11.95 -2.16 -13.33
CA GLU C 290 11.46 -3.20 -14.25
C GLU C 290 12.01 -4.59 -13.89
N LYS C 291 13.31 -4.67 -13.59
CA LYS C 291 13.91 -5.93 -13.19
C LYS C 291 13.33 -6.47 -11.88
N ALA C 292 12.83 -5.58 -11.03
CA ALA C 292 12.26 -5.94 -9.74
C ALA C 292 10.73 -6.13 -9.81
N GLY C 293 10.18 -6.10 -11.02
CA GLY C 293 8.73 -6.27 -11.25
C GLY C 293 7.90 -5.03 -10.94
N GLY C 294 8.56 -3.88 -10.86
CA GLY C 294 7.88 -2.60 -10.72
C GLY C 294 7.79 -1.95 -12.08
N MET C 295 7.34 -0.71 -12.12
CA MET C 295 7.22 -0.01 -13.39
C MET C 295 7.84 1.37 -13.31
N ALA C 296 8.04 1.97 -14.49
CA ALA C 296 8.58 3.30 -14.59
C ALA C 296 8.12 3.89 -15.92
N THR C 297 7.35 4.97 -15.83
CA THR C 297 6.78 5.67 -16.99
C THR C 297 7.12 7.16 -16.91
N THR C 298 7.07 7.84 -18.05
CA THR C 298 7.14 9.30 -18.11
C THR C 298 5.72 9.88 -18.13
N GLY C 299 4.73 8.99 -18.14
CA GLY C 299 3.35 9.33 -18.42
C GLY C 299 3.03 8.89 -19.84
N LYS C 300 3.75 9.44 -20.80
CA LYS C 300 3.53 9.18 -22.22
C LYS C 300 4.05 7.84 -22.72
N GLU C 301 5.04 7.28 -22.02
CA GLU C 301 5.71 6.03 -22.43
C GLU C 301 6.56 5.46 -21.31
N ALA C 302 6.99 4.20 -21.47
CA ALA C 302 7.98 3.60 -20.59
C ALA C 302 9.30 4.38 -20.65
N VAL C 303 9.86 4.66 -19.48
CA VAL C 303 11.11 5.45 -19.41
C VAL C 303 12.20 4.78 -20.25
N LEU C 304 12.23 3.45 -20.23
CA LEU C 304 13.25 2.69 -20.94
C LEU C 304 13.06 2.69 -22.47
N ASP C 305 11.93 3.20 -22.95
CA ASP C 305 11.60 3.29 -24.39
C ASP C 305 11.96 4.64 -25.02
N VAL C 306 12.27 5.61 -24.17
CA VAL C 306 12.59 6.96 -24.61
C VAL C 306 13.96 6.97 -25.28
N ILE C 307 13.99 7.41 -26.54
CA ILE C 307 15.25 7.53 -27.26
C ILE C 307 15.82 8.91 -26.97
N PRO C 308 17.03 8.93 -26.35
CA PRO C 308 17.71 10.16 -26.00
C PRO C 308 18.27 10.84 -27.23
N THR C 309 18.30 12.17 -27.20
CA THR C 309 18.97 12.95 -28.24
C THR C 309 20.04 13.87 -27.62
N ASP C 310 19.95 14.09 -26.30
CA ASP C 310 21.02 14.76 -25.56
C ASP C 310 21.38 13.95 -24.30
N ILE C 311 22.65 14.01 -23.90
CA ILE C 311 23.13 13.19 -22.79
C ILE C 311 22.66 13.70 -21.42
N HIS C 312 22.42 15.00 -21.34
CA HIS C 312 21.88 15.63 -20.13
C HIS C 312 20.39 15.96 -20.33
N GLN C 313 19.77 15.23 -21.24
CA GLN C 313 18.35 15.34 -21.49
C GLN C 313 17.60 14.99 -20.22
N ARG C 314 16.57 15.77 -19.94
CA ARG C 314 15.68 15.52 -18.81
C ARG C 314 14.46 14.74 -19.27
N ALA C 315 13.94 13.91 -18.38
CA ALA C 315 12.65 13.25 -18.58
C ALA C 315 11.85 13.32 -17.28
N PRO C 316 10.50 13.26 -17.39
CA PRO C 316 9.71 13.12 -16.17
C PRO C 316 9.71 11.66 -15.77
N VAL C 317 9.49 11.37 -14.50
CA VAL C 317 9.45 9.97 -14.09
C VAL C 317 8.40 9.72 -13.00
N ILE C 318 7.60 8.69 -13.26
CA ILE C 318 6.68 8.10 -12.31
C ILE C 318 7.09 6.62 -12.24
N LEU C 319 7.45 6.15 -11.04
CA LEU C 319 7.92 4.77 -10.87
C LEU C 319 7.50 4.12 -9.55
N GLY C 320 7.53 2.80 -9.51
CA GLY C 320 7.20 2.10 -8.29
C GLY C 320 6.47 0.82 -8.54
N SER C 321 5.71 0.40 -7.53
CA SER C 321 4.96 -0.83 -7.55
C SER C 321 4.02 -0.82 -8.75
N PRO C 322 3.82 -1.99 -9.39
CA PRO C 322 3.05 -2.01 -10.63
C PRO C 322 1.63 -1.46 -10.50
N ASP C 323 0.90 -1.84 -9.44
CA ASP C 323 -0.48 -1.36 -9.23
C ASP C 323 -0.56 0.15 -9.04
N ASP C 324 0.35 0.69 -8.23
CA ASP C 324 0.41 2.13 -8.00
C ASP C 324 0.62 2.91 -9.31
N VAL C 325 1.65 2.54 -10.06
CA VAL C 325 1.95 3.13 -11.36
C VAL C 325 0.85 2.89 -12.42
N LEU C 326 0.17 1.74 -12.36
CA LEU C 326 -0.94 1.50 -13.28
C LEU C 326 -2.07 2.45 -12.94
N GLU C 327 -2.43 2.50 -11.65
CA GLU C 327 -3.43 3.45 -11.17
C GLU C 327 -3.17 4.89 -11.64
N PHE C 328 -1.90 5.27 -11.70
CA PHE C 328 -1.54 6.62 -12.13
C PHE C 328 -1.68 6.81 -13.64
N LEU C 329 -1.31 5.79 -14.40
CA LEU C 329 -1.44 5.81 -15.84
C LEU C 329 -2.90 5.87 -16.29
N LYS C 330 -3.77 5.18 -15.54
CA LYS C 330 -5.22 5.22 -15.75
C LYS C 330 -5.84 6.58 -15.44
N VAL C 331 -5.21 7.33 -14.53
CA VAL C 331 -5.62 8.70 -14.25
C VAL C 331 -5.06 9.66 -15.30
N TYR C 332 -3.80 9.45 -15.65
CA TYR C 332 -3.17 10.19 -16.74
C TYR C 332 -3.97 9.96 -18.03
N GLU C 333 -4.40 8.72 -18.22
CA GLU C 333 -5.27 8.30 -19.32
C GLU C 333 -6.55 9.14 -19.38
N LYS C 334 -7.24 9.22 -18.23
CA LYS C 334 -8.46 10.01 -18.10
C LYS C 334 -8.21 11.46 -18.56
N HIS C 335 -7.25 12.13 -17.94
CA HIS C 335 -6.93 13.50 -18.33
C HIS C 335 -6.36 13.59 -19.75
N SER C 336 -6.52 12.47 -20.47
CA SER C 336 -6.15 12.29 -21.87
C SER C 336 -4.66 12.54 -22.08
N ALA C 337 -4.23 13.63 -22.47
N ASP D 10 41.99 26.89 15.75
CA ASP D 10 42.41 25.58 16.37
C ASP D 10 41.33 24.50 16.32
N VAL D 11 41.74 23.30 15.89
CA VAL D 11 40.88 22.13 15.91
C VAL D 11 40.25 21.91 17.29
N ASN D 12 38.96 21.59 17.30
CA ASN D 12 38.33 21.20 18.54
C ASN D 12 37.46 19.97 18.42
N THR D 13 37.43 19.24 19.52
CA THR D 13 36.71 18.00 19.60
C THR D 13 35.61 18.21 20.60
N LEU D 14 34.61 17.34 20.57
CA LEU D 14 33.50 17.42 21.49
C LEU D 14 33.97 17.37 22.94
N THR D 15 34.70 16.31 23.30
CA THR D 15 35.11 16.14 24.69
C THR D 15 35.93 17.33 25.22
N ARG D 16 36.82 17.84 24.39
CA ARG D 16 37.71 18.91 24.79
C ARG D 16 36.93 20.23 24.89
N PHE D 17 36.09 20.49 23.88
CA PHE D 17 35.19 21.64 23.89
C PHE D 17 34.39 21.68 25.19
N VAL D 18 33.75 20.57 25.53
CA VAL D 18 32.95 20.45 26.75
C VAL D 18 33.79 20.57 28.03
N MET D 19 34.98 19.97 28.03
CA MET D 19 35.91 20.10 29.17
C MET D 19 36.27 21.56 29.37
N GLU D 20 36.60 22.24 28.27
CA GLU D 20 36.97 23.65 28.30
C GLU D 20 35.84 24.57 28.77
N GLU D 21 34.63 24.32 28.26
CA GLU D 21 33.42 25.00 28.75
C GLU D 21 33.14 24.63 30.21
N GLY D 22 33.46 23.41 30.57
CA GLY D 22 33.25 22.92 31.93
C GLY D 22 34.20 23.54 32.93
N ARG D 23 35.47 23.70 32.53
CA ARG D 23 36.46 24.38 33.35
C ARG D 23 36.17 25.88 33.50
N LYS D 24 35.56 26.49 32.48
CA LYS D 24 35.15 27.89 32.50
C LYS D 24 34.00 28.15 33.49
N ALA D 25 33.06 27.21 33.54
CA ALA D 25 31.95 27.24 34.47
C ALA D 25 32.40 26.79 35.86
N ARG D 26 33.54 26.12 35.93
CA ARG D 26 34.08 25.62 37.19
C ARG D 26 33.12 24.63 37.86
N GLY D 27 32.58 23.70 37.07
CA GLY D 27 31.72 22.63 37.60
C GLY D 27 32.53 21.45 38.06
N THR D 28 31.87 20.52 38.75
CA THR D 28 32.51 19.32 39.30
C THR D 28 33.02 18.33 38.25
N GLY D 29 32.54 18.42 37.02
CA GLY D 29 32.94 17.46 35.99
C GLY D 29 31.90 16.42 35.61
N GLU D 30 30.83 16.29 36.41
CA GLU D 30 29.77 15.32 36.15
C GLU D 30 29.09 15.43 34.78
N LEU D 31 28.72 16.64 34.36
CA LEU D 31 28.12 16.86 33.03
C LEU D 31 29.07 16.45 31.89
N THR D 32 30.34 16.82 32.03
CA THR D 32 31.38 16.40 31.12
C THR D 32 31.48 14.87 31.09
N GLN D 33 31.50 14.25 32.26
CA GLN D 33 31.54 12.78 32.34
C GLN D 33 30.34 12.15 31.61
N LEU D 34 29.14 12.64 31.92
CA LEU D 34 27.91 12.19 31.28
C LEU D 34 28.00 12.32 29.75
N LEU D 35 28.39 13.50 29.28
CA LEU D 35 28.40 13.80 27.85
C LEU D 35 29.43 12.98 27.10
N ASN D 36 30.58 12.75 27.74
CA ASN D 36 31.58 11.84 27.19
C ASN D 36 31.09 10.40 27.04
N SER D 37 30.36 9.91 28.05
CA SER D 37 29.80 8.55 28.01
C SER D 37 28.71 8.43 26.95
N LEU D 38 27.87 9.46 26.86
CA LEU D 38 26.84 9.52 25.83
C LEU D 38 27.47 9.53 24.44
N CYS D 39 28.51 10.34 24.28
CA CYS D 39 29.33 10.41 23.08
C CYS D 39 29.85 9.05 22.59
N THR D 40 30.35 8.24 23.53
CA THR D 40 30.83 6.90 23.24
C THR D 40 29.73 5.94 22.77
N ALA D 41 28.57 6.00 23.43
CA ALA D 41 27.44 5.15 23.05
C ALA D 41 26.99 5.54 21.65
N VAL D 42 26.98 6.83 21.37
CA VAL D 42 26.64 7.35 20.05
C VAL D 42 27.60 6.82 18.97
N LYS D 43 28.90 6.81 19.26
CA LYS D 43 29.84 6.20 18.32
C LYS D 43 29.54 4.71 18.10
N ALA D 44 29.18 4.00 19.17
CA ALA D 44 28.83 2.60 19.04
C ALA D 44 27.51 2.42 18.28
N ILE D 45 26.56 3.34 18.49
CA ILE D 45 25.32 3.29 17.72
C ILE D 45 25.63 3.51 16.23
N SER D 46 26.35 4.58 15.92
CA SER D 46 26.80 4.85 14.57
C SER D 46 27.47 3.64 13.89
N SER D 47 28.37 2.95 14.61
CA SER D 47 29.03 1.80 14.01
C SER D 47 28.05 0.66 13.69
N ALA D 48 27.13 0.38 14.61
CA ALA D 48 26.14 -0.68 14.40
C ALA D 48 25.19 -0.33 13.27
N VAL D 49 24.79 0.94 13.23
CA VAL D 49 23.87 1.47 12.20
C VAL D 49 24.46 1.46 10.79
N ARG D 50 25.77 1.72 10.67
CA ARG D 50 26.46 1.61 9.39
C ARG D 50 26.73 0.14 9.04
N LYS D 51 26.27 -0.76 9.93
CA LYS D 51 26.34 -2.20 9.71
C LYS D 51 27.75 -2.81 9.75
N ALA D 52 28.68 -2.21 10.49
CA ALA D 52 29.98 -2.84 10.72
C ALA D 52 29.72 -4.23 11.28
N GLY D 53 30.40 -5.23 10.71
CA GLY D 53 30.25 -6.61 11.16
C GLY D 53 29.12 -7.43 10.55
N ILE D 54 28.30 -6.80 9.71
CA ILE D 54 27.18 -7.50 9.06
C ILE D 54 27.58 -8.72 8.22
N ALA D 55 28.82 -8.79 7.76
CA ALA D 55 29.28 -9.99 7.05
C ALA D 55 29.21 -11.22 7.96
N HIS D 56 29.38 -11.03 9.27
CA HIS D 56 29.29 -12.12 10.23
C HIS D 56 27.87 -12.62 10.46
N LEU D 57 26.89 -11.74 10.28
CA LEU D 57 25.51 -12.18 10.34
C LEU D 57 25.12 -12.99 9.12
N TYR D 58 25.90 -12.87 8.04
CA TYR D 58 25.61 -13.61 6.83
C TYR D 58 26.56 -14.79 6.60
N GLY D 59 27.13 -15.30 7.70
CA GLY D 59 27.95 -16.51 7.67
C GLY D 59 29.29 -16.45 6.96
N ILE D 60 29.93 -15.27 6.92
CA ILE D 60 31.31 -15.19 6.43
C ILE D 60 32.25 -16.17 7.16
N ALA D 61 32.01 -16.41 8.45
CA ALA D 61 32.83 -17.34 9.24
C ALA D 61 32.11 -18.67 9.48
N GLY D 62 31.12 -18.97 8.65
CA GLY D 62 30.20 -20.06 8.90
C GLY D 62 29.06 -19.54 9.76
N LYS D 73 17.05 -5.71 16.19
CA LYS D 73 18.12 -5.43 17.16
C LYS D 73 18.54 -3.97 17.32
N LEU D 74 18.64 -3.19 16.24
CA LEU D 74 19.29 -1.87 16.35
C LEU D 74 18.71 -0.93 17.41
N ASP D 75 17.38 -0.92 17.51
CA ASP D 75 16.70 -0.14 18.55
C ASP D 75 16.96 -0.69 19.96
N VAL D 76 17.09 -2.01 20.07
CA VAL D 76 17.40 -2.69 21.34
C VAL D 76 18.85 -2.39 21.72
N LEU D 77 19.77 -2.56 20.77
CA LEU D 77 21.20 -2.41 21.01
C LEU D 77 21.55 -0.98 21.41
N SER D 78 20.93 -0.03 20.69
CA SER D 78 21.11 1.39 20.95
C SER D 78 20.61 1.78 22.32
N ASN D 79 19.45 1.24 22.72
CA ASN D 79 18.95 1.43 24.07
C ASN D 79 19.93 0.89 25.11
N ASP D 80 20.43 -0.32 24.90
CA ASP D 80 21.44 -0.92 25.79
C ASP D 80 22.72 -0.11 25.90
N LEU D 81 23.19 0.39 24.76
CA LEU D 81 24.41 1.16 24.69
C LEU D 81 24.30 2.45 25.47
N VAL D 82 23.20 3.18 25.26
CA VAL D 82 22.97 4.45 25.94
C VAL D 82 22.75 4.23 27.44
N MET D 83 21.88 3.29 27.79
CA MET D 83 21.62 2.94 29.19
C MET D 83 22.90 2.57 29.91
N ASN D 84 23.67 1.64 29.35
CA ASN D 84 24.86 1.14 30.04
C ASN D 84 25.93 2.19 30.15
N MET D 85 26.06 3.01 29.11
CA MET D 85 27.05 4.10 29.14
C MET D 85 26.65 5.15 30.18
N LEU D 86 25.37 5.45 30.25
CA LEU D 86 24.84 6.41 31.23
C LEU D 86 24.90 5.92 32.70
N LYS D 87 24.51 4.68 32.94
CA LYS D 87 24.62 4.08 34.27
C LYS D 87 26.07 4.06 34.75
N SER D 88 26.98 3.64 33.89
CA SER D 88 28.39 3.51 34.26
C SER D 88 29.14 4.86 34.30
N SER D 89 28.45 5.95 34.01
CA SER D 89 29.09 7.27 34.00
C SER D 89 29.24 7.94 35.36
N PHE D 90 28.52 7.43 36.37
CA PHE D 90 28.43 8.03 37.71
C PHE D 90 27.86 9.44 37.67
N ALA D 91 27.14 9.78 36.61
CA ALA D 91 26.61 11.13 36.42
C ALA D 91 25.10 11.20 36.49
N THR D 92 24.44 10.04 36.44
CA THR D 92 22.97 10.04 36.33
C THR D 92 22.30 9.36 37.52
N CYS D 93 21.02 9.72 37.72
CA CYS D 93 20.18 9.11 38.75
C CYS D 93 18.88 8.59 38.18
N VAL D 94 18.38 9.24 37.13
CA VAL D 94 17.12 8.82 36.51
C VAL D 94 17.25 8.83 34.98
N LEU D 95 16.84 7.75 34.35
CA LEU D 95 16.97 7.61 32.91
C LEU D 95 15.63 7.22 32.31
N VAL D 96 15.14 8.06 31.40
CA VAL D 96 13.91 7.83 30.65
C VAL D 96 14.26 7.57 29.19
N SER D 97 13.79 6.44 28.68
CA SER D 97 13.99 6.03 27.31
C SER D 97 12.64 5.77 26.68
N GLU D 98 12.53 6.12 25.41
CA GLU D 98 11.39 5.74 24.59
C GLU D 98 11.14 4.25 24.71
N GLU D 99 12.19 3.48 24.95
CA GLU D 99 12.06 2.02 24.92
C GLU D 99 11.47 1.40 26.18
N ASP D 100 11.40 2.16 27.27
CA ASP D 100 11.09 1.61 28.58
C ASP D 100 9.98 2.37 29.28
N LYS D 101 8.89 1.66 29.57
CA LYS D 101 7.71 2.28 30.14
C LYS D 101 8.04 3.16 31.35
N HIS D 102 8.80 2.61 32.27
CA HIS D 102 9.13 3.24 33.53
C HIS D 102 10.52 3.85 33.47
N ALA D 103 10.72 4.95 34.19
CA ALA D 103 12.06 5.50 34.36
C ALA D 103 12.96 4.47 35.02
N ILE D 104 14.20 4.43 34.55
CA ILE D 104 15.23 3.58 35.17
C ILE D 104 15.89 4.41 36.25
N ILE D 105 15.90 3.89 37.47
CA ILE D 105 16.53 4.61 38.58
C ILE D 105 17.88 3.97 38.81
N VAL D 106 18.94 4.75 38.62
CA VAL D 106 20.29 4.25 38.75
C VAL D 106 20.60 3.84 40.20
N GLU D 107 21.20 2.66 40.34
CA GLU D 107 21.75 2.14 41.62
C GLU D 107 22.54 3.19 42.37
N PRO D 108 22.50 3.16 43.73
CA PRO D 108 23.11 4.21 44.54
C PRO D 108 24.61 4.36 44.34
N GLU D 109 25.31 3.23 44.14
CA GLU D 109 26.76 3.29 43.97
C GLU D 109 27.16 3.90 42.63
N LYS D 110 26.20 4.00 41.70
CA LYS D 110 26.49 4.56 40.38
C LYS D 110 25.79 5.90 40.13
N ARG D 111 25.24 6.49 41.20
CA ARG D 111 24.41 7.69 41.08
C ARG D 111 25.13 9.03 40.98
N GLY D 112 24.68 9.84 40.02
CA GLY D 112 25.10 11.23 39.91
C GLY D 112 23.88 12.11 40.02
N LYS D 113 23.96 13.34 39.53
CA LYS D 113 22.90 14.32 39.75
C LYS D 113 21.97 14.54 38.57
N TYR D 114 22.23 13.90 37.44
CA TYR D 114 21.49 14.22 36.21
C TYR D 114 20.38 13.25 35.85
N VAL D 115 19.35 13.81 35.23
CA VAL D 115 18.24 13.07 34.68
C VAL D 115 18.35 13.13 33.17
N VAL D 116 18.30 11.99 32.54
CA VAL D 116 18.49 11.95 31.10
C VAL D 116 17.28 11.28 30.48
N CYS D 117 16.71 12.00 29.51
CA CYS D 117 15.59 11.56 28.70
C CYS D 117 16.10 11.41 27.27
N PHE D 118 15.86 10.23 26.70
CA PHE D 118 16.40 9.91 25.39
C PHE D 118 15.55 8.96 24.56
N ASP D 119 15.70 9.10 23.26
CA ASP D 119 15.20 8.20 22.29
C ASP D 119 16.48 7.65 21.65
N PRO D 120 16.82 6.39 21.93
CA PRO D 120 18.10 5.84 21.46
C PRO D 120 18.18 5.64 19.95
N LEU D 121 17.06 5.30 19.30
CA LEU D 121 17.06 5.24 17.86
C LEU D 121 15.76 5.77 17.21
N ASP D 122 15.75 7.07 16.95
CA ASP D 122 14.60 7.74 16.35
C ASP D 122 14.48 7.42 14.89
N GLY D 123 13.28 7.03 14.48
CA GLY D 123 12.98 6.72 13.09
C GLY D 123 13.42 5.33 12.71
N SER D 124 13.58 4.45 13.71
CA SER D 124 14.13 3.10 13.51
C SER D 124 13.18 2.18 12.77
N SER D 125 11.88 2.48 12.86
CA SER D 125 10.85 1.73 12.14
C SER D 125 11.26 1.70 10.67
N ASN D 126 11.58 2.87 10.14
CA ASN D 126 12.06 3.02 8.78
C ASN D 126 13.61 3.01 8.68
N ILE D 127 14.22 1.97 9.26
CA ILE D 127 15.65 1.72 9.12
C ILE D 127 15.90 0.67 8.04
N ASP D 128 14.83 -0.08 7.71
CA ASP D 128 14.93 -1.13 6.73
C ASP D 128 15.10 -0.59 5.32
N CYS D 129 14.81 0.70 5.14
CA CYS D 129 15.02 1.35 3.86
C CYS D 129 16.26 2.24 3.91
N LEU D 130 17.01 2.16 5.02
CA LEU D 130 18.30 2.83 5.20
C LEU D 130 18.22 4.36 5.18
N VAL D 131 17.06 4.90 5.50
CA VAL D 131 16.92 6.33 5.64
C VAL D 131 17.57 6.75 6.96
N SER D 132 17.93 8.03 7.07
CA SER D 132 18.58 8.59 8.24
C SER D 132 17.85 8.25 9.52
N VAL D 133 18.58 7.87 10.55
CA VAL D 133 18.03 7.71 11.88
C VAL D 133 18.86 8.55 12.83
N GLY D 134 18.49 8.59 14.11
CA GLY D 134 19.19 9.47 15.04
C GLY D 134 18.99 9.09 16.49
N THR D 135 19.71 9.79 17.37
CA THR D 135 19.55 9.62 18.82
C THR D 135 19.28 10.98 19.43
N ILE D 136 18.19 11.11 20.17
CA ILE D 136 17.83 12.38 20.80
C ILE D 136 17.99 12.31 22.31
N PHE D 137 18.50 13.36 22.92
CA PHE D 137 18.72 13.38 24.36
C PHE D 137 18.39 14.74 24.95
N GLY D 138 17.92 14.73 26.20
CA GLY D 138 17.67 15.92 26.97
C GLY D 138 18.14 15.64 28.38
N ILE D 139 18.87 16.60 28.96
CA ILE D 139 19.54 16.42 30.21
C ILE D 139 19.08 17.47 31.22
N TYR D 140 18.57 17.02 32.36
CA TYR D 140 18.14 17.88 33.45
C TYR D 140 18.99 17.60 34.69
N ARG D 141 19.00 18.56 35.60
CA ARG D 141 19.57 18.42 36.92
C ARG D 141 18.41 17.95 37.81
N LYS D 142 18.64 16.96 38.67
CA LYS D 142 17.61 16.54 39.63
C LYS D 142 17.42 17.66 40.66
N LYS D 143 16.17 18.08 40.82
CA LYS D 143 15.82 19.30 41.55
C LYS D 143 15.24 19.03 42.94
N SER D 144 14.69 17.84 43.14
CA SER D 144 14.15 17.45 44.43
C SER D 144 15.26 16.86 45.28
N THR D 145 15.04 16.81 46.59
CA THR D 145 15.99 16.14 47.50
C THR D 145 15.46 14.77 47.93
N ASP D 146 14.25 14.44 47.46
CA ASP D 146 13.68 13.11 47.55
C ASP D 146 14.66 12.04 47.03
N GLU D 147 14.40 10.78 47.38
CA GLU D 147 15.03 9.67 46.67
C GLU D 147 14.71 9.86 45.17
N PRO D 148 15.66 9.52 44.27
CA PRO D 148 15.38 9.64 42.85
C PRO D 148 14.23 8.76 42.42
N SER D 149 13.43 9.26 41.49
CA SER D 149 12.21 8.62 41.03
C SER D 149 11.76 9.23 39.69
N GLU D 150 10.72 8.67 39.10
CA GLU D 150 10.16 9.19 37.84
C GLU D 150 9.82 10.67 37.89
N LYS D 151 9.30 11.12 39.03
CA LYS D 151 8.86 12.51 39.19
C LYS D 151 9.96 13.50 38.82
N ASP D 152 11.21 13.07 38.95
CA ASP D 152 12.37 13.92 38.67
C ASP D 152 12.53 14.26 37.19
N ALA D 153 12.06 13.36 36.33
CA ALA D 153 12.04 13.56 34.88
C ALA D 153 10.87 14.45 34.43
N LEU D 154 9.97 14.73 35.36
CA LEU D 154 8.76 15.52 35.07
C LEU D 154 8.99 17.02 35.22
N GLN D 155 9.90 17.53 34.39
CA GLN D 155 10.31 18.92 34.46
C GLN D 155 10.00 19.52 33.11
N PRO D 156 9.62 20.81 33.08
CA PRO D 156 9.41 21.39 31.75
C PRO D 156 10.75 21.54 31.02
N GLY D 157 10.69 21.53 29.69
CA GLY D 157 11.87 21.70 28.85
C GLY D 157 12.73 22.90 29.18
N ARG D 158 12.11 23.96 29.72
CA ARG D 158 12.82 25.15 30.22
C ARG D 158 13.94 24.82 31.24
N ASN D 159 13.80 23.73 31.98
CA ASN D 159 14.83 23.28 32.94
C ASN D 159 15.98 22.49 32.32
N LEU D 160 15.94 22.26 31.02
CA LEU D 160 17.04 21.54 30.35
C LEU D 160 18.38 22.22 30.60
N VAL D 161 19.37 21.41 30.91
CA VAL D 161 20.76 21.82 31.13
C VAL D 161 21.57 21.66 29.83
N ALA D 162 21.17 20.69 29.02
CA ALA D 162 21.83 20.32 27.77
C ALA D 162 20.87 19.42 27.05
N ALA D 163 20.97 19.43 25.72
CA ALA D 163 20.07 18.70 24.84
C ALA D 163 20.65 18.71 23.44
N GLY D 164 20.19 17.78 22.62
CA GLY D 164 20.69 17.64 21.27
C GLY D 164 20.37 16.27 20.71
N TYR D 165 21.11 15.91 19.67
CA TYR D 165 20.86 14.69 18.95
C TYR D 165 22.09 14.28 18.17
N ALA D 166 22.13 13.03 17.75
CA ALA D 166 23.12 12.58 16.81
C ALA D 166 22.30 12.16 15.62
N LEU D 167 22.75 12.53 14.44
CA LEU D 167 22.08 12.11 13.24
C LEU D 167 23.01 11.13 12.55
N TYR D 168 22.49 9.95 12.23
CA TYR D 168 23.22 8.99 11.42
C TYR D 168 22.68 9.08 10.02
N GLY D 169 23.20 10.05 9.28
CA GLY D 169 22.78 10.27 7.90
C GLY D 169 23.93 9.91 6.99
N SER D 170 24.16 10.72 5.97
CA SER D 170 25.25 10.48 5.03
C SER D 170 26.60 10.56 5.76
N ALA D 171 26.63 11.36 6.83
CA ALA D 171 27.69 11.29 7.82
C ALA D 171 27.02 11.30 9.21
N THR D 172 27.79 11.07 10.27
CA THR D 172 27.29 11.18 11.64
C THR D 172 27.69 12.49 12.30
N MET D 173 26.69 13.18 12.81
CA MET D 173 26.88 14.48 13.41
C MET D 173 26.17 14.51 14.75
N LEU D 174 26.82 15.11 15.72
CA LEU D 174 26.21 15.32 17.02
C LEU D 174 25.97 16.80 17.19
N VAL D 175 24.71 17.16 17.42
CA VAL D 175 24.35 18.54 17.66
C VAL D 175 24.08 18.67 19.16
N LEU D 176 24.82 19.57 19.80
CA LEU D 176 24.75 19.80 21.22
C LEU D 176 24.38 21.26 21.52
N ALA D 177 23.22 21.45 22.12
CA ALA D 177 22.79 22.75 22.62
C ALA D 177 22.99 22.84 24.12
N MET D 178 23.61 23.94 24.54
CA MET D 178 23.77 24.26 25.95
C MET D 178 23.48 25.73 26.14
N ASP D 179 23.74 26.28 27.32
CA ASP D 179 23.57 27.71 27.53
C ASP D 179 24.46 28.58 26.60
N CYS D 180 25.65 28.08 26.27
CA CYS D 180 26.52 28.78 25.33
C CYS D 180 26.08 28.64 23.87
N GLY D 181 24.90 28.03 23.63
CA GLY D 181 24.39 27.90 22.28
C GLY D 181 24.53 26.52 21.65
N VAL D 182 24.43 26.48 20.32
CA VAL D 182 24.37 25.23 19.58
C VAL D 182 25.68 24.98 18.85
N ASN D 183 26.28 23.82 19.09
CA ASN D 183 27.47 23.42 18.35
C ASN D 183 27.35 22.08 17.67
N CYS D 184 27.90 22.00 16.46
CA CYS D 184 27.76 20.83 15.61
C CYS D 184 29.10 20.16 15.46
N PHE D 185 29.10 18.85 15.70
CA PHE D 185 30.32 18.06 15.70
C PHE D 185 30.17 16.90 14.75
N MET D 186 31.06 16.83 13.75
CA MET D 186 31.09 15.69 12.83
C MET D 186 31.89 14.53 13.39
N LEU D 187 31.35 13.33 13.30
CA LEU D 187 32.15 12.17 13.62
C LEU D 187 33.06 11.85 12.43
N ASP D 188 34.36 11.81 12.70
CA ASP D 188 35.36 11.32 11.79
C ASP D 188 35.55 9.84 12.17
N PRO D 189 34.96 8.90 11.39
CA PRO D 189 35.02 7.47 11.58
C PRO D 189 36.43 6.90 11.51
N ALA D 190 37.35 7.60 10.86
CA ALA D 190 38.75 7.20 10.79
C ALA D 190 39.41 7.19 12.18
N ILE D 191 38.98 8.08 13.06
CA ILE D 191 39.61 8.21 14.39
C ILE D 191 38.64 8.12 15.55
N GLY D 192 37.34 8.08 15.27
CA GLY D 192 36.33 8.06 16.31
C GLY D 192 36.32 9.30 17.17
N GLU D 193 36.36 10.47 16.51
CA GLU D 193 36.27 11.77 17.17
C GLU D 193 35.24 12.68 16.53
N PHE D 194 34.47 13.34 17.39
CA PHE D 194 33.57 14.39 17.01
C PHE D 194 34.35 15.68 16.87
N ILE D 195 34.33 16.24 15.67
CA ILE D 195 35.15 17.38 15.32
C ILE D 195 34.18 18.56 15.20
N LEU D 196 34.48 19.63 15.92
CA LEU D 196 33.66 20.82 15.88
C LEU D 196 33.76 21.40 14.47
N VAL D 197 32.62 21.52 13.80
CA VAL D 197 32.57 21.96 12.41
C VAL D 197 31.64 23.16 12.17
N ASP D 198 30.71 23.37 13.10
CA ASP D 198 29.84 24.56 13.09
C ASP D 198 29.69 25.07 14.51
N LYS D 199 30.11 26.30 14.71
CA LYS D 199 30.10 26.93 16.02
C LYS D 199 28.91 27.84 16.15
N ASP D 200 28.30 27.81 17.33
CA ASP D 200 27.25 28.74 17.72
C ASP D 200 26.29 28.98 16.56
N VAL D 201 25.72 27.90 16.04
CA VAL D 201 24.88 27.96 14.85
C VAL D 201 23.57 28.65 15.16
N LYS D 202 23.11 29.42 14.18
CA LYS D 202 21.86 30.15 14.28
C LYS D 202 21.01 29.80 13.08
N ILE D 203 19.71 29.58 13.30
CA ILE D 203 18.77 29.28 12.21
C ILE D 203 18.40 30.56 11.43
N LYS D 204 18.12 30.38 10.14
CA LYS D 204 17.57 31.45 9.30
C LYS D 204 16.26 31.95 9.89
N LYS D 205 16.04 33.26 9.78
CA LYS D 205 14.80 33.91 10.24
C LYS D 205 13.57 33.41 9.45
N LYS D 206 13.76 33.10 8.18
CA LYS D 206 12.71 32.50 7.36
C LYS D 206 13.35 31.55 6.36
N GLY D 207 12.73 30.40 6.16
CA GLY D 207 13.20 29.40 5.19
C GLY D 207 12.30 29.30 3.98
N LYS D 208 12.46 28.22 3.22
CA LYS D 208 11.77 28.01 1.95
C LYS D 208 11.25 26.58 1.81
N ILE D 209 11.25 25.85 2.93
CA ILE D 209 10.84 24.46 2.95
C ILE D 209 9.86 24.24 4.10
N TYR D 210 8.84 23.42 3.86
CA TYR D 210 7.94 22.98 4.91
C TYR D 210 8.00 21.45 4.97
N SER D 211 7.73 20.90 6.15
CA SER D 211 7.97 19.48 6.40
C SER D 211 6.93 18.88 7.31
N LEU D 212 6.12 17.99 6.74
CA LEU D 212 5.08 17.27 7.47
C LEU D 212 4.62 16.13 6.59
N ASN D 213 3.96 15.14 7.19
CA ASN D 213 3.29 14.07 6.46
C ASN D 213 1.98 14.59 5.85
N GLU D 214 2.00 14.88 4.56
CA GLU D 214 0.82 15.37 3.85
C GLU D 214 -0.12 14.27 3.35
N GLY D 215 0.27 13.01 3.53
CA GLY D 215 -0.59 11.89 3.23
C GLY D 215 -1.74 11.79 4.22
N TYR D 216 -1.64 12.51 5.33
CA TYR D 216 -2.67 12.50 6.34
C TYR D 216 -3.45 13.82 6.36
N ALA D 217 -3.49 14.47 5.19
CA ALA D 217 -4.25 15.69 4.95
C ALA D 217 -5.71 15.58 5.38
N LYS D 218 -6.37 14.46 5.07
CA LYS D 218 -7.79 14.26 5.40
C LYS D 218 -8.07 14.47 6.89
N ASP D 219 -7.04 14.35 7.73
CA ASP D 219 -7.16 14.49 9.17
C ASP D 219 -6.55 15.77 9.74
N PHE D 220 -6.03 16.64 8.88
CA PHE D 220 -5.41 17.90 9.31
C PHE D 220 -6.37 18.81 10.06
N ASP D 221 -5.86 19.48 11.09
CA ASP D 221 -6.46 20.66 11.68
C ASP D 221 -6.62 21.71 10.57
N PRO D 222 -7.81 22.34 10.48
CA PRO D 222 -8.12 23.42 9.52
C PRO D 222 -7.03 24.50 9.42
N ALA D 223 -6.40 24.84 10.55
CA ALA D 223 -5.23 25.74 10.57
C ALA D 223 -4.01 25.18 9.84
N VAL D 224 -3.76 23.88 10.00
CA VAL D 224 -2.66 23.24 9.29
C VAL D 224 -2.95 23.17 7.79
N THR D 225 -4.18 22.79 7.43
CA THR D 225 -4.63 22.77 6.04
C THR D 225 -4.38 24.13 5.40
N GLU D 226 -4.78 25.20 6.07
CA GLU D 226 -4.66 26.54 5.53
C GLU D 226 -3.20 26.97 5.44
N TYR D 227 -2.44 26.69 6.50
CA TYR D 227 -1.02 27.03 6.50
C TYR D 227 -0.32 26.36 5.32
N ILE D 228 -0.59 25.08 5.12
CA ILE D 228 0.08 24.34 4.06
C ILE D 228 -0.38 24.81 2.67
N GLN D 229 -1.67 25.08 2.54
CA GLN D 229 -2.25 25.67 1.32
C GLN D 229 -1.54 26.98 0.96
N ARG D 230 -1.25 27.81 1.97
CA ARG D 230 -0.49 29.06 1.82
C ARG D 230 0.95 28.87 1.33
N LYS D 231 1.60 27.80 1.78
CA LYS D 231 2.97 27.47 1.37
C LYS D 231 3.04 26.97 -0.06
N LYS D 232 2.01 26.27 -0.52
CA LYS D 232 1.94 25.69 -1.88
C LYS D 232 1.25 26.61 -2.91
N PHE D 233 0.24 27.35 -2.47
CA PHE D 233 -0.47 28.32 -3.31
C PHE D 233 -0.49 29.69 -2.61
N PRO D 234 0.67 30.39 -2.53
CA PRO D 234 0.67 31.62 -1.74
C PRO D 234 -0.31 32.64 -2.34
N PRO D 235 -1.08 33.32 -1.47
CA PRO D 235 -2.17 34.21 -1.92
C PRO D 235 -1.67 35.38 -2.77
N ASP D 236 -0.48 35.91 -2.46
CA ASP D 236 0.20 36.82 -3.37
C ASP D 236 0.77 36.03 -4.55
N ASN D 237 1.51 36.69 -5.42
CA ASN D 237 2.01 35.99 -6.61
C ASN D 237 3.18 35.00 -6.35
N SER D 238 3.66 34.96 -5.10
CA SER D 238 5.03 34.51 -4.79
C SER D 238 5.31 33.01 -4.92
N ALA D 239 6.59 32.66 -4.93
CA ALA D 239 7.04 31.30 -5.17
C ALA D 239 6.71 30.37 -3.97
N PRO D 240 6.15 29.19 -4.26
CA PRO D 240 5.80 28.23 -3.20
C PRO D 240 7.05 27.70 -2.51
N TYR D 241 6.87 27.18 -1.30
CA TYR D 241 7.95 26.50 -0.60
C TYR D 241 8.20 25.13 -1.22
N GLY D 242 9.42 24.63 -1.07
CA GLY D 242 9.68 23.23 -1.33
C GLY D 242 9.12 22.41 -0.18
N ALA D 243 8.75 21.17 -0.47
CA ALA D 243 8.34 20.21 0.55
C ALA D 243 9.43 19.17 0.73
N ARG D 244 9.64 18.74 1.98
CA ARG D 244 10.55 17.64 2.32
C ARG D 244 10.03 16.89 3.55
N TYR D 245 9.99 15.57 3.48
CA TYR D 245 9.57 14.82 4.65
C TYR D 245 10.24 13.46 4.73
N VAL D 246 11.38 13.42 5.38
CA VAL D 246 12.15 12.18 5.50
C VAL D 246 11.34 11.15 6.25
N GLY D 247 10.65 11.61 7.29
CA GLY D 247 9.85 10.72 8.11
C GLY D 247 10.64 10.20 9.30
N SER D 248 11.82 10.79 9.52
CA SER D 248 12.60 10.55 10.71
C SER D 248 12.91 11.90 11.37
N MET D 249 12.41 12.14 12.57
CA MET D 249 12.43 13.48 13.17
C MET D 249 13.79 14.17 13.11
N VAL D 250 14.84 13.44 13.50
CA VAL D 250 16.21 13.99 13.53
C VAL D 250 16.64 14.54 12.17
N ALA D 251 16.34 13.83 11.09
CA ALA D 251 16.73 14.27 9.75
C ALA D 251 15.96 15.53 9.37
N ASP D 252 14.64 15.54 9.60
CA ASP D 252 13.80 16.70 9.27
C ASP D 252 14.11 17.93 10.12
N VAL D 253 14.35 17.72 11.42
CA VAL D 253 14.72 18.84 12.32
C VAL D 253 16.11 19.38 11.98
N HIS D 254 17.08 18.49 11.73
CA HIS D 254 18.39 18.93 11.29
C HIS D 254 18.41 19.73 9.97
N ARG D 255 17.69 19.27 8.95
CA ARG D 255 17.57 20.05 7.71
C ARG D 255 16.95 21.41 8.02
N THR D 256 15.94 21.42 8.91
CA THR D 256 15.32 22.66 9.40
C THR D 256 16.36 23.57 10.06
N LEU D 257 17.21 22.98 10.88
CA LEU D 257 18.31 23.75 11.50
C LEU D 257 19.27 24.34 10.47
N VAL D 258 19.70 23.49 9.54
CA VAL D 258 20.70 23.85 8.53
C VAL D 258 20.16 24.85 7.49
N TYR D 259 18.96 24.60 6.97
CA TYR D 259 18.43 25.36 5.82
C TYR D 259 17.27 26.28 6.16
N GLY D 260 16.69 26.10 7.34
CA GLY D 260 15.58 26.90 7.78
C GLY D 260 14.28 26.40 7.21
N GLY D 261 13.19 27.07 7.57
CA GLY D 261 11.87 26.63 7.18
C GLY D 261 11.15 26.08 8.38
N ILE D 262 10.26 25.12 8.15
CA ILE D 262 9.36 24.70 9.18
C ILE D 262 9.12 23.18 9.17
N PHE D 263 9.11 22.61 10.38
CA PHE D 263 8.77 21.21 10.59
C PHE D 263 7.51 21.19 11.42
N LEU D 264 6.57 20.35 11.02
CA LEU D 264 5.32 20.21 11.73
C LEU D 264 5.00 18.74 11.99
N TYR D 265 4.69 18.45 13.25
CA TYR D 265 3.96 17.24 13.60
C TYR D 265 2.82 17.64 14.56
N PRO D 266 1.77 18.25 14.00
CA PRO D 266 0.82 18.99 14.82
C PRO D 266 -0.28 18.11 15.39
N ALA D 267 -1.13 18.71 16.22
CA ALA D 267 -2.29 18.01 16.77
C ALA D 267 -3.40 17.96 15.74
N ASN D 268 -4.38 17.11 16.00
CA ASN D 268 -5.67 17.13 15.31
C ASN D 268 -6.70 16.44 16.19
N LYS D 269 -7.96 16.36 15.73
CA LYS D 269 -9.02 15.81 16.55
C LYS D 269 -8.84 14.33 16.92
N LYS D 270 -8.16 13.57 16.05
CA LYS D 270 -7.74 12.18 16.31
C LYS D 270 -6.49 12.07 17.18
N SER D 271 -5.64 13.10 17.15
CA SER D 271 -4.45 13.16 17.97
C SER D 271 -4.38 14.51 18.70
N PRO D 272 -5.23 14.68 19.74
CA PRO D 272 -5.31 16.01 20.37
C PRO D 272 -3.98 16.50 20.95
N ASN D 273 -3.08 15.57 21.28
CA ASN D 273 -1.73 15.91 21.75
C ASN D 273 -0.61 15.53 20.77
N GLY D 274 -0.92 15.46 19.48
CA GLY D 274 0.07 15.06 18.50
C GLY D 274 0.51 13.64 18.76
N LYS D 275 1.67 13.27 18.23
CA LYS D 275 2.16 11.91 18.34
C LYS D 275 3.61 11.80 18.81
N LEU D 276 4.39 12.88 18.66
CA LEU D 276 5.77 12.87 19.13
C LEU D 276 5.87 13.00 20.66
N ARG D 277 6.93 12.48 21.24
CA ARG D 277 7.06 12.45 22.69
C ARG D 277 7.72 13.69 23.28
N LEU D 278 7.03 14.30 24.22
CA LEU D 278 7.52 15.54 24.85
C LEU D 278 8.92 15.45 25.42
N LEU D 279 9.18 14.42 26.22
CA LEU D 279 10.38 14.43 27.05
C LEU D 279 11.67 14.18 26.28
N TYR D 280 11.64 13.29 25.30
CA TYR D 280 12.86 12.87 24.63
C TYR D 280 12.77 13.07 23.12
N GLU D 281 11.80 13.86 22.68
CA GLU D 281 11.76 14.23 21.27
C GLU D 281 11.55 15.70 21.12
N CYS D 282 10.38 16.18 21.57
CA CYS D 282 9.98 17.55 21.33
C CYS D 282 10.83 18.52 22.16
N ASN D 283 10.99 18.23 23.46
CA ASN D 283 11.83 19.10 24.31
C ASN D 283 13.26 19.30 23.82
N PRO D 284 14.00 18.19 23.56
CA PRO D 284 15.38 18.35 23.05
C PRO D 284 15.46 19.19 21.78
N MET D 285 14.54 18.99 20.85
CA MET D 285 14.52 19.74 19.61
C MET D 285 14.06 21.17 19.79
N ALA D 286 13.14 21.40 20.74
CA ALA D 286 12.73 22.77 21.10
C ALA D 286 13.89 23.54 21.70
N TYR D 287 14.67 22.85 22.53
CA TYR D 287 15.79 23.46 23.19
C TYR D 287 16.84 23.86 22.16
N VAL D 288 17.20 22.94 21.26
CA VAL D 288 18.19 23.17 20.23
C VAL D 288 17.71 24.33 19.38
N MET D 289 16.45 24.23 18.94
CA MET D 289 15.80 25.28 18.15
C MET D 289 15.90 26.66 18.80
N GLU D 290 15.48 26.76 20.05
CA GLU D 290 15.53 28.03 20.76
C GLU D 290 16.93 28.57 20.94
N LYS D 291 17.88 27.68 21.22
CA LYS D 291 19.29 28.08 21.38
C LYS D 291 19.89 28.57 20.05
N ALA D 292 19.34 28.10 18.94
CA ALA D 292 19.76 28.54 17.62
C ALA D 292 18.97 29.78 17.16
N GLY D 293 18.07 30.28 18.01
CA GLY D 293 17.23 31.42 17.64
C GLY D 293 15.98 31.09 16.82
N GLY D 294 15.57 29.82 16.83
CA GLY D 294 14.30 29.42 16.22
C GLY D 294 13.20 29.22 17.26
N MET D 295 12.00 28.88 16.79
CA MET D 295 10.86 28.67 17.67
C MET D 295 10.38 27.24 17.64
N ALA D 296 9.74 26.83 18.74
CA ALA D 296 9.11 25.52 18.87
C ALA D 296 7.84 25.68 19.71
N THR D 297 6.72 25.31 19.12
CA THR D 297 5.40 25.56 19.70
C THR D 297 4.51 24.34 19.58
N THR D 298 3.52 24.24 20.46
CA THR D 298 2.49 23.22 20.33
C THR D 298 1.33 23.82 19.54
N GLY D 299 1.34 25.15 19.43
CA GLY D 299 0.24 25.91 18.86
C GLY D 299 -0.35 26.78 19.96
N LYS D 300 -0.36 26.24 21.18
CA LYS D 300 -0.98 26.93 22.31
C LYS D 300 0.05 27.47 23.29
N GLU D 301 1.22 26.82 23.33
CA GLU D 301 2.31 27.25 24.23
C GLU D 301 3.67 26.81 23.68
N ALA D 302 4.74 27.38 24.24
CA ALA D 302 6.10 26.94 23.88
C ALA D 302 6.23 25.49 24.32
N VAL D 303 6.91 24.68 23.52
CA VAL D 303 7.13 23.29 23.86
C VAL D 303 7.84 23.20 25.22
N LEU D 304 8.86 24.03 25.40
CA LEU D 304 9.64 24.04 26.65
C LEU D 304 8.85 24.50 27.89
N ASP D 305 7.66 25.09 27.69
CA ASP D 305 6.80 25.51 28.81
C ASP D 305 5.80 24.45 29.31
N VAL D 306 5.55 23.40 28.51
CA VAL D 306 4.65 22.35 28.95
C VAL D 306 5.21 21.65 30.20
N ILE D 307 4.43 21.66 31.28
CA ILE D 307 4.74 20.82 32.45
C ILE D 307 4.25 19.39 32.18
N PRO D 308 5.18 18.44 32.06
CA PRO D 308 4.74 17.05 31.84
C PRO D 308 4.17 16.43 33.11
N THR D 309 3.16 15.57 32.96
CA THR D 309 2.52 14.80 34.04
C THR D 309 2.78 13.31 33.85
N ASP D 310 3.35 12.97 32.69
CA ASP D 310 3.65 11.58 32.33
C ASP D 310 4.92 11.61 31.47
N ILE D 311 5.90 10.77 31.81
CA ILE D 311 7.19 10.72 31.13
C ILE D 311 7.09 10.34 29.66
N HIS D 312 5.99 9.69 29.27
CA HIS D 312 5.76 9.36 27.87
C HIS D 312 4.68 10.21 27.20
N GLN D 313 4.30 11.33 27.78
CA GLN D 313 3.24 12.09 27.11
C GLN D 313 3.69 12.69 25.79
N ARG D 314 2.70 12.92 24.94
CA ARG D 314 2.93 13.46 23.62
C ARG D 314 2.72 14.97 23.64
N ALA D 315 3.35 15.64 22.70
CA ALA D 315 3.09 17.05 22.48
C ALA D 315 3.01 17.31 21.00
N PRO D 316 2.10 18.21 20.59
CA PRO D 316 2.22 18.70 19.22
C PRO D 316 3.49 19.53 19.10
N VAL D 317 4.09 19.54 17.91
CA VAL D 317 5.30 20.34 17.71
C VAL D 317 5.36 20.94 16.31
N ILE D 318 5.53 22.26 16.29
CA ILE D 318 5.77 23.01 15.08
C ILE D 318 7.00 23.81 15.38
N LEU D 319 8.04 23.66 14.57
CA LEU D 319 9.31 24.31 14.87
C LEU D 319 10.08 24.78 13.63
N GLY D 320 11.11 25.59 13.86
CA GLY D 320 11.97 26.05 12.77
C GLY D 320 12.16 27.53 12.76
N SER D 321 12.38 28.08 11.57
CA SER D 321 12.53 29.53 11.39
C SER D 321 11.41 30.30 12.09
N PRO D 322 11.77 31.30 12.92
CA PRO D 322 10.78 32.12 13.66
C PRO D 322 9.69 32.75 12.78
N ASP D 323 10.08 33.34 11.65
CA ASP D 323 9.10 33.94 10.73
C ASP D 323 8.10 32.90 10.26
N ASP D 324 8.56 31.65 10.11
CA ASP D 324 7.69 30.58 9.59
C ASP D 324 6.73 30.05 10.64
N VAL D 325 7.27 29.77 11.83
CA VAL D 325 6.46 29.43 13.00
C VAL D 325 5.46 30.58 13.32
N LEU D 326 5.94 31.82 13.36
CA LEU D 326 5.03 32.97 13.54
C LEU D 326 3.89 32.99 12.52
N GLU D 327 4.20 32.74 11.26
CA GLU D 327 3.16 32.69 10.24
C GLU D 327 2.20 31.53 10.47
N PHE D 328 2.73 30.36 10.80
CA PHE D 328 1.88 29.26 11.25
C PHE D 328 0.94 29.69 12.38
N LEU D 329 1.48 30.27 13.43
CA LEU D 329 0.68 30.67 14.60
C LEU D 329 -0.42 31.70 14.30
N LYS D 330 -0.16 32.62 13.36
CA LYS D 330 -1.19 33.56 12.90
C LYS D 330 -2.37 32.82 12.26
N VAL D 331 -2.09 31.79 11.46
CA VAL D 331 -3.13 30.94 10.90
C VAL D 331 -3.87 30.16 12.01
N TYR D 332 -3.11 29.65 12.96
CA TYR D 332 -3.67 28.90 14.08
C TYR D 332 -4.64 29.79 14.84
N GLU D 333 -4.22 31.03 15.13
CA GLU D 333 -5.06 31.97 15.85
C GLU D 333 -6.31 32.37 15.05
N LYS D 334 -6.21 32.36 13.72
CA LYS D 334 -7.38 32.58 12.85
C LYS D 334 -8.43 31.46 12.99
N HIS D 335 -8.00 30.26 13.39
CA HIS D 335 -8.92 29.11 13.48
C HIS D 335 -9.25 28.69 14.91
N SER D 336 -8.78 29.47 15.89
CA SER D 336 -9.01 29.14 17.31
C SER D 336 -10.03 30.06 17.96
N ALA D 337 -10.64 29.74 18.98
N ASP E 10 -57.09 14.70 -7.28
CA ASP E 10 -55.75 15.32 -7.46
C ASP E 10 -54.73 14.48 -6.69
N VAL E 11 -53.63 14.11 -7.38
CA VAL E 11 -52.64 13.16 -6.86
C VAL E 11 -51.81 13.70 -5.69
N ASN E 12 -51.56 12.85 -4.71
CA ASN E 12 -50.74 13.23 -3.60
C ASN E 12 -49.79 12.14 -3.14
N THR E 13 -48.63 12.58 -2.67
CA THR E 13 -47.58 11.71 -2.19
C THR E 13 -47.41 11.97 -0.70
N LEU E 14 -46.74 11.06 -0.01
CA LEU E 14 -46.50 11.22 1.42
C LEU E 14 -45.80 12.54 1.73
N THR E 15 -44.68 12.79 1.07
CA THR E 15 -43.84 13.94 1.37
C THR E 15 -44.61 15.23 1.12
N ARG E 16 -45.31 15.31 -0.01
CA ARG E 16 -46.15 16.46 -0.30
C ARG E 16 -47.35 16.59 0.65
N PHE E 17 -47.96 15.47 1.02
CA PHE E 17 -49.09 15.49 1.94
C PHE E 17 -48.65 16.07 3.28
N VAL E 18 -47.47 15.66 3.76
CA VAL E 18 -46.93 16.12 5.03
C VAL E 18 -46.52 17.61 4.98
N MET E 19 -45.83 18.01 3.91
CA MET E 19 -45.48 19.42 3.69
C MET E 19 -46.71 20.32 3.70
N GLU E 20 -47.76 19.88 3.01
CA GLU E 20 -49.05 20.60 3.02
C GLU E 20 -49.71 20.70 4.41
N GLU E 21 -49.68 19.62 5.17
CA GLU E 21 -50.26 19.63 6.52
C GLU E 21 -49.38 20.44 7.47
N GLY E 22 -48.07 20.40 7.26
CA GLY E 22 -47.13 21.21 8.01
C GLY E 22 -47.24 22.70 7.70
N ARG E 23 -47.51 23.01 6.43
CA ARG E 23 -47.78 24.38 5.96
C ARG E 23 -48.96 24.96 6.73
N LYS E 24 -50.06 24.21 6.80
CA LYS E 24 -51.26 24.58 7.55
C LYS E 24 -50.95 24.84 9.03
N ALA E 25 -50.32 23.86 9.68
CA ALA E 25 -49.98 23.95 11.12
C ALA E 25 -48.99 25.06 11.40
N ARG E 26 -48.37 25.57 10.32
CA ARG E 26 -47.35 26.60 10.40
C ARG E 26 -46.17 26.20 11.31
N GLY E 27 -45.76 24.93 11.23
CA GLY E 27 -44.58 24.45 11.97
C GLY E 27 -43.28 24.82 11.28
N THR E 28 -42.16 24.47 11.91
CA THR E 28 -40.84 24.86 11.44
C THR E 28 -40.26 23.98 10.33
N GLY E 29 -40.97 22.91 9.97
CA GLY E 29 -40.48 21.96 8.96
C GLY E 29 -39.78 20.73 9.53
N GLU E 30 -39.60 20.68 10.84
CA GLU E 30 -38.76 19.66 11.46
C GLU E 30 -39.35 18.25 11.43
N LEU E 31 -40.65 18.13 11.66
CA LEU E 31 -41.35 16.85 11.56
C LEU E 31 -41.43 16.36 10.12
N THR E 32 -41.67 17.28 9.18
CA THR E 32 -41.59 16.97 7.76
C THR E 32 -40.22 16.39 7.39
N GLN E 33 -39.14 17.02 7.86
CA GLN E 33 -37.78 16.52 7.62
C GLN E 33 -37.61 15.13 8.18
N LEU E 34 -38.12 14.91 9.38
CA LEU E 34 -37.94 13.59 10.01
C LEU E 34 -38.72 12.54 9.22
N LEU E 35 -39.95 12.87 8.85
CA LEU E 35 -40.80 11.93 8.13
C LEU E 35 -40.26 11.59 6.73
N ASN E 36 -39.79 12.60 6.00
CA ASN E 36 -39.15 12.35 4.71
C ASN E 36 -37.89 11.48 4.86
N SER E 37 -37.12 11.73 5.93
CA SER E 37 -35.95 10.89 6.28
C SER E 37 -36.36 9.45 6.61
N LEU E 38 -37.44 9.29 7.37
CA LEU E 38 -37.96 7.96 7.72
C LEU E 38 -38.44 7.23 6.46
N CYS E 39 -39.16 7.95 5.61
CA CYS E 39 -39.66 7.42 4.36
C CYS E 39 -38.56 6.90 3.43
N THR E 40 -37.44 7.62 3.36
CA THR E 40 -36.27 7.16 2.62
C THR E 40 -35.71 5.85 3.18
N ALA E 41 -35.53 5.78 4.51
CA ALA E 41 -35.12 4.53 5.15
C ALA E 41 -36.07 3.37 4.83
N VAL E 42 -37.38 3.67 4.74
CA VAL E 42 -38.41 2.63 4.55
C VAL E 42 -38.38 2.04 3.13
N LYS E 43 -38.07 2.88 2.15
CA LYS E 43 -37.85 2.42 0.77
C LYS E 43 -36.56 1.57 0.66
N ALA E 44 -35.52 1.99 1.35
CA ALA E 44 -34.29 1.20 1.42
C ALA E 44 -34.56 -0.17 2.03
N ILE E 45 -35.36 -0.19 3.10
CA ILE E 45 -35.67 -1.44 3.78
C ILE E 45 -36.54 -2.29 2.86
N SER E 46 -37.58 -1.69 2.31
CA SER E 46 -38.45 -2.40 1.37
C SER E 46 -37.61 -3.04 0.27
N SER E 47 -36.63 -2.31 -0.25
CA SER E 47 -35.83 -2.83 -1.36
C SER E 47 -34.98 -4.04 -0.96
N ALA E 48 -34.40 -3.97 0.25
CA ALA E 48 -33.64 -5.08 0.82
C ALA E 48 -34.52 -6.27 1.21
N VAL E 49 -35.74 -6.00 1.67
CA VAL E 49 -36.68 -7.05 2.12
C VAL E 49 -37.14 -7.90 0.95
N ARG E 50 -37.41 -7.24 -0.18
CA ARG E 50 -37.77 -7.88 -1.44
C ARG E 50 -36.56 -8.51 -2.11
N LYS E 51 -35.38 -8.29 -1.54
CA LYS E 51 -34.16 -9.03 -1.89
C LYS E 51 -33.51 -8.52 -3.16
N ALA E 52 -33.56 -7.20 -3.37
CA ALA E 52 -32.88 -6.57 -4.50
C ALA E 52 -31.37 -6.77 -4.34
N GLY E 53 -30.73 -7.37 -5.35
CA GLY E 53 -29.30 -7.60 -5.27
C GLY E 53 -28.87 -8.88 -4.56
N ILE E 54 -29.81 -9.75 -4.19
CA ILE E 54 -29.48 -11.07 -3.63
C ILE E 54 -28.60 -11.96 -4.54
N ALA E 55 -28.69 -11.73 -5.86
CA ALA E 55 -27.82 -12.38 -6.85
C ALA E 55 -26.33 -12.24 -6.52
N HIS E 56 -25.95 -11.07 -6.03
CA HIS E 56 -24.58 -10.79 -5.62
C HIS E 56 -24.18 -11.57 -4.37
N LEU E 57 -25.13 -11.82 -3.49
CA LEU E 57 -24.86 -12.69 -2.35
C LEU E 57 -24.54 -14.10 -2.82
N TYR E 58 -25.17 -14.51 -3.91
CA TYR E 58 -25.06 -15.88 -4.41
C TYR E 58 -24.03 -16.06 -5.51
N GLY E 59 -23.23 -15.02 -5.71
CA GLY E 59 -22.01 -15.11 -6.48
C GLY E 59 -22.15 -14.89 -7.97
N ILE E 60 -23.17 -14.13 -8.37
CA ILE E 60 -23.38 -13.80 -9.78
C ILE E 60 -22.11 -13.23 -10.43
N ALA E 61 -21.35 -12.46 -9.66
CA ALA E 61 -20.04 -11.96 -10.09
C ALA E 61 -18.93 -12.60 -9.26
N GLY E 62 -19.29 -13.60 -8.47
CA GLY E 62 -18.58 -13.92 -7.22
C GLY E 62 -17.40 -14.83 -7.35
N VAL E 71 -24.06 -8.66 3.69
CA VAL E 71 -23.89 -9.85 4.55
C VAL E 71 -24.50 -9.63 5.95
N LYS E 72 -24.78 -8.37 6.29
CA LYS E 72 -25.61 -8.03 7.46
C LYS E 72 -26.98 -8.71 7.37
N LYS E 73 -27.47 -9.25 8.50
CA LYS E 73 -28.86 -9.66 8.63
C LYS E 73 -29.76 -8.47 8.27
N LEU E 74 -30.96 -8.76 7.79
CA LEU E 74 -31.89 -7.71 7.37
C LEU E 74 -32.37 -6.80 8.49
N ASP E 75 -32.48 -7.32 9.70
CA ASP E 75 -32.93 -6.51 10.82
C ASP E 75 -31.88 -5.53 11.29
N VAL E 76 -30.60 -5.92 11.18
CA VAL E 76 -29.46 -5.03 11.46
C VAL E 76 -29.37 -3.91 10.42
N LEU E 77 -29.44 -4.26 9.14
CA LEU E 77 -29.41 -3.28 8.06
C LEU E 77 -30.60 -2.34 8.16
N SER E 78 -31.78 -2.87 8.49
CA SER E 78 -32.96 -2.02 8.68
C SER E 78 -32.75 -1.01 9.78
N ASN E 79 -32.15 -1.46 10.89
CA ASN E 79 -31.88 -0.60 12.01
C ASN E 79 -30.96 0.54 11.59
N ASP E 80 -29.87 0.17 10.91
CA ASP E 80 -28.85 1.11 10.49
C ASP E 80 -29.42 2.16 9.52
N LEU E 81 -30.29 1.71 8.61
CA LEU E 81 -30.98 2.61 7.69
C LEU E 81 -31.80 3.67 8.44
N VAL E 82 -32.72 3.24 9.28
CA VAL E 82 -33.50 4.15 10.11
C VAL E 82 -32.61 5.03 11.01
N MET E 83 -31.69 4.41 11.75
CA MET E 83 -30.75 5.16 12.59
C MET E 83 -30.01 6.23 11.80
N ASN E 84 -29.34 5.86 10.71
CA ASN E 84 -28.55 6.83 9.97
C ASN E 84 -29.41 7.94 9.36
N MET E 85 -30.53 7.56 8.74
CA MET E 85 -31.46 8.54 8.21
C MET E 85 -32.07 9.48 9.27
N LEU E 86 -32.39 8.95 10.44
CA LEU E 86 -32.97 9.79 11.49
C LEU E 86 -31.95 10.72 12.15
N LYS E 87 -30.75 10.19 12.41
CA LYS E 87 -29.64 10.97 12.93
C LYS E 87 -29.36 12.15 12.00
N SER E 88 -29.10 11.84 10.73
CA SER E 88 -28.78 12.88 9.74
C SER E 88 -29.96 13.79 9.35
N SER E 89 -31.11 13.62 9.99
CA SER E 89 -32.30 14.42 9.65
C SER E 89 -32.31 15.83 10.27
N PHE E 90 -31.40 16.05 11.23
CA PHE E 90 -31.40 17.25 12.08
C PHE E 90 -32.75 17.51 12.76
N ALA E 91 -33.46 16.45 13.13
CA ALA E 91 -34.82 16.54 13.65
C ALA E 91 -35.08 15.74 14.91
N THR E 92 -34.12 14.87 15.27
CA THR E 92 -34.27 13.97 16.40
C THR E 92 -33.19 14.18 17.44
N CYS E 93 -33.50 13.79 18.67
CA CYS E 93 -32.52 13.86 19.74
C CYS E 93 -32.35 12.50 20.42
N VAL E 94 -33.40 11.70 20.49
CA VAL E 94 -33.31 10.37 21.14
C VAL E 94 -33.96 9.33 20.23
N LEU E 95 -33.24 8.24 20.01
CA LEU E 95 -33.68 7.18 19.11
C LEU E 95 -33.68 5.85 19.84
N VAL E 96 -34.86 5.25 19.93
CA VAL E 96 -35.05 3.99 20.64
C VAL E 96 -35.51 2.94 19.63
N SER E 97 -34.74 1.86 19.54
CA SER E 97 -34.91 0.79 18.59
C SER E 97 -34.89 -0.58 19.29
N GLU E 98 -35.75 -1.49 18.82
CA GLU E 98 -35.71 -2.90 19.19
C GLU E 98 -34.30 -3.47 19.03
N GLU E 99 -33.63 -3.04 17.97
CA GLU E 99 -32.33 -3.59 17.66
C GLU E 99 -31.26 -3.05 18.60
N ASP E 100 -31.08 -1.73 18.63
CA ASP E 100 -30.13 -1.11 19.56
C ASP E 100 -30.51 -1.34 21.03
N LYS E 101 -29.54 -1.19 21.91
CA LYS E 101 -29.80 -1.47 23.33
C LYS E 101 -30.53 -0.33 24.04
N HIS E 102 -30.15 0.89 23.70
CA HIS E 102 -30.53 1.96 24.57
C HIS E 102 -31.47 2.93 23.94
N ALA E 103 -31.41 4.14 24.48
CA ALA E 103 -31.74 5.30 23.74
C ALA E 103 -30.40 5.64 23.08
N ILE E 104 -30.43 5.90 21.77
CA ILE E 104 -29.29 6.54 21.15
C ILE E 104 -29.53 8.02 21.35
N ILE E 105 -28.52 8.70 21.88
CA ILE E 105 -28.59 10.13 22.06
C ILE E 105 -27.86 10.77 20.88
N VAL E 106 -28.59 11.55 20.09
CA VAL E 106 -28.03 12.16 18.88
C VAL E 106 -27.00 13.27 19.22
N GLU E 107 -25.86 13.25 18.53
CA GLU E 107 -24.82 14.25 18.74
C GLU E 107 -25.39 15.68 18.63
N PRO E 108 -24.83 16.62 19.41
CA PRO E 108 -25.39 17.98 19.52
C PRO E 108 -25.57 18.72 18.19
N GLU E 109 -24.62 18.58 17.27
CA GLU E 109 -24.67 19.26 15.98
C GLU E 109 -25.86 18.82 15.14
N LYS E 110 -26.34 17.61 15.40
CA LYS E 110 -27.37 16.95 14.60
C LYS E 110 -28.73 16.97 15.30
N ARG E 111 -28.78 17.54 16.50
CA ARG E 111 -29.97 17.45 17.35
C ARG E 111 -31.17 18.23 16.88
N GLY E 112 -32.34 17.64 17.07
CA GLY E 112 -33.62 18.27 16.82
C GLY E 112 -34.59 17.90 17.92
N LYS E 113 -35.86 18.22 17.73
CA LYS E 113 -36.83 18.17 18.84
C LYS E 113 -37.56 16.87 19.13
N TYR E 114 -37.35 15.84 18.30
CA TYR E 114 -38.17 14.65 18.38
C TYR E 114 -37.46 13.42 18.93
N VAL E 115 -38.27 12.54 19.50
CA VAL E 115 -37.84 11.28 20.05
C VAL E 115 -38.56 10.24 19.19
N VAL E 116 -37.83 9.26 18.70
CA VAL E 116 -38.43 8.23 17.86
C VAL E 116 -38.15 6.86 18.45
N CYS E 117 -39.22 6.09 18.65
CA CYS E 117 -39.18 4.71 19.08
C CYS E 117 -39.65 3.87 17.92
N PHE E 118 -38.85 2.90 17.52
CA PHE E 118 -39.18 2.12 16.35
C PHE E 118 -38.75 0.66 16.45
N ASP E 119 -39.51 -0.20 15.76
CA ASP E 119 -39.07 -1.56 15.50
C ASP E 119 -38.83 -1.64 13.99
N PRO E 120 -37.54 -1.60 13.59
CA PRO E 120 -37.18 -1.42 12.18
C PRO E 120 -37.57 -2.61 11.32
N LEU E 121 -37.58 -3.80 11.91
CA LEU E 121 -38.07 -4.99 11.20
C LEU E 121 -38.87 -5.90 12.10
N ASP E 122 -40.13 -5.53 12.29
CA ASP E 122 -41.00 -6.31 13.13
C ASP E 122 -41.41 -7.59 12.42
N GLY E 123 -41.43 -8.68 13.18
CA GLY E 123 -41.76 -10.00 12.64
C GLY E 123 -40.61 -10.67 11.95
N SER E 124 -39.42 -10.07 12.05
CA SER E 124 -38.21 -10.55 11.36
C SER E 124 -37.80 -11.94 11.82
N SER E 125 -38.04 -12.25 13.10
CA SER E 125 -37.69 -13.57 13.63
C SER E 125 -38.10 -14.68 12.65
N ASN E 126 -39.26 -14.52 12.03
CA ASN E 126 -39.78 -15.50 11.07
C ASN E 126 -39.61 -15.16 9.58
N ILE E 127 -38.66 -14.28 9.23
CA ILE E 127 -38.50 -13.83 7.83
C ILE E 127 -38.02 -14.94 6.87
N ASP E 128 -37.52 -16.03 7.44
CA ASP E 128 -37.06 -17.22 6.70
C ASP E 128 -38.15 -17.84 5.81
N CYS E 129 -39.42 -17.60 6.13
CA CYS E 129 -40.52 -18.21 5.40
C CYS E 129 -41.30 -17.16 4.61
N LEU E 130 -40.68 -15.99 4.45
CA LEU E 130 -41.22 -14.91 3.60
C LEU E 130 -42.56 -14.32 4.06
N VAL E 131 -42.91 -14.61 5.32
CA VAL E 131 -43.98 -13.95 6.07
C VAL E 131 -43.75 -12.46 5.95
N SER E 132 -44.85 -11.73 5.80
CA SER E 132 -44.83 -10.29 5.79
C SER E 132 -44.13 -9.74 7.04
N VAL E 133 -43.35 -8.68 6.83
CA VAL E 133 -42.66 -7.98 7.92
C VAL E 133 -42.99 -6.48 7.84
N GLY E 134 -42.52 -5.69 8.79
CA GLY E 134 -42.85 -4.28 8.80
C GLY E 134 -42.00 -3.47 9.72
N THR E 135 -42.08 -2.15 9.55
CA THR E 135 -41.42 -1.18 10.43
C THR E 135 -42.52 -0.44 11.20
N ILE E 136 -42.34 -0.32 12.50
CA ILE E 136 -43.31 0.40 13.35
C ILE E 136 -42.56 1.56 13.95
N PHE E 137 -43.19 2.70 14.05
CA PHE E 137 -42.52 3.85 14.63
C PHE E 137 -43.50 4.72 15.40
N GLY E 138 -42.99 5.38 16.44
CA GLY E 138 -43.72 6.36 17.21
C GLY E 138 -42.86 7.61 17.41
N ILE E 139 -43.44 8.78 17.19
CA ILE E 139 -42.68 10.01 17.31
C ILE E 139 -43.22 10.85 18.46
N TYR E 140 -42.33 11.29 19.36
CA TYR E 140 -42.69 12.20 20.45
C TYR E 140 -41.87 13.46 20.35
N ARG E 141 -42.41 14.55 20.87
CA ARG E 141 -41.61 15.76 21.07
C ARG E 141 -40.84 15.59 22.38
N LYS E 142 -39.56 15.94 22.39
CA LYS E 142 -38.82 16.05 23.65
C LYS E 142 -39.61 17.06 24.48
N LYS E 143 -40.00 16.68 25.69
CA LYS E 143 -40.89 17.51 26.52
C LYS E 143 -40.14 18.45 27.48
N SER E 144 -38.85 18.26 27.63
CA SER E 144 -38.07 19.16 28.46
C SER E 144 -36.76 19.55 27.79
N THR E 145 -36.17 20.62 28.31
CA THR E 145 -34.91 21.14 27.81
C THR E 145 -33.69 20.47 28.45
N ASP E 146 -33.91 19.48 29.31
CA ASP E 146 -32.82 18.75 29.93
C ASP E 146 -31.92 18.12 28.88
N GLU E 147 -30.66 17.85 29.23
CA GLU E 147 -29.79 17.03 28.40
C GLU E 147 -30.57 15.77 28.02
N PRO E 148 -30.66 15.46 26.71
CA PRO E 148 -31.50 14.35 26.24
C PRO E 148 -31.08 13.00 26.83
N SER E 149 -32.07 12.16 27.11
CA SER E 149 -31.80 10.82 27.64
C SER E 149 -32.98 9.88 27.43
N GLU E 150 -32.79 8.61 27.84
CA GLU E 150 -33.80 7.57 27.82
C GLU E 150 -35.15 8.04 28.35
N LYS E 151 -35.11 8.92 29.34
CA LYS E 151 -36.32 9.40 30.00
C LYS E 151 -37.24 10.23 29.08
N ASP E 152 -36.66 10.82 28.04
CA ASP E 152 -37.43 11.51 27.00
C ASP E 152 -38.22 10.54 26.11
N ALA E 153 -37.82 9.27 26.12
CA ALA E 153 -38.56 8.25 25.40
C ALA E 153 -39.58 7.55 26.29
N LEU E 154 -39.62 7.92 27.57
CA LEU E 154 -40.52 7.26 28.53
C LEU E 154 -41.83 8.00 28.70
N GLN E 155 -42.41 8.43 27.57
CA GLN E 155 -43.68 9.14 27.56
C GLN E 155 -44.80 8.14 27.36
N PRO E 156 -45.99 8.42 27.92
CA PRO E 156 -47.15 7.59 27.55
C PRO E 156 -47.54 7.88 26.10
N GLY E 157 -48.14 6.89 25.44
CA GLY E 157 -48.49 6.98 24.03
C GLY E 157 -49.48 8.08 23.67
N ARG E 158 -50.28 8.52 24.64
CA ARG E 158 -51.14 9.68 24.47
C ARG E 158 -50.32 10.86 23.95
N ASN E 159 -49.02 10.86 24.27
CA ASN E 159 -48.13 11.97 23.92
C ASN E 159 -47.56 11.94 22.50
N LEU E 160 -47.79 10.83 21.80
CA LEU E 160 -47.28 10.68 20.45
C LEU E 160 -47.68 11.87 19.57
N VAL E 161 -46.73 12.32 18.76
CA VAL E 161 -46.94 13.40 17.81
C VAL E 161 -47.36 12.78 16.47
N ALA E 162 -46.76 11.64 16.15
CA ALA E 162 -47.11 10.83 15.00
C ALA E 162 -46.67 9.41 15.28
N ALA E 163 -47.30 8.47 14.57
CA ALA E 163 -46.93 7.07 14.66
C ALA E 163 -47.49 6.34 13.46
N GLY E 164 -46.96 5.16 13.22
CA GLY E 164 -47.42 4.36 12.11
C GLY E 164 -46.54 3.16 11.87
N TYR E 165 -46.64 2.64 10.65
CA TYR E 165 -45.87 1.49 10.25
C TYR E 165 -45.73 1.41 8.75
N ALA E 166 -44.66 0.78 8.29
CA ALA E 166 -44.54 0.34 6.91
C ALA E 166 -44.69 -1.16 6.94
N LEU E 167 -45.62 -1.66 6.15
CA LEU E 167 -45.84 -3.09 5.99
C LEU E 167 -45.24 -3.52 4.65
N TYR E 168 -44.27 -4.43 4.71
CA TYR E 168 -43.68 -5.06 3.54
C TYR E 168 -44.40 -6.37 3.29
N GLY E 169 -45.59 -6.28 2.72
CA GLY E 169 -46.41 -7.47 2.41
C GLY E 169 -46.41 -7.76 0.93
N SER E 170 -47.58 -8.07 0.38
CA SER E 170 -47.68 -8.27 -1.07
C SER E 170 -47.28 -6.97 -1.80
N ALA E 171 -47.62 -5.83 -1.21
CA ALA E 171 -47.04 -4.55 -1.59
C ALA E 171 -46.53 -3.87 -0.31
N THR E 172 -45.81 -2.76 -0.47
CA THR E 172 -45.34 -1.95 0.65
C THR E 172 -46.24 -0.76 0.86
N MET E 173 -46.80 -0.68 2.07
CA MET E 173 -47.63 0.45 2.43
C MET E 173 -47.12 1.17 3.66
N LEU E 174 -47.26 2.49 3.65
CA LEU E 174 -47.02 3.27 4.82
C LEU E 174 -48.35 3.75 5.35
N VAL E 175 -48.62 3.44 6.61
CA VAL E 175 -49.79 3.93 7.32
C VAL E 175 -49.30 4.98 8.31
N LEU E 176 -49.77 6.21 8.13
CA LEU E 176 -49.34 7.32 8.94
C LEU E 176 -50.51 7.91 9.69
N ALA E 177 -50.36 7.94 11.01
CA ALA E 177 -51.33 8.48 11.94
C ALA E 177 -50.75 9.74 12.57
N MET E 178 -51.52 10.82 12.45
CA MET E 178 -51.22 12.08 13.12
C MET E 178 -52.52 12.65 13.66
N ASP E 179 -52.47 13.89 14.14
CA ASP E 179 -53.67 14.52 14.66
C ASP E 179 -54.79 14.52 13.63
N CYS E 180 -54.44 14.73 12.37
CA CYS E 180 -55.42 14.85 11.28
C CYS E 180 -56.04 13.52 10.87
N GLY E 181 -55.65 12.44 11.54
CA GLY E 181 -56.21 11.11 11.28
C GLY E 181 -55.17 10.13 10.74
N VAL E 182 -55.67 9.08 10.12
CA VAL E 182 -54.85 8.00 9.56
C VAL E 182 -54.91 8.04 8.04
N ASN E 183 -53.74 8.05 7.40
CA ASN E 183 -53.64 8.08 5.95
C ASN E 183 -52.69 7.01 5.44
N CYS E 184 -53.11 6.28 4.40
CA CYS E 184 -52.37 5.14 3.89
C CYS E 184 -51.79 5.43 2.53
N PHE E 185 -50.51 5.14 2.41
CA PHE E 185 -49.71 5.44 1.25
C PHE E 185 -49.12 4.17 0.66
N MET E 186 -49.27 4.01 -0.63
CA MET E 186 -48.72 2.82 -1.27
C MET E 186 -47.41 3.17 -1.93
N LEU E 187 -46.37 2.38 -1.65
CA LEU E 187 -45.09 2.56 -2.33
C LEU E 187 -45.16 2.08 -3.78
N ASP E 188 -44.88 3.00 -4.71
CA ASP E 188 -44.78 2.63 -6.11
C ASP E 188 -43.30 2.35 -6.34
N PRO E 189 -42.94 1.06 -6.51
CA PRO E 189 -41.52 0.75 -6.66
C PRO E 189 -40.98 1.16 -8.04
N ALA E 190 -41.88 1.51 -8.96
CA ALA E 190 -41.46 1.98 -10.29
C ALA E 190 -40.76 3.31 -10.18
N ILE E 191 -41.19 4.13 -9.21
CA ILE E 191 -40.72 5.50 -9.04
C ILE E 191 -40.25 5.84 -7.62
N GLY E 192 -40.47 4.94 -6.66
CA GLY E 192 -40.07 5.15 -5.28
C GLY E 192 -40.77 6.32 -4.61
N GLU E 193 -42.09 6.35 -4.75
CA GLU E 193 -42.90 7.37 -4.12
C GLU E 193 -44.05 6.71 -3.37
N PHE E 194 -44.32 7.16 -2.15
CA PHE E 194 -45.54 6.75 -1.46
C PHE E 194 -46.71 7.55 -1.98
N ILE E 195 -47.67 6.85 -2.53
CA ILE E 195 -48.80 7.47 -3.17
C ILE E 195 -49.97 7.33 -2.21
N LEU E 196 -50.61 8.45 -1.88
CA LEU E 196 -51.80 8.46 -1.04
C LEU E 196 -52.96 7.72 -1.72
N VAL E 197 -53.42 6.65 -1.07
CA VAL E 197 -54.43 5.76 -1.65
C VAL E 197 -55.68 5.60 -0.76
N ASP E 198 -55.55 6.01 0.50
CA ASP E 198 -56.60 5.82 1.51
C ASP E 198 -56.49 6.97 2.49
N LYS E 199 -57.41 7.92 2.37
CA LYS E 199 -57.40 9.14 3.18
C LYS E 199 -58.28 9.00 4.42
N ASP E 200 -57.85 9.60 5.52
CA ASP E 200 -58.66 9.67 6.74
C ASP E 200 -59.38 8.35 7.03
N VAL E 201 -58.61 7.28 7.14
CA VAL E 201 -59.14 5.93 7.21
C VAL E 201 -59.72 5.66 8.61
N LYS E 202 -60.87 4.96 8.63
CA LYS E 202 -61.55 4.61 9.89
C LYS E 202 -61.80 3.10 9.96
N ILE E 203 -61.55 2.49 11.11
CA ILE E 203 -61.77 1.05 11.28
C ILE E 203 -63.28 0.73 11.33
N LYS E 204 -63.65 -0.47 10.89
CA LYS E 204 -65.02 -0.97 11.11
C LYS E 204 -65.34 -0.92 12.60
N LYS E 205 -66.61 -0.66 12.88
CA LYS E 205 -67.16 -0.68 14.22
C LYS E 205 -67.10 -2.11 14.83
N LYS E 206 -67.34 -3.10 13.98
CA LYS E 206 -67.28 -4.51 14.39
C LYS E 206 -66.81 -5.33 13.19
N GLY E 207 -65.93 -6.30 13.44
CA GLY E 207 -65.43 -7.18 12.39
C GLY E 207 -65.82 -8.63 12.60
N LYS E 208 -65.18 -9.53 11.85
CA LYS E 208 -65.54 -10.95 11.87
C LYS E 208 -64.31 -11.85 11.99
N ILE E 209 -63.20 -11.26 12.41
CA ILE E 209 -61.96 -11.98 12.50
C ILE E 209 -61.35 -11.67 13.86
N TYR E 210 -60.87 -12.73 14.51
CA TYR E 210 -60.07 -12.60 15.71
C TYR E 210 -58.66 -13.11 15.40
N SER E 211 -57.67 -12.53 16.05
CA SER E 211 -56.28 -12.85 15.74
C SER E 211 -55.42 -12.96 16.99
N LEU E 212 -54.93 -14.17 17.24
CA LEU E 212 -54.00 -14.44 18.34
C LEU E 212 -53.36 -15.81 18.18
N ASN E 213 -52.20 -16.00 18.79
CA ASN E 213 -51.60 -17.32 18.86
C ASN E 213 -52.41 -18.23 19.79
N GLU E 214 -53.35 -18.99 19.23
CA GLU E 214 -54.11 -19.96 20.01
C GLU E 214 -53.25 -21.16 20.38
N GLY E 215 -52.04 -21.21 19.84
CA GLY E 215 -51.10 -22.29 20.13
C GLY E 215 -50.92 -22.44 21.62
N TYR E 216 -50.86 -21.29 22.30
CA TYR E 216 -50.61 -21.22 23.73
C TYR E 216 -51.91 -21.06 24.55
N ALA E 217 -52.91 -21.86 24.17
CA ALA E 217 -54.23 -21.87 24.81
C ALA E 217 -54.23 -22.32 26.28
N LYS E 218 -53.34 -23.26 26.63
CA LYS E 218 -53.25 -23.74 28.01
C LYS E 218 -52.81 -22.66 29.01
N ASP E 219 -52.13 -21.63 28.51
CA ASP E 219 -51.61 -20.53 29.32
C ASP E 219 -52.53 -19.33 29.40
N PHE E 220 -53.57 -19.31 28.57
CA PHE E 220 -54.50 -18.20 28.53
C PHE E 220 -55.07 -17.83 29.90
N ASP E 221 -55.24 -16.53 30.09
CA ASP E 221 -56.09 -15.98 31.12
C ASP E 221 -57.50 -16.53 30.86
N PRO E 222 -58.23 -16.92 31.93
CA PRO E 222 -59.62 -17.35 31.78
C PRO E 222 -60.48 -16.38 30.97
N ALA E 223 -60.20 -15.08 31.06
CA ALA E 223 -60.90 -14.08 30.25
C ALA E 223 -60.72 -14.34 28.76
N VAL E 224 -59.48 -14.61 28.36
CA VAL E 224 -59.14 -14.81 26.96
C VAL E 224 -59.72 -16.12 26.42
N THR E 225 -59.58 -17.20 27.18
CA THR E 225 -60.29 -18.44 26.88
C THR E 225 -61.77 -18.21 26.57
N GLU E 226 -62.48 -17.49 27.44
CA GLU E 226 -63.94 -17.32 27.26
C GLU E 226 -64.27 -16.40 26.09
N TYR E 227 -63.47 -15.37 25.88
CA TYR E 227 -63.67 -14.50 24.72
C TYR E 227 -63.54 -15.30 23.40
N ILE E 228 -62.45 -16.05 23.25
CA ILE E 228 -62.18 -16.79 22.00
C ILE E 228 -63.23 -17.88 21.74
N GLN E 229 -63.62 -18.58 22.81
CA GLN E 229 -64.77 -19.51 22.80
C GLN E 229 -66.05 -18.90 22.25
N ARG E 230 -66.29 -17.64 22.57
CA ARG E 230 -67.47 -16.96 22.07
C ARG E 230 -67.32 -16.50 20.60
N LYS E 231 -66.08 -16.49 20.11
CA LYS E 231 -65.84 -16.16 18.71
C LYS E 231 -66.11 -17.38 17.84
N LYS E 232 -65.85 -18.57 18.41
CA LYS E 232 -65.95 -19.85 17.71
C LYS E 232 -67.29 -20.53 17.94
N PHE E 233 -67.88 -20.29 19.11
CA PHE E 233 -69.17 -20.86 19.50
C PHE E 233 -70.06 -19.75 20.06
N PRO E 234 -70.54 -18.84 19.19
CA PRO E 234 -71.40 -17.81 19.73
C PRO E 234 -72.70 -18.40 20.30
N PRO E 235 -73.15 -17.92 21.47
CA PRO E 235 -74.42 -18.36 22.03
C PRO E 235 -75.59 -17.86 21.19
N ASP E 236 -75.50 -16.60 20.73
CA ASP E 236 -76.58 -15.98 19.95
C ASP E 236 -76.81 -16.60 18.55
N ASN E 237 -76.08 -17.69 18.27
CA ASN E 237 -76.13 -18.41 16.98
C ASN E 237 -75.83 -17.63 15.69
N SER E 238 -75.16 -16.47 15.80
CA SER E 238 -74.60 -15.81 14.61
C SER E 238 -73.40 -16.62 14.11
N ALA E 239 -72.90 -16.30 12.92
CA ALA E 239 -71.76 -17.00 12.35
C ALA E 239 -70.53 -16.80 13.23
N PRO E 240 -69.75 -17.88 13.45
CA PRO E 240 -68.45 -17.71 14.11
C PRO E 240 -67.53 -16.74 13.36
N TYR E 241 -66.64 -16.08 14.10
CA TYR E 241 -65.56 -15.29 13.50
C TYR E 241 -64.56 -16.16 12.76
N GLY E 242 -63.90 -15.59 11.77
CA GLY E 242 -62.78 -16.25 11.12
C GLY E 242 -61.53 -15.99 11.93
N ALA E 243 -60.61 -16.95 11.93
CA ALA E 243 -59.35 -16.81 12.61
C ALA E 243 -58.25 -16.52 11.61
N ARG E 244 -57.45 -15.52 11.91
CA ARG E 244 -56.21 -15.27 11.17
C ARG E 244 -55.10 -14.92 12.14
N TYR E 245 -53.96 -15.57 11.99
CA TYR E 245 -52.79 -15.18 12.76
C TYR E 245 -51.52 -15.26 11.92
N VAL E 246 -51.08 -14.12 11.40
CA VAL E 246 -49.88 -14.10 10.56
C VAL E 246 -48.64 -14.40 11.42
N GLY E 247 -48.60 -13.85 12.63
CA GLY E 247 -47.47 -14.04 13.54
C GLY E 247 -46.51 -12.87 13.43
N SER E 248 -46.89 -11.91 12.62
CA SER E 248 -46.13 -10.72 12.38
C SER E 248 -47.06 -9.57 12.71
N MET E 249 -46.71 -8.77 13.73
CA MET E 249 -47.63 -7.78 14.28
C MET E 249 -48.17 -6.78 13.26
N VAL E 250 -47.29 -6.25 12.42
CA VAL E 250 -47.69 -5.25 11.43
C VAL E 250 -48.76 -5.83 10.50
N ALA E 251 -48.56 -7.07 10.09
CA ALA E 251 -49.45 -7.70 9.13
C ALA E 251 -50.84 -7.91 9.72
N ASP E 252 -50.89 -8.57 10.89
CA ASP E 252 -52.14 -8.79 11.62
C ASP E 252 -52.86 -7.50 12.00
N VAL E 253 -52.11 -6.48 12.41
CA VAL E 253 -52.72 -5.20 12.77
C VAL E 253 -53.24 -4.43 11.53
N HIS E 254 -52.49 -4.45 10.44
CA HIS E 254 -52.99 -3.85 9.20
C HIS E 254 -54.30 -4.48 8.71
N ARG E 255 -54.35 -5.81 8.70
CA ARG E 255 -55.57 -6.54 8.38
C ARG E 255 -56.68 -6.12 9.33
N THR E 256 -56.35 -5.96 10.61
CA THR E 256 -57.32 -5.52 11.61
C THR E 256 -57.85 -4.13 11.23
N LEU E 257 -56.96 -3.24 10.84
CA LEU E 257 -57.37 -1.90 10.38
C LEU E 257 -58.32 -1.94 9.17
N VAL E 258 -57.98 -2.77 8.20
CA VAL E 258 -58.63 -2.76 6.90
C VAL E 258 -59.91 -3.58 6.93
N TYR E 259 -59.87 -4.72 7.59
CA TYR E 259 -61.02 -5.63 7.58
C TYR E 259 -61.84 -5.60 8.86
N GLY E 260 -61.35 -4.89 9.86
CA GLY E 260 -62.00 -4.87 11.17
C GLY E 260 -61.74 -6.16 11.92
N GLY E 261 -62.24 -6.22 13.15
CA GLY E 261 -62.01 -7.36 14.02
C GLY E 261 -61.02 -7.07 15.14
N ILE E 262 -60.39 -8.10 15.65
CA ILE E 262 -59.64 -7.96 16.89
C ILE E 262 -58.29 -8.69 16.84
N PHE E 263 -57.26 -8.02 17.35
CA PHE E 263 -55.94 -8.62 17.51
C PHE E 263 -55.60 -8.65 19.00
N LEU E 264 -55.04 -9.78 19.44
CA LEU E 264 -54.71 -9.97 20.85
C LEU E 264 -53.30 -10.56 21.05
N TYR E 265 -52.49 -9.88 21.85
CA TYR E 265 -51.31 -10.49 22.45
C TYR E 265 -51.42 -10.20 23.94
N PRO E 266 -52.26 -10.97 24.64
CA PRO E 266 -52.64 -10.60 25.99
C PRO E 266 -51.67 -11.12 27.04
N ALA E 267 -51.85 -10.65 28.27
CA ALA E 267 -51.15 -11.17 29.42
C ALA E 267 -51.64 -12.58 29.72
N ASN E 268 -50.80 -13.34 30.41
CA ASN E 268 -51.18 -14.65 30.93
C ASN E 268 -50.44 -14.95 32.23
N LYS E 269 -50.43 -16.22 32.63
CA LYS E 269 -49.86 -16.61 33.92
C LYS E 269 -48.32 -16.61 33.87
N LYS E 270 -47.77 -17.02 32.73
CA LYS E 270 -46.32 -16.97 32.47
C LYS E 270 -45.79 -15.54 32.21
N SER E 271 -46.57 -14.73 31.50
CA SER E 271 -46.17 -13.36 31.15
C SER E 271 -47.24 -12.36 31.56
N PRO E 272 -47.17 -11.83 32.80
CA PRO E 272 -48.23 -10.93 33.30
C PRO E 272 -48.22 -9.57 32.60
N ASN E 273 -47.23 -9.34 31.74
CA ASN E 273 -47.14 -8.09 31.01
C ASN E 273 -47.18 -8.28 29.51
N GLY E 274 -47.61 -9.45 29.05
CA GLY E 274 -47.62 -9.70 27.61
C GLY E 274 -46.23 -9.91 27.03
N LYS E 275 -46.11 -9.83 25.72
CA LYS E 275 -44.86 -10.14 25.03
C LYS E 275 -44.38 -8.92 24.29
N LEU E 276 -45.33 -8.22 23.66
CA LEU E 276 -45.03 -7.08 22.79
C LEU E 276 -44.51 -5.89 23.58
N ARG E 277 -43.64 -5.12 22.93
CA ARG E 277 -43.01 -3.97 23.58
C ARG E 277 -43.87 -2.73 23.50
N LEU E 278 -44.04 -2.09 24.65
CA LEU E 278 -44.90 -0.94 24.80
C LEU E 278 -44.46 0.18 23.85
N LEU E 279 -43.17 0.54 23.91
CA LEU E 279 -42.73 1.79 23.27
C LEU E 279 -42.84 1.80 21.76
N TYR E 280 -42.47 0.69 21.12
CA TYR E 280 -42.33 0.68 19.69
C TYR E 280 -43.14 -0.39 18.98
N GLU E 281 -43.95 -1.13 19.73
CA GLU E 281 -44.95 -2.00 19.13
C GLU E 281 -46.35 -1.62 19.56
N CYS E 282 -46.62 -1.66 20.87
CA CYS E 282 -47.98 -1.46 21.39
C CYS E 282 -48.48 -0.04 21.18
N ASN E 283 -47.73 0.96 21.68
CA ASN E 283 -48.11 2.35 21.57
C ASN E 283 -48.38 2.82 20.11
N PRO E 284 -47.40 2.65 19.20
CA PRO E 284 -47.66 3.08 17.81
C PRO E 284 -48.95 2.50 17.20
N MET E 285 -49.13 1.18 17.33
CA MET E 285 -50.37 0.52 16.87
C MET E 285 -51.61 1.02 17.61
N ALA E 286 -51.50 1.24 18.92
CA ALA E 286 -52.60 1.77 19.72
C ALA E 286 -53.02 3.14 19.21
N TYR E 287 -52.03 3.95 18.85
CA TYR E 287 -52.25 5.31 18.36
C TYR E 287 -52.92 5.30 17.00
N VAL E 288 -52.41 4.46 16.09
CA VAL E 288 -53.04 4.22 14.79
C VAL E 288 -54.51 3.84 14.97
N MET E 289 -54.75 2.83 15.80
CA MET E 289 -56.10 2.37 16.11
C MET E 289 -57.06 3.45 16.56
N GLU E 290 -56.60 4.30 17.47
CA GLU E 290 -57.45 5.33 18.03
C GLU E 290 -57.71 6.47 17.05
N LYS E 291 -56.71 6.84 16.26
CA LYS E 291 -56.94 7.82 15.18
C LYS E 291 -57.94 7.31 14.13
N ALA E 292 -58.02 5.97 14.02
CA ALA E 292 -58.92 5.31 13.08
C ALA E 292 -60.27 5.00 13.75
N GLY E 293 -60.45 5.43 14.99
CA GLY E 293 -61.73 5.26 15.67
C GLY E 293 -61.85 3.88 16.33
N GLY E 294 -60.73 3.21 16.49
CA GLY E 294 -60.69 1.93 17.16
C GLY E 294 -60.10 2.08 18.54
N MET E 295 -59.70 0.96 19.13
CA MET E 295 -59.34 0.96 20.52
C MET E 295 -58.17 0.05 20.75
N ALA E 296 -57.49 0.24 21.88
CA ALA E 296 -56.36 -0.61 22.25
C ALA E 296 -56.21 -0.58 23.74
N THR E 297 -56.21 -1.76 24.34
CA THR E 297 -56.29 -1.91 25.78
C THR E 297 -55.33 -3.00 26.27
N THR E 298 -54.86 -2.85 27.50
CA THR E 298 -54.05 -3.88 28.14
C THR E 298 -54.98 -4.86 28.83
N GLY E 299 -56.27 -4.53 28.86
CA GLY E 299 -57.23 -5.24 29.70
C GLY E 299 -57.58 -4.36 30.89
N LYS E 300 -56.55 -3.76 31.50
CA LYS E 300 -56.71 -2.92 32.70
C LYS E 300 -56.80 -1.42 32.40
N GLU E 301 -56.21 -1.02 31.28
CA GLU E 301 -56.25 0.36 30.83
C GLU E 301 -55.92 0.44 29.36
N ALA E 302 -56.14 1.62 28.80
CA ALA E 302 -55.73 1.93 27.45
C ALA E 302 -54.22 1.82 27.39
N VAL E 303 -53.73 1.22 26.32
CA VAL E 303 -52.29 1.14 26.05
C VAL E 303 -51.64 2.54 26.13
N LEU E 304 -52.28 3.53 25.50
CA LEU E 304 -51.78 4.91 25.44
C LEU E 304 -51.67 5.62 26.82
N ASP E 305 -52.35 5.08 27.84
CA ASP E 305 -52.29 5.63 29.21
C ASP E 305 -51.24 4.95 30.08
N VAL E 306 -50.50 4.01 29.53
CA VAL E 306 -49.48 3.32 30.29
C VAL E 306 -48.27 4.23 30.40
N ILE E 307 -47.79 4.44 31.62
CA ILE E 307 -46.59 5.25 31.82
C ILE E 307 -45.42 4.30 31.93
N PRO E 308 -44.57 4.28 30.89
CA PRO E 308 -43.44 3.39 30.87
C PRO E 308 -42.41 3.73 31.93
N THR E 309 -41.87 2.69 32.53
CA THR E 309 -40.78 2.80 33.49
C THR E 309 -39.48 2.29 32.87
N ASP E 310 -39.62 1.42 31.86
CA ASP E 310 -38.47 0.85 31.15
C ASP E 310 -38.68 0.94 29.65
N ILE E 311 -37.61 1.26 28.90
CA ILE E 311 -37.73 1.37 27.44
C ILE E 311 -38.11 0.05 26.77
N HIS E 312 -37.69 -1.08 27.33
CA HIS E 312 -38.03 -2.37 26.73
C HIS E 312 -39.18 -3.09 27.41
N GLN E 313 -39.94 -2.36 28.22
CA GLN E 313 -41.05 -2.99 28.94
C GLN E 313 -42.12 -3.51 27.98
N ARG E 314 -42.66 -4.67 28.35
CA ARG E 314 -43.68 -5.35 27.59
C ARG E 314 -45.04 -4.86 28.06
N ALA E 315 -46.05 -5.07 27.22
CA ALA E 315 -47.42 -4.69 27.57
C ALA E 315 -48.35 -5.71 26.94
N PRO E 316 -49.45 -6.04 27.63
CA PRO E 316 -50.50 -6.80 26.95
C PRO E 316 -51.19 -5.87 25.98
N VAL E 317 -51.61 -6.38 24.84
CA VAL E 317 -52.35 -5.55 23.90
C VAL E 317 -53.51 -6.34 23.33
N ILE E 318 -54.66 -5.69 23.31
CA ILE E 318 -55.86 -6.17 22.64
C ILE E 318 -56.41 -4.94 21.96
N LEU E 319 -56.63 -5.03 20.65
CA LEU E 319 -56.91 -3.85 19.84
C LEU E 319 -57.75 -4.19 18.63
N GLY E 320 -58.35 -3.17 18.04
CA GLY E 320 -59.13 -3.34 16.82
C GLY E 320 -60.42 -2.56 16.87
N SER E 321 -61.44 -3.09 16.18
CA SER E 321 -62.77 -2.50 16.16
C SER E 321 -63.30 -2.23 17.56
N PRO E 322 -63.97 -1.08 17.76
CA PRO E 322 -64.33 -0.75 19.14
C PRO E 322 -65.32 -1.76 19.75
N ASP E 323 -66.31 -2.20 18.96
CA ASP E 323 -67.30 -3.15 19.46
C ASP E 323 -66.68 -4.47 19.87
N ASP E 324 -65.63 -4.88 19.16
CA ASP E 324 -64.93 -6.11 19.53
C ASP E 324 -64.12 -5.92 20.81
N VAL E 325 -63.28 -4.88 20.83
CA VAL E 325 -62.47 -4.55 22.04
C VAL E 325 -63.36 -4.34 23.30
N LEU E 326 -64.43 -3.57 23.17
CA LEU E 326 -65.41 -3.41 24.26
C LEU E 326 -66.02 -4.73 24.72
N GLU E 327 -66.33 -5.60 23.76
CA GLU E 327 -66.81 -6.92 24.09
C GLU E 327 -65.74 -7.77 24.82
N PHE E 328 -64.49 -7.70 24.36
CA PHE E 328 -63.41 -8.33 25.14
C PHE E 328 -63.33 -7.80 26.57
N LEU E 329 -63.44 -6.48 26.74
CA LEU E 329 -63.47 -5.87 28.07
C LEU E 329 -64.63 -6.32 28.95
N LYS E 330 -65.81 -6.56 28.35
CA LYS E 330 -66.95 -7.26 29.00
C LYS E 330 -66.49 -8.54 29.68
N VAL E 331 -65.88 -9.42 28.90
CA VAL E 331 -65.45 -10.72 29.39
C VAL E 331 -64.30 -10.57 30.39
N TYR E 332 -63.42 -9.58 30.15
CA TYR E 332 -62.31 -9.31 31.06
C TYR E 332 -62.84 -8.92 32.44
N GLU E 333 -63.78 -7.96 32.44
CA GLU E 333 -64.51 -7.51 33.63
C GLU E 333 -65.15 -8.71 34.36
N LYS E 334 -65.76 -9.61 33.59
CA LYS E 334 -66.44 -10.78 34.13
C LYS E 334 -65.50 -11.60 35.01
N HIS E 335 -64.22 -11.65 34.65
CA HIS E 335 -63.18 -12.36 35.40
C HIS E 335 -62.35 -11.43 36.29
N SER E 336 -62.67 -10.14 36.27
CA SER E 336 -62.14 -9.11 37.19
C SER E 336 -60.76 -8.56 36.86
N ALA E 337 -59.73 -8.95 37.43
N ASP F 10 -21.24 -22.50 -7.24
CA ASP F 10 -21.55 -21.53 -8.35
C ASP F 10 -23.01 -21.09 -8.30
N VAL F 11 -23.26 -19.86 -8.76
CA VAL F 11 -24.60 -19.33 -8.86
C VAL F 11 -25.39 -20.13 -9.88
N ASN F 12 -26.68 -20.22 -9.65
CA ASN F 12 -27.58 -20.77 -10.63
C ASN F 12 -28.90 -20.02 -10.62
N THR F 13 -29.56 -20.01 -11.76
CA THR F 13 -30.80 -19.27 -11.93
C THR F 13 -31.88 -20.27 -12.30
N LEU F 14 -33.15 -19.88 -12.21
CA LEU F 14 -34.21 -20.82 -12.53
C LEU F 14 -34.07 -21.40 -13.95
N THR F 15 -33.99 -20.53 -14.95
CA THR F 15 -33.97 -20.97 -16.33
C THR F 15 -32.79 -21.88 -16.65
N ARG F 16 -31.62 -21.48 -16.18
CA ARG F 16 -30.41 -22.27 -16.34
C ARG F 16 -30.50 -23.63 -15.63
N PHE F 17 -30.99 -23.63 -14.38
CA PHE F 17 -31.22 -24.89 -13.64
C PHE F 17 -32.11 -25.83 -14.45
N VAL F 18 -33.21 -25.28 -14.97
CA VAL F 18 -34.18 -26.09 -15.70
C VAL F 18 -33.53 -26.60 -16.99
N MET F 19 -32.83 -25.71 -17.70
CA MET F 19 -32.11 -26.05 -18.92
C MET F 19 -31.14 -27.19 -18.73
N GLU F 20 -30.36 -27.14 -17.65
CA GLU F 20 -29.37 -28.18 -17.42
C GLU F 20 -30.01 -29.53 -17.06
N GLU F 21 -31.13 -29.49 -16.33
CA GLU F 21 -31.86 -30.72 -16.01
C GLU F 21 -32.51 -31.30 -17.26
N GLY F 22 -33.05 -30.40 -18.08
CA GLY F 22 -33.68 -30.76 -19.34
C GLY F 22 -32.72 -31.44 -20.27
N ARG F 23 -31.49 -30.93 -20.31
CA ARG F 23 -30.42 -31.51 -21.13
C ARG F 23 -29.91 -32.86 -20.60
N LYS F 24 -29.85 -33.02 -19.28
CA LYS F 24 -29.53 -34.30 -18.66
C LYS F 24 -30.54 -35.38 -19.06
N ALA F 25 -31.83 -35.00 -19.07
CA ALA F 25 -32.92 -35.91 -19.40
C ALA F 25 -33.05 -36.11 -20.91
N ARG F 26 -32.45 -35.20 -21.68
CA ARG F 26 -32.45 -35.28 -23.14
C ARG F 26 -33.86 -35.17 -23.74
N GLY F 27 -34.72 -34.40 -23.08
CA GLY F 27 -36.08 -34.13 -23.57
C GLY F 27 -36.05 -33.11 -24.70
N THR F 28 -37.20 -32.77 -25.26
CA THR F 28 -37.27 -31.90 -26.45
C THR F 28 -37.20 -30.39 -26.16
N GLY F 29 -37.17 -30.02 -24.88
CA GLY F 29 -37.10 -28.60 -24.50
C GLY F 29 -38.44 -27.96 -24.19
N GLU F 30 -39.52 -28.71 -24.40
CA GLU F 30 -40.89 -28.20 -24.29
C GLU F 30 -41.34 -27.83 -22.87
N LEU F 31 -41.00 -28.67 -21.90
CA LEU F 31 -41.22 -28.39 -20.49
C LEU F 31 -40.40 -27.15 -20.05
N THR F 32 -39.16 -27.07 -20.53
CA THR F 32 -38.30 -25.90 -20.32
C THR F 32 -38.92 -24.60 -20.88
N GLN F 33 -39.48 -24.68 -22.09
CA GLN F 33 -40.21 -23.54 -22.69
C GLN F 33 -41.43 -23.16 -21.87
N LEU F 34 -42.14 -24.17 -21.38
CA LEU F 34 -43.33 -24.00 -20.55
C LEU F 34 -42.91 -23.23 -19.31
N LEU F 35 -41.83 -23.69 -18.68
CA LEU F 35 -41.41 -23.17 -17.39
C LEU F 35 -40.82 -21.79 -17.50
N ASN F 36 -40.09 -21.52 -18.58
CA ASN F 36 -39.59 -20.17 -18.80
C ASN F 36 -40.73 -19.19 -19.05
N SER F 37 -41.77 -19.66 -19.73
CA SER F 37 -42.93 -18.81 -19.99
C SER F 37 -43.70 -18.50 -18.70
N LEU F 38 -43.79 -19.52 -17.84
CA LEU F 38 -44.48 -19.41 -16.55
C LEU F 38 -43.76 -18.44 -15.63
N CYS F 39 -42.46 -18.56 -15.58
CA CYS F 39 -41.65 -17.73 -14.72
C CYS F 39 -41.60 -16.26 -15.21
N THR F 40 -41.76 -16.06 -16.51
CA THR F 40 -41.92 -14.72 -17.08
C THR F 40 -43.22 -14.09 -16.58
N ALA F 41 -44.32 -14.86 -16.66
CA ALA F 41 -45.61 -14.44 -16.12
C ALA F 41 -45.52 -14.15 -14.61
N VAL F 42 -44.83 -15.02 -13.87
CA VAL F 42 -44.68 -14.87 -12.43
C VAL F 42 -44.02 -13.56 -12.04
N LYS F 43 -43.03 -13.13 -12.81
CA LYS F 43 -42.34 -11.85 -12.60
C LYS F 43 -43.24 -10.68 -12.95
N ALA F 44 -43.98 -10.79 -14.05
CA ALA F 44 -44.98 -9.75 -14.37
C ALA F 44 -46.05 -9.67 -13.27
N ILE F 45 -46.43 -10.83 -12.71
CA ILE F 45 -47.39 -10.85 -11.61
C ILE F 45 -46.77 -10.20 -10.37
N SER F 46 -45.55 -10.58 -10.02
CA SER F 46 -44.87 -9.98 -8.89
C SER F 46 -44.86 -8.45 -8.99
N SER F 47 -44.49 -7.94 -10.16
CA SER F 47 -44.45 -6.50 -10.39
C SER F 47 -45.79 -5.83 -10.17
N ALA F 48 -46.85 -6.40 -10.71
CA ALA F 48 -48.20 -5.87 -10.49
C ALA F 48 -48.61 -5.94 -9.01
N VAL F 49 -48.33 -7.06 -8.36
CA VAL F 49 -48.72 -7.28 -6.94
C VAL F 49 -48.02 -6.28 -6.01
N ARG F 50 -46.73 -6.04 -6.25
CA ARG F 50 -45.96 -5.00 -5.56
C ARG F 50 -46.34 -3.57 -6.02
N LYS F 51 -47.36 -3.46 -6.88
CA LYS F 51 -47.99 -2.19 -7.25
C LYS F 51 -47.08 -1.24 -8.05
N ALA F 52 -46.24 -1.79 -8.90
CA ALA F 52 -45.45 -0.97 -9.80
C ALA F 52 -46.44 -0.24 -10.72
N GLY F 53 -46.31 1.08 -10.80
CA GLY F 53 -47.16 1.88 -11.71
C GLY F 53 -48.46 2.36 -11.10
N ILE F 54 -48.70 1.99 -9.83
CA ILE F 54 -49.87 2.44 -9.12
C ILE F 54 -50.07 3.97 -9.17
N ALA F 55 -48.99 4.74 -9.20
CA ALA F 55 -49.08 6.22 -9.26
C ALA F 55 -49.90 6.70 -10.44
N HIS F 56 -49.71 6.07 -11.60
CA HIS F 56 -50.43 6.42 -12.82
C HIS F 56 -51.91 6.12 -12.70
N LEU F 57 -52.24 5.16 -11.83
CA LEU F 57 -53.61 4.82 -11.57
C LEU F 57 -54.24 5.91 -10.72
N TYR F 58 -53.40 6.62 -9.98
CA TYR F 58 -53.86 7.62 -9.02
C TYR F 58 -53.65 9.07 -9.48
N GLY F 59 -53.44 9.25 -10.79
CA GLY F 59 -53.47 10.57 -11.38
C GLY F 59 -52.15 11.30 -11.60
N ILE F 60 -51.02 10.65 -11.33
CA ILE F 60 -49.71 11.32 -11.43
C ILE F 60 -49.50 12.13 -12.74
N ALA F 61 -50.05 11.63 -13.84
CA ALA F 61 -49.95 12.27 -15.16
C ALA F 61 -51.23 13.03 -15.53
N GLY F 62 -52.04 13.39 -14.55
CA GLY F 62 -53.34 14.02 -14.77
C GLY F 62 -54.48 13.02 -14.92
N LYS F 73 -59.27 -6.90 -10.50
CA LYS F 73 -58.38 -6.56 -11.60
C LYS F 73 -57.02 -7.25 -11.50
N LEU F 74 -56.41 -7.23 -10.32
CA LEU F 74 -55.11 -7.86 -10.13
C LEU F 74 -55.16 -9.39 -10.34
N ASP F 75 -56.27 -10.02 -9.96
CA ASP F 75 -56.47 -11.45 -10.23
C ASP F 75 -56.72 -11.76 -11.72
N VAL F 76 -57.46 -10.87 -12.39
CA VAL F 76 -57.72 -10.95 -13.83
C VAL F 76 -56.45 -10.77 -14.67
N LEU F 77 -55.67 -9.74 -14.33
CA LEU F 77 -54.37 -9.51 -14.92
C LEU F 77 -53.44 -10.71 -14.74
N SER F 78 -53.40 -11.27 -13.53
CA SER F 78 -52.53 -12.44 -13.25
C SER F 78 -52.97 -13.60 -14.14
N ASN F 79 -54.27 -13.83 -14.21
CA ASN F 79 -54.81 -14.83 -15.12
C ASN F 79 -54.37 -14.59 -16.57
N ASP F 80 -54.54 -13.36 -17.05
CA ASP F 80 -54.20 -13.04 -18.42
C ASP F 80 -52.71 -13.23 -18.68
N LEU F 81 -51.89 -12.87 -17.69
CA LEU F 81 -50.44 -13.04 -17.78
C LEU F 81 -50.11 -14.50 -17.98
N VAL F 82 -50.61 -15.35 -17.09
CA VAL F 82 -50.36 -16.79 -17.19
C VAL F 82 -50.98 -17.41 -18.45
N MET F 83 -52.23 -17.09 -18.75
CA MET F 83 -52.88 -17.64 -19.94
C MET F 83 -52.08 -17.33 -21.19
N ASN F 84 -51.72 -16.06 -21.36
CA ASN F 84 -51.04 -15.63 -22.57
C ASN F 84 -49.63 -16.20 -22.70
N MET F 85 -48.86 -16.18 -21.61
CA MET F 85 -47.50 -16.75 -21.62
C MET F 85 -47.49 -18.26 -21.86
N LEU F 86 -48.51 -18.95 -21.34
CA LEU F 86 -48.60 -20.39 -21.52
C LEU F 86 -49.10 -20.74 -22.92
N LYS F 87 -50.13 -20.03 -23.40
CA LYS F 87 -50.63 -20.25 -24.76
C LYS F 87 -49.48 -20.06 -25.74
N SER F 88 -48.74 -18.96 -25.56
CA SER F 88 -47.70 -18.58 -26.51
C SER F 88 -46.39 -19.35 -26.31
N SER F 89 -46.36 -20.28 -25.36
CA SER F 89 -45.15 -21.08 -25.13
C SER F 89 -45.00 -22.20 -26.16
N PHE F 90 -46.10 -22.51 -26.85
CA PHE F 90 -46.19 -23.68 -27.75
C PHE F 90 -46.00 -25.01 -27.00
N ALA F 91 -46.19 -24.99 -25.69
CA ALA F 91 -45.91 -26.20 -24.91
C ALA F 91 -47.18 -26.79 -24.28
N THR F 92 -48.32 -26.14 -24.50
CA THR F 92 -49.54 -26.52 -23.78
C THR F 92 -50.73 -26.74 -24.70
N CYS F 93 -51.69 -27.52 -24.23
CA CYS F 93 -52.93 -27.73 -24.98
C CYS F 93 -54.20 -27.38 -24.18
N VAL F 94 -54.15 -27.60 -22.87
CA VAL F 94 -55.30 -27.39 -21.99
C VAL F 94 -54.85 -26.58 -20.76
N LEU F 95 -55.60 -25.53 -20.46
CA LEU F 95 -55.27 -24.62 -19.37
C LEU F 95 -56.46 -24.52 -18.45
N VAL F 96 -56.26 -24.97 -17.21
CA VAL F 96 -57.26 -24.88 -16.16
C VAL F 96 -56.84 -23.78 -15.18
N SER F 97 -57.71 -22.81 -14.97
CA SER F 97 -57.45 -21.76 -14.00
C SER F 97 -58.63 -21.57 -13.07
N GLU F 98 -58.34 -21.15 -11.84
CA GLU F 98 -59.35 -20.79 -10.84
C GLU F 98 -60.25 -19.66 -11.33
N GLU F 99 -59.77 -18.88 -12.29
CA GLU F 99 -60.50 -17.75 -12.85
C GLU F 99 -61.50 -18.14 -13.92
N ASP F 100 -61.30 -19.31 -14.53
CA ASP F 100 -62.11 -19.74 -15.67
C ASP F 100 -63.05 -20.88 -15.32
N LYS F 101 -64.33 -20.69 -15.68
CA LYS F 101 -65.34 -21.71 -15.43
C LYS F 101 -64.98 -23.03 -16.11
N HIS F 102 -64.62 -22.96 -17.38
CA HIS F 102 -64.20 -24.16 -18.11
C HIS F 102 -62.72 -24.12 -18.45
N ALA F 103 -62.18 -25.29 -18.78
CA ALA F 103 -60.81 -25.39 -19.25
C ALA F 103 -60.68 -24.60 -20.53
N ILE F 104 -59.51 -23.97 -20.70
CA ILE F 104 -59.21 -23.23 -21.91
C ILE F 104 -58.44 -24.14 -22.86
N ILE F 105 -58.99 -24.35 -24.05
CA ILE F 105 -58.33 -25.19 -25.03
C ILE F 105 -57.43 -24.29 -25.86
N VAL F 106 -56.16 -24.67 -25.96
CA VAL F 106 -55.21 -23.89 -26.72
C VAL F 106 -55.51 -24.07 -28.21
N GLU F 107 -55.46 -22.98 -28.95
CA GLU F 107 -55.75 -23.03 -30.37
C GLU F 107 -54.80 -23.98 -31.10
N PRO F 108 -55.31 -24.67 -32.13
CA PRO F 108 -54.58 -25.70 -32.88
C PRO F 108 -53.11 -25.36 -33.18
N GLU F 109 -52.86 -24.12 -33.63
CA GLU F 109 -51.52 -23.69 -34.06
C GLU F 109 -50.50 -23.52 -32.93
N LYS F 110 -50.95 -23.41 -31.69
CA LYS F 110 -50.06 -23.11 -30.54
C LYS F 110 -50.00 -24.28 -29.56
N ARG F 111 -50.56 -25.40 -30.01
CA ARG F 111 -50.82 -26.55 -29.16
C ARG F 111 -49.54 -27.35 -28.90
N GLY F 112 -49.34 -27.73 -27.64
CA GLY F 112 -48.20 -28.58 -27.25
C GLY F 112 -48.65 -29.73 -26.36
N LYS F 113 -47.71 -30.35 -25.65
CA LYS F 113 -48.05 -31.60 -24.98
C LYS F 113 -48.54 -31.52 -23.52
N TYR F 114 -48.41 -30.37 -22.88
CA TYR F 114 -48.71 -30.26 -21.45
C TYR F 114 -50.05 -29.62 -21.11
N VAL F 115 -50.63 -30.10 -20.01
CA VAL F 115 -51.81 -29.52 -19.42
C VAL F 115 -51.34 -28.85 -18.14
N VAL F 116 -51.81 -27.63 -17.91
CA VAL F 116 -51.41 -26.86 -16.72
C VAL F 116 -52.64 -26.38 -15.95
N CYS F 117 -52.69 -26.75 -14.68
CA CYS F 117 -53.67 -26.24 -13.73
C CYS F 117 -52.99 -25.23 -12.84
N PHE F 118 -53.63 -24.08 -12.68
CA PHE F 118 -53.04 -22.99 -11.91
C PHE F 118 -54.09 -22.13 -11.23
N ASP F 119 -53.67 -21.53 -10.13
CA ASP F 119 -54.37 -20.45 -9.47
C ASP F 119 -53.39 -19.28 -9.63
N PRO F 120 -53.72 -18.33 -10.52
CA PRO F 120 -52.80 -17.24 -10.89
C PRO F 120 -52.47 -16.26 -9.73
N LEU F 121 -53.45 -16.03 -8.87
CA LEU F 121 -53.23 -15.21 -7.69
C LEU F 121 -53.98 -15.79 -6.49
N ASP F 122 -53.41 -16.85 -5.92
CA ASP F 122 -53.99 -17.52 -4.76
C ASP F 122 -54.05 -16.61 -3.54
N GLY F 123 -55.21 -16.57 -2.90
CA GLY F 123 -55.39 -15.83 -1.65
C GLY F 123 -55.71 -14.36 -1.92
N SER F 124 -56.06 -14.05 -3.17
CA SER F 124 -56.24 -12.66 -3.58
C SER F 124 -57.51 -12.01 -3.05
N SER F 125 -58.43 -12.80 -2.50
CA SER F 125 -59.67 -12.25 -1.93
C SER F 125 -59.32 -11.27 -0.79
N ASN F 126 -58.26 -11.60 -0.06
CA ASN F 126 -57.74 -10.75 1.00
C ASN F 126 -56.52 -9.90 0.59
N ILE F 127 -56.43 -9.54 -0.69
CA ILE F 127 -55.28 -8.75 -1.15
C ILE F 127 -55.37 -7.28 -0.68
N ASP F 128 -56.56 -6.86 -0.28
CA ASP F 128 -56.81 -5.50 0.19
C ASP F 128 -56.11 -5.17 1.48
N CYS F 129 -55.68 -6.19 2.22
CA CYS F 129 -54.91 -5.99 3.44
C CYS F 129 -53.41 -6.31 3.25
N LEU F 130 -53.01 -6.47 1.98
CA LEU F 130 -51.63 -6.69 1.57
C LEU F 130 -51.06 -8.01 2.10
N VAL F 131 -51.97 -8.96 2.30
CA VAL F 131 -51.65 -10.34 2.62
C VAL F 131 -50.72 -10.91 1.54
N SER F 132 -49.89 -11.87 1.92
CA SER F 132 -49.16 -12.67 0.97
C SER F 132 -50.15 -13.35 0.05
N VAL F 133 -49.90 -13.21 -1.25
CA VAL F 133 -50.64 -13.95 -2.27
C VAL F 133 -49.60 -14.78 -3.00
N GLY F 134 -50.00 -15.54 -4.00
CA GLY F 134 -49.05 -16.38 -4.71
C GLY F 134 -49.69 -17.03 -5.90
N THR F 135 -48.88 -17.72 -6.69
CA THR F 135 -49.35 -18.41 -7.89
C THR F 135 -49.01 -19.87 -7.68
N ILE F 136 -50.02 -20.72 -7.75
CA ILE F 136 -49.83 -22.18 -7.61
C ILE F 136 -50.00 -22.83 -8.98
N PHE F 137 -49.14 -23.78 -9.30
CA PHE F 137 -49.24 -24.47 -10.59
C PHE F 137 -48.93 -25.97 -10.50
N GLY F 138 -49.66 -26.75 -11.27
CA GLY F 138 -49.35 -28.15 -11.53
C GLY F 138 -49.33 -28.41 -13.04
N ILE F 139 -48.24 -29.01 -13.51
CA ILE F 139 -48.06 -29.36 -14.93
C ILE F 139 -48.23 -30.87 -15.18
N TYR F 140 -49.19 -31.22 -16.04
CA TYR F 140 -49.40 -32.60 -16.51
C TYR F 140 -49.04 -32.76 -17.98
N ARG F 141 -48.64 -33.97 -18.34
CA ARG F 141 -48.57 -34.36 -19.73
C ARG F 141 -49.99 -34.73 -20.14
N LYS F 142 -50.47 -34.23 -21.29
CA LYS F 142 -51.74 -34.74 -21.82
C LYS F 142 -51.57 -36.25 -21.97
N LYS F 143 -52.41 -37.02 -21.29
CA LYS F 143 -52.31 -38.49 -21.26
C LYS F 143 -53.11 -39.14 -22.37
N SER F 144 -54.37 -38.74 -22.49
CA SER F 144 -55.23 -39.30 -23.50
C SER F 144 -54.86 -38.78 -24.86
N THR F 145 -55.26 -39.57 -25.85
CA THR F 145 -54.89 -39.32 -27.20
C THR F 145 -56.00 -38.59 -27.97
N ASP F 146 -57.16 -38.39 -27.32
CA ASP F 146 -58.29 -37.63 -27.90
C ASP F 146 -57.90 -36.20 -28.22
N GLU F 147 -58.79 -35.47 -28.89
CA GLU F 147 -58.57 -34.04 -29.10
C GLU F 147 -58.64 -33.34 -27.75
N PRO F 148 -57.82 -32.30 -27.54
CA PRO F 148 -57.67 -31.82 -26.17
C PRO F 148 -58.97 -31.22 -25.64
N SER F 149 -59.33 -31.63 -24.43
CA SER F 149 -60.52 -31.13 -23.78
C SER F 149 -60.30 -31.09 -22.29
N GLU F 150 -61.33 -30.65 -21.59
CA GLU F 150 -61.34 -30.56 -20.13
C GLU F 150 -60.90 -31.85 -19.41
N LYS F 151 -61.19 -33.02 -19.99
CA LYS F 151 -60.85 -34.33 -19.42
C LYS F 151 -59.37 -34.52 -19.21
N ASP F 152 -58.55 -33.85 -20.03
CA ASP F 152 -57.10 -33.99 -19.96
C ASP F 152 -56.52 -33.48 -18.64
N ALA F 153 -57.22 -32.54 -18.01
CA ALA F 153 -56.82 -31.99 -16.72
C ALA F 153 -57.28 -32.86 -15.53
N LEU F 154 -58.07 -33.88 -15.82
CA LEU F 154 -58.63 -34.75 -14.78
C LEU F 154 -57.71 -35.92 -14.50
N GLN F 155 -56.51 -35.65 -14.02
CA GLN F 155 -55.55 -36.69 -13.72
C GLN F 155 -55.22 -36.63 -12.24
N PRO F 156 -54.92 -37.79 -11.62
CA PRO F 156 -54.52 -37.71 -10.21
C PRO F 156 -53.17 -37.03 -10.12
N GLY F 157 -52.90 -36.34 -9.02
CA GLY F 157 -51.66 -35.62 -8.85
C GLY F 157 -50.36 -36.42 -8.95
N ARG F 158 -50.43 -37.74 -8.79
CA ARG F 158 -49.22 -38.56 -8.99
C ARG F 158 -48.76 -38.57 -10.46
N ASN F 159 -49.63 -38.14 -11.38
CA ASN F 159 -49.27 -37.95 -12.78
C ASN F 159 -48.53 -36.64 -13.07
N LEU F 160 -48.36 -35.80 -12.03
CA LEU F 160 -47.65 -34.52 -12.18
C LEU F 160 -46.23 -34.69 -12.69
N VAL F 161 -45.87 -33.81 -13.61
CA VAL F 161 -44.51 -33.77 -14.17
C VAL F 161 -43.72 -32.73 -13.40
N ALA F 162 -44.37 -31.61 -13.08
CA ALA F 162 -43.77 -30.49 -12.33
C ALA F 162 -44.87 -29.74 -11.61
N ALA F 163 -44.50 -29.08 -10.52
CA ALA F 163 -45.45 -28.37 -9.69
C ALA F 163 -44.71 -27.48 -8.71
N GLY F 164 -45.41 -26.46 -8.25
CA GLY F 164 -44.80 -25.51 -7.34
C GLY F 164 -45.68 -24.32 -7.28
N TYR F 165 -45.10 -23.19 -6.91
CA TYR F 165 -45.81 -21.98 -6.61
C TYR F 165 -44.79 -20.87 -6.53
N ALA F 166 -45.24 -19.67 -6.86
CA ALA F 166 -44.52 -18.46 -6.52
C ALA F 166 -45.20 -17.83 -5.32
N LEU F 167 -44.41 -17.42 -4.34
CA LEU F 167 -44.94 -16.72 -3.18
C LEU F 167 -44.57 -15.26 -3.32
N TYR F 168 -45.57 -14.37 -3.33
CA TYR F 168 -45.28 -12.94 -3.26
C TYR F 168 -45.41 -12.49 -1.81
N GLY F 169 -44.41 -12.84 -1.00
CA GLY F 169 -44.38 -12.52 0.42
C GLY F 169 -43.60 -11.25 0.67
N SER F 170 -42.81 -11.23 1.73
CA SER F 170 -41.87 -10.13 1.97
C SER F 170 -40.89 -10.06 0.80
N ALA F 171 -40.62 -11.22 0.22
CA ALA F 171 -39.90 -11.32 -1.04
C ALA F 171 -40.59 -12.30 -1.97
N THR F 172 -40.21 -12.30 -3.25
CA THR F 172 -40.81 -13.22 -4.20
C THR F 172 -39.96 -14.47 -4.38
N MET F 173 -40.54 -15.62 -4.06
CA MET F 173 -39.86 -16.88 -4.24
C MET F 173 -40.65 -17.87 -5.08
N LEU F 174 -39.96 -18.51 -6.01
CA LEU F 174 -40.53 -19.59 -6.76
C LEU F 174 -40.02 -20.91 -6.23
N VAL F 175 -40.95 -21.78 -5.87
CA VAL F 175 -40.59 -23.09 -5.41
C VAL F 175 -40.99 -24.05 -6.51
N LEU F 176 -40.05 -24.84 -7.00
CA LEU F 176 -40.34 -25.80 -8.07
C LEU F 176 -39.96 -27.20 -7.65
N ALA F 177 -40.93 -28.11 -7.81
CA ALA F 177 -40.74 -29.52 -7.52
C ALA F 177 -40.89 -30.33 -8.82
N MET F 178 -39.92 -31.21 -9.06
CA MET F 178 -39.92 -32.14 -10.19
C MET F 178 -39.35 -33.46 -9.62
N ASP F 179 -39.07 -34.45 -10.46
CA ASP F 179 -38.58 -35.74 -9.95
C ASP F 179 -37.27 -35.62 -9.18
N CYS F 180 -36.44 -34.66 -9.59
CA CYS F 180 -35.13 -34.43 -8.95
C CYS F 180 -35.21 -33.79 -7.56
N GLY F 181 -36.40 -33.40 -7.12
CA GLY F 181 -36.56 -32.79 -5.82
C GLY F 181 -37.22 -31.42 -5.84
N VAL F 182 -37.09 -30.70 -4.73
CA VAL F 182 -37.66 -29.38 -4.55
C VAL F 182 -36.50 -28.38 -4.51
N ASN F 183 -36.62 -27.34 -5.31
CA ASN F 183 -35.66 -26.26 -5.32
C ASN F 183 -36.36 -24.91 -5.23
N CYS F 184 -35.75 -23.98 -4.50
CA CYS F 184 -36.38 -22.70 -4.20
C CYS F 184 -35.56 -21.56 -4.80
N PHE F 185 -36.22 -20.70 -5.56
CA PHE F 185 -35.55 -19.61 -6.29
C PHE F 185 -36.06 -18.26 -5.83
N MET F 186 -35.16 -17.41 -5.34
CA MET F 186 -35.53 -16.05 -4.94
C MET F 186 -35.50 -15.10 -6.14
N LEU F 187 -36.56 -14.36 -6.36
CA LEU F 187 -36.55 -13.37 -7.43
C LEU F 187 -35.76 -12.16 -6.96
N ASP F 188 -34.71 -11.83 -7.71
CA ASP F 188 -33.93 -10.63 -7.50
C ASP F 188 -34.53 -9.51 -8.38
N PRO F 189 -35.29 -8.58 -7.78
CA PRO F 189 -36.00 -7.55 -8.57
C PRO F 189 -35.04 -6.65 -9.34
N ALA F 190 -33.83 -6.48 -8.81
CA ALA F 190 -32.78 -5.69 -9.47
C ALA F 190 -32.51 -6.18 -10.89
N ILE F 191 -32.61 -7.49 -11.09
CA ILE F 191 -32.27 -8.08 -12.39
C ILE F 191 -33.34 -8.95 -13.03
N GLY F 192 -34.49 -9.11 -12.36
CA GLY F 192 -35.55 -9.98 -12.85
C GLY F 192 -35.06 -11.38 -13.05
N GLU F 193 -34.40 -11.91 -12.03
CA GLU F 193 -33.80 -13.23 -12.10
C GLU F 193 -34.11 -14.04 -10.85
N PHE F 194 -34.61 -15.26 -11.06
CA PHE F 194 -34.85 -16.22 -9.98
C PHE F 194 -33.54 -16.91 -9.66
N ILE F 195 -33.08 -16.76 -8.43
CA ILE F 195 -31.77 -17.29 -8.03
C ILE F 195 -31.96 -18.51 -7.13
N LEU F 196 -31.26 -19.59 -7.43
CA LEU F 196 -31.33 -20.80 -6.61
C LEU F 196 -30.75 -20.56 -5.22
N VAL F 197 -31.60 -20.55 -4.21
CA VAL F 197 -31.14 -20.26 -2.85
C VAL F 197 -31.22 -21.50 -1.94
N ASP F 198 -32.13 -22.42 -2.26
CA ASP F 198 -32.27 -23.67 -1.49
C ASP F 198 -32.38 -24.86 -2.43
N LYS F 199 -31.37 -25.72 -2.39
CA LYS F 199 -31.29 -26.85 -3.30
C LYS F 199 -31.85 -28.10 -2.67
N ASP F 200 -32.66 -28.83 -3.43
CA ASP F 200 -33.10 -30.16 -3.02
C ASP F 200 -33.63 -30.13 -1.58
N VAL F 201 -34.64 -29.28 -1.38
CA VAL F 201 -35.19 -29.03 -0.07
C VAL F 201 -35.88 -30.26 0.50
N LYS F 202 -35.62 -30.53 1.78
CA LYS F 202 -36.34 -31.54 2.58
C LYS F 202 -37.00 -30.90 3.82
N ILE F 203 -38.23 -31.29 4.11
CA ILE F 203 -38.97 -30.79 5.27
C ILE F 203 -38.51 -31.54 6.53
N LYS F 204 -38.45 -30.84 7.67
CA LYS F 204 -38.17 -31.50 8.96
C LYS F 204 -39.14 -32.66 9.14
N LYS F 205 -38.65 -33.72 9.78
CA LYS F 205 -39.47 -34.87 10.18
C LYS F 205 -40.68 -34.45 11.00
N LYS F 206 -40.47 -33.52 11.94
CA LYS F 206 -41.53 -33.02 12.80
C LYS F 206 -41.34 -31.54 13.08
N GLY F 207 -42.43 -30.78 13.04
CA GLY F 207 -42.41 -29.34 13.36
C GLY F 207 -43.08 -29.01 14.70
N LYS F 208 -43.16 -27.72 15.02
CA LYS F 208 -43.83 -27.25 16.27
C LYS F 208 -44.88 -26.16 15.99
N ILE F 209 -45.44 -26.18 14.78
CA ILE F 209 -46.50 -25.24 14.43
C ILE F 209 -47.66 -25.98 13.76
N TYR F 210 -48.88 -25.61 14.11
CA TYR F 210 -50.05 -26.09 13.38
C TYR F 210 -50.77 -24.91 12.73
N SER F 211 -51.44 -25.17 11.62
CA SER F 211 -52.01 -24.10 10.82
C SER F 211 -53.35 -24.52 10.27
N LEU F 212 -54.40 -23.92 10.81
CA LEU F 212 -55.77 -24.05 10.29
C LEU F 212 -56.62 -22.90 10.83
N ASN F 213 -57.74 -22.65 10.16
CA ASN F 213 -58.72 -21.64 10.57
C ASN F 213 -59.59 -22.27 11.65
N GLU F 214 -59.33 -21.90 12.90
CA GLU F 214 -60.04 -22.52 14.01
C GLU F 214 -61.39 -21.86 14.23
N GLY F 215 -61.71 -20.89 13.38
CA GLY F 215 -63.05 -20.31 13.36
C GLY F 215 -64.12 -21.32 12.95
N TYR F 216 -63.71 -22.41 12.32
CA TYR F 216 -64.64 -23.50 12.02
C TYR F 216 -64.62 -24.60 13.09
N ALA F 217 -64.04 -24.34 14.27
CA ALA F 217 -64.00 -25.35 15.34
C ALA F 217 -65.35 -26.00 15.62
N LYS F 218 -66.41 -25.20 15.60
CA LYS F 218 -67.80 -25.67 15.68
C LYS F 218 -68.15 -26.75 14.63
N ASP F 219 -67.52 -26.70 13.44
CA ASP F 219 -67.78 -27.66 12.35
C ASP F 219 -66.77 -28.82 12.24
N PHE F 220 -65.81 -28.90 13.16
CA PHE F 220 -64.74 -29.88 13.03
C PHE F 220 -65.14 -31.33 13.29
N ASP F 221 -64.68 -32.19 12.37
CA ASP F 221 -64.53 -33.64 12.58
C ASP F 221 -64.05 -33.85 14.02
N PRO F 222 -64.52 -34.93 14.68
CA PRO F 222 -63.96 -35.30 16.00
C PRO F 222 -62.45 -35.59 15.98
N ALA F 223 -61.94 -36.05 14.83
CA ALA F 223 -60.51 -36.32 14.67
C ALA F 223 -59.66 -35.04 14.61
N VAL F 224 -60.11 -34.07 13.81
CA VAL F 224 -59.46 -32.76 13.74
C VAL F 224 -59.47 -32.11 15.12
N THR F 225 -60.64 -32.07 15.75
CA THR F 225 -60.77 -31.59 17.14
C THR F 225 -59.74 -32.21 18.10
N GLU F 226 -59.64 -33.54 18.12
CA GLU F 226 -58.73 -34.21 19.07
C GLU F 226 -57.28 -33.95 18.70
N TYR F 227 -56.98 -33.95 17.41
CA TYR F 227 -55.63 -33.65 16.98
C TYR F 227 -55.22 -32.24 17.39
N ILE F 228 -56.12 -31.27 17.22
CA ILE F 228 -55.83 -29.89 17.63
C ILE F 228 -55.65 -29.76 19.15
N GLN F 229 -56.55 -30.37 19.92
CA GLN F 229 -56.38 -30.47 21.37
C GLN F 229 -55.07 -31.13 21.78
N ARG F 230 -54.59 -32.11 21.02
CA ARG F 230 -53.28 -32.69 21.27
C ARG F 230 -52.14 -31.69 21.05
N LYS F 231 -52.37 -30.73 20.16
CA LYS F 231 -51.37 -29.71 19.86
C LYS F 231 -51.31 -28.61 20.92
N LYS F 232 -52.47 -28.24 21.47
CA LYS F 232 -52.57 -27.20 22.50
C LYS F 232 -52.31 -27.74 23.91
N PHE F 233 -52.63 -29.01 24.10
CA PHE F 233 -52.52 -29.66 25.38
C PHE F 233 -51.83 -31.00 25.16
N PRO F 234 -50.52 -30.98 24.95
CA PRO F 234 -49.88 -32.24 24.64
C PRO F 234 -50.02 -33.18 25.82
N PRO F 235 -50.29 -34.47 25.54
CA PRO F 235 -50.45 -35.46 26.62
C PRO F 235 -49.12 -35.75 27.31
N ASP F 236 -48.05 -35.91 26.52
CA ASP F 236 -46.73 -36.31 27.03
C ASP F 236 -45.97 -35.20 27.75
N ASN F 237 -46.66 -34.11 28.09
CA ASN F 237 -46.04 -33.02 28.85
C ASN F 237 -45.03 -32.20 28.00
N SER F 238 -45.06 -32.38 26.68
CA SER F 238 -44.24 -31.56 25.79
C SER F 238 -44.83 -30.17 25.64
N ALA F 239 -44.05 -29.24 25.10
CA ALA F 239 -44.52 -27.88 24.86
C ALA F 239 -45.59 -27.86 23.75
N PRO F 240 -46.61 -26.98 23.89
CA PRO F 240 -47.63 -26.92 22.84
C PRO F 240 -47.06 -26.37 21.54
N TYR F 241 -47.70 -26.74 20.43
CA TYR F 241 -47.42 -26.15 19.13
C TYR F 241 -47.85 -24.69 19.11
N GLY F 242 -47.08 -23.86 18.40
CA GLY F 242 -47.50 -22.50 18.12
C GLY F 242 -48.55 -22.57 17.03
N ALA F 243 -49.43 -21.59 16.97
CA ALA F 243 -50.41 -21.52 15.90
C ALA F 243 -50.00 -20.40 14.94
N ARG F 244 -50.20 -20.65 13.64
CA ARG F 244 -50.08 -19.63 12.58
C ARG F 244 -51.09 -19.88 11.47
N TYR F 245 -51.87 -18.85 11.13
CA TYR F 245 -52.77 -18.97 10.00
C TYR F 245 -52.85 -17.65 9.23
N VAL F 246 -52.03 -17.54 8.18
CA VAL F 246 -52.08 -16.37 7.28
C VAL F 246 -53.44 -16.30 6.58
N GLY F 247 -53.97 -17.44 6.13
CA GLY F 247 -55.27 -17.45 5.45
C GLY F 247 -55.03 -17.31 3.96
N SER F 248 -53.82 -17.62 3.55
CA SER F 248 -53.46 -17.60 2.16
C SER F 248 -52.62 -18.83 1.98
N MET F 249 -53.11 -19.77 1.17
CA MET F 249 -52.53 -21.09 1.15
C MET F 249 -51.04 -21.13 0.94
N VAL F 250 -50.56 -20.35 -0.04
CA VAL F 250 -49.16 -20.38 -0.44
C VAL F 250 -48.22 -19.98 0.70
N ALA F 251 -48.61 -18.95 1.45
CA ALA F 251 -47.86 -18.51 2.63
C ALA F 251 -47.84 -19.60 3.70
N ASP F 252 -49.02 -20.13 4.02
CA ASP F 252 -49.11 -21.18 5.03
C ASP F 252 -48.35 -22.46 4.65
N VAL F 253 -48.50 -22.91 3.40
CA VAL F 253 -47.74 -24.07 2.91
C VAL F 253 -46.23 -23.82 2.89
N HIS F 254 -45.83 -22.64 2.43
CA HIS F 254 -44.42 -22.33 2.35
C HIS F 254 -43.74 -22.31 3.72
N ARG F 255 -44.42 -21.70 4.69
CA ARG F 255 -43.93 -21.71 6.05
C ARG F 255 -43.84 -23.14 6.57
N THR F 256 -44.85 -23.96 6.27
CA THR F 256 -44.84 -25.37 6.65
C THR F 256 -43.63 -26.08 6.05
N LEU F 257 -43.31 -25.75 4.78
CA LEU F 257 -42.15 -26.33 4.12
C LEU F 257 -40.86 -25.89 4.82
N VAL F 258 -40.78 -24.61 5.10
CA VAL F 258 -39.55 -24.01 5.57
C VAL F 258 -39.29 -24.38 7.03
N TYR F 259 -40.33 -24.32 7.85
CA TYR F 259 -40.24 -24.52 9.30
C TYR F 259 -40.69 -25.88 9.82
N GLY F 260 -41.31 -26.68 8.96
CA GLY F 260 -41.97 -27.92 9.38
C GLY F 260 -43.32 -27.64 10.02
N GLY F 261 -44.01 -28.71 10.41
CA GLY F 261 -45.30 -28.57 11.07
C GLY F 261 -46.39 -29.11 10.17
N ILE F 262 -47.61 -28.65 10.40
CA ILE F 262 -48.77 -29.23 9.73
C ILE F 262 -49.72 -28.13 9.31
N PHE F 263 -50.35 -28.31 8.15
CA PHE F 263 -51.34 -27.35 7.66
C PHE F 263 -52.59 -28.13 7.42
N LEU F 264 -53.72 -27.61 7.90
CA LEU F 264 -55.00 -28.29 7.74
C LEU F 264 -56.05 -27.40 7.14
N TYR F 265 -56.79 -27.96 6.19
CA TYR F 265 -58.08 -27.41 5.78
C TYR F 265 -59.06 -28.58 5.57
N PRO F 266 -59.62 -29.12 6.68
CA PRO F 266 -60.59 -30.21 6.59
C PRO F 266 -61.93 -29.70 6.10
N ALA F 267 -62.84 -30.62 5.76
CA ALA F 267 -64.20 -30.23 5.45
C ALA F 267 -64.80 -29.62 6.71
N ASN F 268 -65.38 -28.43 6.60
CA ASN F 268 -66.11 -27.88 7.73
C ASN F 268 -67.56 -28.19 7.45
N LYS F 269 -67.92 -29.44 7.77
CA LYS F 269 -69.02 -30.16 7.10
C LYS F 269 -70.25 -29.33 6.68
N LYS F 270 -70.26 -28.05 7.07
CA LYS F 270 -71.13 -27.05 6.42
C LYS F 270 -70.48 -26.58 5.09
N SER F 271 -69.27 -27.09 4.79
CA SER F 271 -68.68 -27.10 3.43
C SER F 271 -67.89 -28.39 3.18
N PRO F 272 -68.64 -29.44 2.82
CA PRO F 272 -68.39 -30.83 3.19
C PRO F 272 -67.40 -31.63 2.33
N ASN F 273 -67.02 -31.10 1.17
CA ASN F 273 -65.97 -31.73 0.36
C ASN F 273 -64.60 -31.07 0.52
N GLY F 274 -64.50 -30.16 1.49
CA GLY F 274 -63.33 -29.33 1.68
C GLY F 274 -63.50 -28.00 0.99
N LYS F 275 -62.55 -27.11 1.19
CA LYS F 275 -62.66 -25.78 0.59
C LYS F 275 -61.66 -25.59 -0.56
N LEU F 276 -60.47 -26.13 -0.36
CA LEU F 276 -59.38 -25.94 -1.32
C LEU F 276 -59.53 -26.81 -2.58
N ARG F 277 -59.14 -26.25 -3.72
CA ARG F 277 -59.30 -26.91 -5.00
C ARG F 277 -58.22 -27.98 -5.18
N LEU F 278 -58.64 -29.16 -5.61
CA LEU F 278 -57.71 -30.27 -5.78
C LEU F 278 -56.65 -29.98 -6.86
N LEU F 279 -57.10 -29.59 -8.04
CA LEU F 279 -56.23 -29.57 -9.22
C LEU F 279 -55.10 -28.56 -9.18
N TYR F 280 -55.39 -27.37 -8.67
CA TYR F 280 -54.45 -26.24 -8.69
C TYR F 280 -54.18 -25.67 -7.32
N GLU F 281 -54.72 -26.27 -6.25
CA GLU F 281 -54.23 -25.95 -4.91
C GLU F 281 -53.66 -27.17 -4.18
N CYS F 282 -54.49 -28.21 -3.98
CA CYS F 282 -54.08 -29.38 -3.20
C CYS F 282 -53.01 -30.26 -3.84
N ASN F 283 -53.17 -30.59 -5.12
CA ASN F 283 -52.18 -31.41 -5.81
C ASN F 283 -50.79 -30.78 -5.90
N PRO F 284 -50.70 -29.52 -6.39
CA PRO F 284 -49.37 -28.96 -6.47
C PRO F 284 -48.64 -28.98 -5.13
N MET F 285 -49.34 -28.58 -4.07
CA MET F 285 -48.76 -28.56 -2.72
C MET F 285 -48.43 -29.95 -2.20
N ALA F 286 -49.33 -30.91 -2.41
CA ALA F 286 -49.10 -32.34 -2.09
C ALA F 286 -47.85 -32.86 -2.77
N TYR F 287 -47.71 -32.49 -4.05
CA TYR F 287 -46.55 -32.83 -4.87
C TYR F 287 -45.23 -32.31 -4.30
N VAL F 288 -45.14 -30.99 -4.10
CA VAL F 288 -44.05 -30.33 -3.38
C VAL F 288 -43.77 -31.05 -2.05
N MET F 289 -44.81 -31.18 -1.25
CA MET F 289 -44.68 -31.82 0.05
C MET F 289 -44.03 -33.20 -0.03
N GLU F 290 -44.54 -34.07 -0.91
CA GLU F 290 -44.03 -35.42 -1.08
C GLU F 290 -42.62 -35.45 -1.61
N LYS F 291 -42.34 -34.58 -2.59
CA LYS F 291 -40.99 -34.39 -3.09
C LYS F 291 -40.01 -33.86 -2.03
N ALA F 292 -40.54 -33.18 -1.01
CA ALA F 292 -39.71 -32.69 0.10
C ALA F 292 -39.62 -33.65 1.30
N GLY F 293 -40.07 -34.89 1.08
CA GLY F 293 -40.12 -35.87 2.16
C GLY F 293 -41.29 -35.62 3.12
N GLY F 294 -42.28 -34.85 2.69
CA GLY F 294 -43.49 -34.58 3.50
C GLY F 294 -44.71 -35.37 3.06
N MET F 295 -45.83 -35.17 3.76
CA MET F 295 -47.06 -35.90 3.45
C MET F 295 -48.23 -34.98 3.18
N ALA F 296 -49.30 -35.56 2.63
CA ALA F 296 -50.47 -34.81 2.25
C ALA F 296 -51.63 -35.75 2.04
N THR F 297 -52.61 -35.64 2.92
CA THR F 297 -53.73 -36.56 2.96
C THR F 297 -55.08 -35.84 2.92
N THR F 298 -56.12 -36.56 2.59
CA THR F 298 -57.48 -36.03 2.71
C THR F 298 -58.10 -36.57 4.01
N GLY F 299 -57.34 -37.39 4.71
CA GLY F 299 -57.83 -38.21 5.82
C GLY F 299 -58.01 -39.64 5.32
N LYS F 300 -58.64 -39.78 4.17
CA LYS F 300 -59.02 -41.07 3.59
C LYS F 300 -57.95 -41.65 2.64
N GLU F 301 -57.31 -40.79 1.86
CA GLU F 301 -56.28 -41.23 0.90
C GLU F 301 -55.16 -40.19 0.78
N ALA F 302 -54.12 -40.49 0.01
CA ALA F 302 -53.11 -39.48 -0.29
C ALA F 302 -53.75 -38.49 -1.26
N VAL F 303 -53.42 -37.22 -1.16
CA VAL F 303 -54.04 -36.23 -2.03
C VAL F 303 -53.75 -36.56 -3.50
N LEU F 304 -52.52 -36.98 -3.76
CA LEU F 304 -52.07 -37.29 -5.11
C LEU F 304 -52.74 -38.54 -5.71
N ASP F 305 -53.48 -39.29 -4.89
CA ASP F 305 -54.18 -40.51 -5.32
C ASP F 305 -55.65 -40.27 -5.68
N VAL F 306 -56.17 -39.11 -5.32
CA VAL F 306 -57.54 -38.73 -5.69
C VAL F 306 -57.65 -38.56 -7.20
N ILE F 307 -58.56 -39.29 -7.79
CA ILE F 307 -58.90 -39.17 -9.20
C ILE F 307 -60.02 -38.14 -9.31
N PRO F 308 -59.71 -36.95 -9.86
CA PRO F 308 -60.72 -35.90 -10.07
C PRO F 308 -61.75 -36.26 -11.12
N THR F 309 -62.94 -35.68 -10.98
CA THR F 309 -64.04 -35.85 -11.92
C THR F 309 -64.44 -34.48 -12.48
N ASP F 310 -64.03 -33.42 -11.78
CA ASP F 310 -64.41 -32.04 -12.07
C ASP F 310 -63.21 -31.14 -11.79
N ILE F 311 -62.92 -30.24 -12.72
CA ILE F 311 -61.68 -29.45 -12.66
C ILE F 311 -61.63 -28.45 -11.48
N HIS F 312 -62.81 -28.11 -10.92
CA HIS F 312 -62.90 -27.18 -9.79
C HIS F 312 -63.31 -27.84 -8.50
N GLN F 313 -63.18 -29.17 -8.45
CA GLN F 313 -63.59 -29.89 -7.26
C GLN F 313 -62.66 -29.59 -6.06
N ARG F 314 -63.25 -29.60 -4.88
CA ARG F 314 -62.51 -29.31 -3.66
C ARG F 314 -62.07 -30.61 -2.98
N ALA F 315 -61.12 -30.48 -2.06
CA ALA F 315 -60.61 -31.60 -1.29
C ALA F 315 -60.23 -31.13 0.09
N PRO F 316 -60.51 -31.95 1.12
CA PRO F 316 -59.92 -31.64 2.41
C PRO F 316 -58.44 -31.92 2.29
N VAL F 317 -57.62 -31.22 3.08
CA VAL F 317 -56.18 -31.39 2.95
C VAL F 317 -55.49 -31.25 4.30
N ILE F 318 -54.62 -32.20 4.60
CA ILE F 318 -53.79 -32.16 5.79
C ILE F 318 -52.39 -32.44 5.30
N LEU F 319 -51.51 -31.46 5.38
CA LEU F 319 -50.20 -31.61 4.77
C LEU F 319 -49.07 -31.15 5.68
N GLY F 320 -47.87 -31.65 5.44
CA GLY F 320 -46.70 -31.16 6.16
C GLY F 320 -45.74 -32.25 6.57
N SER F 321 -45.07 -32.03 7.70
CA SER F 321 -44.02 -32.93 8.21
C SER F 321 -44.56 -34.34 8.40
N PRO F 322 -43.75 -35.35 8.01
CA PRO F 322 -44.27 -36.72 8.03
C PRO F 322 -44.76 -37.16 9.42
N ASP F 323 -44.01 -36.88 10.48
CA ASP F 323 -44.47 -37.27 11.80
C ASP F 323 -45.78 -36.60 12.21
N ASP F 324 -45.90 -35.31 11.90
CA ASP F 324 -47.10 -34.55 12.21
C ASP F 324 -48.30 -35.11 11.47
N VAL F 325 -48.15 -35.36 10.18
CA VAL F 325 -49.27 -35.90 9.41
C VAL F 325 -49.64 -37.32 9.88
N LEU F 326 -48.64 -38.16 10.13
CA LEU F 326 -48.88 -39.53 10.61
C LEU F 326 -49.63 -39.56 11.94
N GLU F 327 -49.30 -38.60 12.81
CA GLU F 327 -49.95 -38.46 14.11
C GLU F 327 -51.40 -38.05 13.94
N PHE F 328 -51.67 -37.20 12.96
CA PHE F 328 -53.04 -36.86 12.67
C PHE F 328 -53.82 -38.09 12.16
N LEU F 329 -53.17 -38.90 11.33
CA LEU F 329 -53.83 -40.07 10.74
C LEU F 329 -54.08 -41.15 11.78
N LYS F 330 -53.20 -41.25 12.80
CA LYS F 330 -53.45 -42.13 13.96
C LYS F 330 -54.76 -41.72 14.63
N VAL F 331 -54.88 -40.43 14.94
CA VAL F 331 -56.12 -39.87 15.52
C VAL F 331 -57.32 -40.14 14.60
N TYR F 332 -57.15 -39.86 13.30
CA TYR F 332 -58.20 -40.12 12.30
C TYR F 332 -58.69 -41.56 12.32
N GLU F 333 -57.75 -42.50 12.48
CA GLU F 333 -58.07 -43.93 12.45
C GLU F 333 -58.77 -44.39 13.74
N LYS F 334 -58.50 -43.69 14.85
CA LYS F 334 -59.20 -43.95 16.11
C LYS F 334 -60.70 -43.67 15.95
N HIS F 335 -61.01 -42.55 15.31
CA HIS F 335 -62.38 -42.13 15.07
C HIS F 335 -62.91 -42.68 13.76
N SER F 336 -62.22 -43.72 13.28
CA SER F 336 -62.58 -44.51 12.10
C SER F 336 -62.46 -43.71 10.80
N ALA F 337 -63.25 -42.81 10.51
N ASP G 10 -22.11 13.00 5.84
CA ASP G 10 -23.49 12.40 5.92
C ASP G 10 -24.24 12.39 4.59
N VAL G 11 -25.00 11.31 4.40
CA VAL G 11 -25.77 11.09 3.18
C VAL G 11 -26.89 12.13 3.06
N ASN G 12 -27.13 12.61 1.84
CA ASN G 12 -28.28 13.46 1.61
C ASN G 12 -29.03 13.07 0.36
N THR G 13 -30.28 13.48 0.34
CA THR G 13 -31.18 13.24 -0.75
C THR G 13 -31.68 14.59 -1.24
N LEU G 14 -32.26 14.63 -2.44
CA LEU G 14 -32.66 15.88 -3.05
C LEU G 14 -33.65 16.67 -2.21
N THR G 15 -34.77 16.04 -1.87
CA THR G 15 -35.80 16.71 -1.10
C THR G 15 -35.28 17.18 0.25
N ARG G 16 -34.43 16.39 0.90
CA ARG G 16 -33.92 16.75 2.21
C ARG G 16 -32.91 17.91 2.14
N PHE G 17 -32.06 17.90 1.12
CA PHE G 17 -31.14 19.00 0.87
C PHE G 17 -31.92 20.33 0.68
N VAL G 18 -32.93 20.30 -0.19
CA VAL G 18 -33.79 21.48 -0.48
C VAL G 18 -34.55 21.97 0.77
N MET G 19 -35.12 21.03 1.53
CA MET G 19 -35.76 21.34 2.80
C MET G 19 -34.82 22.07 3.75
N GLU G 20 -33.61 21.54 3.94
CA GLU G 20 -32.62 22.13 4.84
C GLU G 20 -32.23 23.53 4.35
N GLU G 21 -31.91 23.64 3.07
CA GLU G 21 -31.56 24.92 2.44
C GLU G 21 -32.69 25.94 2.54
N GLY G 22 -33.93 25.49 2.35
CA GLY G 22 -35.12 26.33 2.46
C GLY G 22 -35.46 26.78 3.87
N ARG G 23 -35.13 25.94 4.84
CA ARG G 23 -35.35 26.26 6.24
C ARG G 23 -34.36 27.35 6.69
N LYS G 24 -33.14 27.27 6.16
CA LYS G 24 -32.11 28.25 6.45
C LYS G 24 -32.49 29.60 5.87
N ALA G 25 -32.96 29.62 4.63
CA ALA G 25 -33.45 30.84 3.99
C ALA G 25 -34.75 31.34 4.63
N ARG G 26 -35.33 30.54 5.53
CA ARG G 26 -36.59 30.85 6.20
C ARG G 26 -37.69 31.21 5.20
N GLY G 27 -37.78 30.44 4.11
CA GLY G 27 -38.82 30.62 3.11
C GLY G 27 -40.12 29.97 3.54
N THR G 28 -41.16 30.13 2.72
CA THR G 28 -42.50 29.64 3.03
C THR G 28 -42.69 28.13 2.80
N GLY G 29 -41.80 27.53 2.00
CA GLY G 29 -41.86 26.10 1.68
C GLY G 29 -42.28 25.84 0.24
N GLU G 30 -42.74 26.88 -0.42
CA GLU G 30 -43.32 26.78 -1.76
C GLU G 30 -42.32 26.37 -2.83
N LEU G 31 -41.09 26.88 -2.76
CA LEU G 31 -40.06 26.43 -3.71
C LEU G 31 -39.74 24.97 -3.46
N THR G 32 -39.70 24.57 -2.18
CA THR G 32 -39.47 23.18 -1.81
C THR G 32 -40.54 22.21 -2.35
N GLN G 33 -41.82 22.52 -2.15
CA GLN G 33 -42.85 21.61 -2.68
C GLN G 33 -42.91 21.60 -4.21
N LEU G 34 -42.56 22.72 -4.84
CA LEU G 34 -42.38 22.80 -6.29
C LEU G 34 -41.30 21.79 -6.73
N LEU G 35 -40.10 21.92 -6.16
CA LEU G 35 -38.98 21.02 -6.50
C LEU G 35 -39.26 19.55 -6.16
N ASN G 36 -39.93 19.31 -5.03
CA ASN G 36 -40.36 17.96 -4.68
C ASN G 36 -41.32 17.34 -5.71
N SER G 37 -42.25 18.16 -6.20
CA SER G 37 -43.20 17.76 -7.23
C SER G 37 -42.49 17.50 -8.55
N LEU G 38 -41.54 18.36 -8.90
CA LEU G 38 -40.76 18.19 -10.12
C LEU G 38 -39.97 16.88 -10.10
N CYS G 39 -39.26 16.65 -9.00
CA CYS G 39 -38.47 15.43 -8.81
C CYS G 39 -39.32 14.14 -8.88
N THR G 40 -40.55 14.19 -8.38
CA THR G 40 -41.47 13.08 -8.56
C THR G 40 -41.81 12.85 -10.05
N ALA G 41 -42.20 13.91 -10.76
CA ALA G 41 -42.43 13.83 -12.21
C ALA G 41 -41.21 13.26 -12.93
N VAL G 42 -40.03 13.67 -12.49
CA VAL G 42 -38.75 13.22 -13.06
C VAL G 42 -38.52 11.72 -12.83
N LYS G 43 -38.81 11.24 -11.62
CA LYS G 43 -38.72 9.79 -11.36
C LYS G 43 -39.63 8.96 -12.29
N ALA G 44 -40.85 9.45 -12.53
CA ALA G 44 -41.83 8.79 -13.38
C ALA G 44 -41.43 8.90 -14.85
N ILE G 45 -40.84 10.02 -15.24
CA ILE G 45 -40.33 10.11 -16.60
C ILE G 45 -39.21 9.09 -16.74
N SER G 46 -38.25 9.11 -15.80
CA SER G 46 -37.13 8.15 -15.81
C SER G 46 -37.59 6.71 -15.98
N SER G 47 -38.56 6.30 -15.17
CA SER G 47 -39.15 4.96 -15.26
C SER G 47 -39.72 4.65 -16.66
N ALA G 48 -40.42 5.61 -17.27
CA ALA G 48 -41.02 5.41 -18.60
C ALA G 48 -39.97 5.38 -19.71
N VAL G 49 -38.98 6.27 -19.60
CA VAL G 49 -37.88 6.30 -20.57
C VAL G 49 -37.05 5.00 -20.53
N ARG G 50 -36.88 4.39 -19.35
CA ARG G 50 -36.17 3.09 -19.24
C ARG G 50 -37.05 1.90 -19.70
N LYS G 51 -38.27 2.21 -20.13
CA LYS G 51 -39.18 1.24 -20.73
C LYS G 51 -39.76 0.22 -19.73
N ALA G 52 -40.02 0.70 -18.51
CA ALA G 52 -40.76 -0.09 -17.51
C ALA G 52 -42.20 -0.33 -17.99
N GLY G 53 -42.64 -1.58 -17.95
CA GLY G 53 -43.98 -1.90 -18.45
C GLY G 53 -44.02 -2.22 -19.93
N ILE G 54 -42.89 -2.12 -20.63
CA ILE G 54 -42.91 -2.29 -22.09
C ILE G 54 -43.45 -3.66 -22.53
N ALA G 55 -43.22 -4.69 -21.72
CA ALA G 55 -43.78 -6.03 -21.99
C ALA G 55 -45.29 -5.98 -22.23
N HIS G 56 -45.99 -5.13 -21.49
CA HIS G 56 -47.44 -5.06 -21.59
C HIS G 56 -47.87 -4.42 -22.91
N LEU G 57 -47.04 -3.50 -23.39
CA LEU G 57 -47.21 -2.89 -24.70
C LEU G 57 -47.10 -3.93 -25.80
N TYR G 58 -46.25 -4.93 -25.59
CA TYR G 58 -46.00 -5.94 -26.61
C TYR G 58 -46.82 -7.21 -26.37
N GLY G 59 -47.85 -7.11 -25.55
CA GLY G 59 -48.87 -8.13 -25.38
C GLY G 59 -48.54 -9.29 -24.46
N ILE G 60 -47.74 -9.04 -23.42
CA ILE G 60 -47.39 -10.09 -22.44
C ILE G 60 -48.63 -10.64 -21.68
N ALA G 61 -49.64 -9.80 -21.53
CA ALA G 61 -50.87 -10.13 -20.80
C ALA G 61 -51.98 -10.34 -21.81
N GLY G 62 -51.58 -10.69 -23.03
CA GLY G 62 -52.49 -10.78 -24.12
C GLY G 62 -52.90 -9.39 -24.54
N LYS G 73 -47.30 7.97 -26.04
CA LYS G 73 -46.12 8.66 -26.57
C LYS G 73 -45.32 9.40 -25.50
N LEU G 74 -44.00 9.21 -25.53
CA LEU G 74 -43.11 9.50 -24.41
C LEU G 74 -42.89 10.99 -24.11
N ASP G 75 -42.77 11.82 -25.14
CA ASP G 75 -42.65 13.25 -24.91
C ASP G 75 -43.94 13.86 -24.37
N VAL G 76 -45.08 13.29 -24.77
CA VAL G 76 -46.40 13.71 -24.26
C VAL G 76 -46.63 13.27 -22.80
N LEU G 77 -46.31 12.02 -22.46
CA LEU G 77 -46.43 11.56 -21.06
C LEU G 77 -45.59 12.44 -20.16
N SER G 78 -44.33 12.63 -20.57
CA SER G 78 -43.39 13.47 -19.84
C SER G 78 -43.99 14.84 -19.54
N ASN G 79 -44.56 15.48 -20.57
CA ASN G 79 -45.21 16.76 -20.41
C ASN G 79 -46.38 16.73 -19.44
N ASP G 80 -47.26 15.75 -19.63
CA ASP G 80 -48.40 15.52 -18.73
C ASP G 80 -47.96 15.35 -17.27
N LEU G 81 -46.90 14.57 -17.05
CA LEU G 81 -46.31 14.37 -15.74
C LEU G 81 -45.82 15.65 -15.12
N VAL G 82 -45.04 16.43 -15.88
CA VAL G 82 -44.50 17.68 -15.36
C VAL G 82 -45.62 18.69 -15.10
N MET G 83 -46.40 19.03 -16.13
CA MET G 83 -47.61 19.85 -15.96
C MET G 83 -48.45 19.38 -14.76
N ASN G 84 -48.88 18.12 -14.73
CA ASN G 84 -49.74 17.68 -13.60
C ASN G 84 -49.10 17.88 -12.22
N MET G 85 -47.86 17.43 -12.07
CA MET G 85 -47.13 17.57 -10.81
C MET G 85 -46.87 19.04 -10.42
N LEU G 86 -46.52 19.88 -11.39
CA LEU G 86 -46.32 21.30 -11.10
C LEU G 86 -47.63 22.02 -10.79
N LYS G 87 -48.68 21.73 -11.57
CA LYS G 87 -50.01 22.29 -11.28
C LYS G 87 -50.45 21.93 -9.88
N SER G 88 -50.41 20.63 -9.57
CA SER G 88 -50.85 20.12 -8.27
C SER G 88 -49.91 20.47 -7.10
N SER G 89 -48.79 21.15 -7.39
CA SER G 89 -47.87 21.56 -6.33
C SER G 89 -48.37 22.78 -5.57
N PHE G 90 -49.36 23.49 -6.12
CA PHE G 90 -49.86 24.76 -5.57
C PHE G 90 -48.79 25.84 -5.50
N ALA G 91 -47.65 25.59 -6.11
CA ALA G 91 -46.51 26.49 -6.03
C ALA G 91 -46.30 27.34 -7.29
N THR G 92 -47.05 27.05 -8.36
CA THR G 92 -46.84 27.71 -9.66
C THR G 92 -48.03 28.53 -10.16
N CYS G 93 -47.76 29.50 -11.03
CA CYS G 93 -48.82 30.31 -11.65
C CYS G 93 -48.74 30.33 -13.17
N VAL G 94 -47.54 30.09 -13.71
CA VAL G 94 -47.29 30.15 -15.14
C VAL G 94 -46.31 29.07 -15.55
N LEU G 95 -46.76 28.20 -16.45
CA LEU G 95 -45.97 27.08 -16.92
C LEU G 95 -45.69 27.18 -18.42
N VAL G 96 -44.42 27.14 -18.78
CA VAL G 96 -44.04 27.14 -20.18
C VAL G 96 -43.34 25.84 -20.45
N SER G 97 -43.81 25.17 -21.49
CA SER G 97 -43.26 23.92 -21.93
C SER G 97 -43.00 23.97 -23.43
N GLU G 98 -41.96 23.27 -23.85
CA GLU G 98 -41.63 23.09 -25.24
C GLU G 98 -42.84 22.50 -26.00
N GLU G 99 -43.63 21.70 -25.31
CA GLU G 99 -44.73 20.96 -25.92
C GLU G 99 -46.01 21.76 -26.12
N ASP G 100 -46.07 22.95 -25.51
CA ASP G 100 -47.29 23.75 -25.54
C ASP G 100 -47.03 25.08 -26.23
N LYS G 101 -47.85 25.35 -27.25
CA LYS G 101 -47.75 26.58 -28.03
C LYS G 101 -47.77 27.83 -27.15
N HIS G 102 -48.73 27.88 -26.22
CA HIS G 102 -48.90 29.02 -25.33
C HIS G 102 -48.56 28.65 -23.89
N ALA G 103 -48.23 29.68 -23.10
CA ALA G 103 -48.06 29.55 -21.65
C ALA G 103 -49.36 29.10 -21.01
N ILE G 104 -49.23 28.21 -20.03
CA ILE G 104 -50.36 27.75 -19.23
C ILE G 104 -50.50 28.66 -18.02
N ILE G 105 -51.67 29.26 -17.87
CA ILE G 105 -51.96 30.01 -16.66
C ILE G 105 -52.69 29.05 -15.73
N VAL G 106 -52.07 28.74 -14.60
CA VAL G 106 -52.63 27.81 -13.63
C VAL G 106 -53.94 28.36 -13.02
N GLU G 107 -54.95 27.50 -12.90
CA GLU G 107 -56.24 27.85 -12.31
C GLU G 107 -56.03 28.46 -10.92
N PRO G 108 -56.87 29.45 -10.55
CA PRO G 108 -56.68 30.23 -9.32
C PRO G 108 -56.51 29.40 -8.06
N GLU G 109 -57.31 28.34 -7.94
CA GLU G 109 -57.31 27.52 -6.74
C GLU G 109 -56.02 26.73 -6.59
N LYS G 110 -55.22 26.67 -7.65
CA LYS G 110 -53.96 25.93 -7.63
C LYS G 110 -52.75 26.82 -7.82
N ARG G 111 -52.91 28.12 -7.64
CA ARG G 111 -51.88 29.11 -7.97
C ARG G 111 -50.84 29.34 -6.90
N GLY G 112 -49.58 29.38 -7.31
CA GLY G 112 -48.47 29.76 -6.45
C GLY G 112 -47.68 30.89 -7.08
N LYS G 113 -46.58 31.26 -6.45
CA LYS G 113 -45.82 32.44 -6.85
C LYS G 113 -44.75 32.21 -7.93
N TYR G 114 -44.53 30.95 -8.32
CA TYR G 114 -43.44 30.59 -9.23
C TYR G 114 -43.86 30.32 -10.68
N VAL G 115 -42.96 30.67 -11.59
CA VAL G 115 -43.13 30.45 -13.02
C VAL G 115 -42.13 29.39 -13.39
N VAL G 116 -42.57 28.38 -14.15
CA VAL G 116 -41.66 27.32 -14.57
C VAL G 116 -41.60 27.09 -16.08
N CYS G 117 -40.40 27.22 -16.65
CA CYS G 117 -40.16 26.94 -18.06
C CYS G 117 -39.41 25.64 -18.15
N PHE G 118 -39.86 24.74 -19.02
CA PHE G 118 -39.27 23.41 -19.07
C PHE G 118 -39.36 22.73 -20.43
N ASP G 119 -38.39 21.85 -20.69
CA ASP G 119 -38.47 20.90 -21.76
C ASP G 119 -38.64 19.50 -21.17
N PRO G 120 -39.85 18.94 -21.26
CA PRO G 120 -40.18 17.72 -20.53
C PRO G 120 -39.33 16.55 -20.97
N LEU G 121 -39.09 16.43 -22.27
CA LEU G 121 -38.21 15.38 -22.76
C LEU G 121 -37.33 15.88 -23.88
N ASP G 122 -36.23 16.52 -23.49
CA ASP G 122 -35.23 17.02 -24.42
C ASP G 122 -34.46 15.91 -25.12
N GLY G 123 -34.33 16.03 -26.44
CA GLY G 123 -33.61 15.06 -27.25
C GLY G 123 -34.46 13.92 -27.76
N SER G 124 -35.74 13.89 -27.39
CA SER G 124 -36.65 12.78 -27.68
C SER G 124 -36.86 12.50 -29.17
N SER G 125 -36.56 13.48 -30.02
CA SER G 125 -36.62 13.26 -31.48
C SER G 125 -35.78 12.05 -31.87
N ASN G 126 -34.61 11.93 -31.23
CA ASN G 126 -33.68 10.81 -31.44
C ASN G 126 -33.94 9.54 -30.59
N ILE G 127 -34.81 9.61 -29.57
CA ILE G 127 -34.98 8.52 -28.59
C ILE G 127 -35.22 7.11 -29.18
N ASP G 128 -35.53 7.04 -30.48
CA ASP G 128 -35.67 5.76 -31.18
C ASP G 128 -34.37 4.93 -31.17
N CYS G 129 -33.23 5.62 -31.16
CA CYS G 129 -31.94 4.93 -31.13
C CYS G 129 -31.38 4.89 -29.71
N LEU G 130 -32.22 5.27 -28.75
CA LEU G 130 -31.94 5.17 -27.31
C LEU G 130 -30.84 6.10 -26.82
N VAL G 131 -30.73 7.25 -27.48
CA VAL G 131 -29.81 8.30 -27.08
C VAL G 131 -30.29 8.82 -25.73
N SER G 132 -29.36 9.25 -24.87
CA SER G 132 -29.70 9.95 -23.62
C SER G 132 -30.69 11.07 -23.92
N VAL G 133 -31.74 11.15 -23.10
CA VAL G 133 -32.67 12.25 -23.14
C VAL G 133 -32.67 12.96 -21.78
N GLY G 134 -33.45 14.01 -21.65
CA GLY G 134 -33.45 14.75 -20.40
C GLY G 134 -34.58 15.73 -20.25
N THR G 135 -34.70 16.27 -19.03
CA THR G 135 -35.72 17.23 -18.69
C THR G 135 -34.99 18.49 -18.22
N ILE G 136 -35.28 19.62 -18.85
CA ILE G 136 -34.63 20.86 -18.47
C ILE G 136 -35.70 21.74 -17.84
N PHE G 137 -35.31 22.51 -16.83
CA PHE G 137 -36.23 23.41 -16.17
C PHE G 137 -35.58 24.72 -15.78
N GLY G 138 -36.40 25.77 -15.75
CA GLY G 138 -36.02 27.06 -15.23
C GLY G 138 -37.16 27.53 -14.38
N ILE G 139 -36.84 28.05 -13.19
CA ILE G 139 -37.84 28.55 -12.25
C ILE G 139 -37.58 30.02 -11.89
N TYR G 140 -38.60 30.83 -12.10
CA TYR G 140 -38.58 32.26 -11.78
C TYR G 140 -39.65 32.51 -10.73
N ARG G 141 -39.48 33.57 -9.94
CA ARG G 141 -40.60 34.06 -9.16
C ARG G 141 -41.35 35.06 -10.03
N LYS G 142 -42.68 34.99 -10.03
CA LYS G 142 -43.49 36.04 -10.64
C LYS G 142 -43.14 37.36 -9.95
N LYS G 143 -42.75 38.32 -10.77
CA LYS G 143 -42.28 39.62 -10.31
C LYS G 143 -43.48 40.59 -10.26
N SER G 144 -44.40 40.43 -11.21
CA SER G 144 -45.57 41.29 -11.33
C SER G 144 -46.61 41.09 -10.22
N THR G 145 -47.35 42.17 -9.91
CA THR G 145 -48.46 42.13 -8.94
C THR G 145 -49.77 41.95 -9.71
N ASP G 146 -49.70 42.33 -11.00
CA ASP G 146 -50.71 42.06 -12.01
C ASP G 146 -51.24 40.63 -11.99
N GLU G 147 -52.29 40.42 -12.76
CA GLU G 147 -52.81 39.09 -13.06
C GLU G 147 -51.68 38.26 -13.68
N PRO G 148 -51.57 36.98 -13.30
CA PRO G 148 -50.52 36.15 -13.88
C PRO G 148 -50.69 35.98 -15.39
N SER G 149 -49.58 36.00 -16.11
CA SER G 149 -49.63 35.85 -17.54
C SER G 149 -48.29 35.50 -18.16
N GLU G 150 -48.37 35.08 -19.41
CA GLU G 150 -47.25 34.94 -20.32
C GLU G 150 -46.07 35.89 -20.03
N LYS G 151 -46.34 37.19 -19.86
CA LYS G 151 -45.31 38.18 -19.51
C LYS G 151 -44.35 37.63 -18.47
N ASP G 152 -44.90 36.96 -17.47
CA ASP G 152 -44.17 36.55 -16.26
C ASP G 152 -43.07 35.55 -16.54
N ALA G 153 -43.19 34.85 -17.66
CA ALA G 153 -42.16 33.93 -18.16
C ALA G 153 -41.05 34.65 -18.94
N LEU G 154 -41.29 35.90 -19.32
CA LEU G 154 -40.32 36.64 -20.15
C LEU G 154 -39.29 37.40 -19.35
N GLN G 155 -38.69 36.72 -18.38
CA GLN G 155 -37.64 37.30 -17.58
C GLN G 155 -36.29 36.86 -18.14
N PRO G 156 -35.27 37.75 -18.08
CA PRO G 156 -33.94 37.34 -18.48
C PRO G 156 -33.46 36.22 -17.55
N GLY G 157 -32.58 35.36 -18.03
CA GLY G 157 -32.08 34.23 -17.21
C GLY G 157 -31.54 34.63 -15.86
N ARG G 158 -31.04 35.86 -15.75
CA ARG G 158 -30.44 36.38 -14.51
C ARG G 158 -31.41 36.36 -13.34
N ASN G 159 -32.71 36.38 -13.64
CA ASN G 159 -33.74 36.36 -12.61
C ASN G 159 -34.08 34.94 -12.10
N LEU G 160 -33.48 33.91 -12.70
CA LEU G 160 -33.75 32.54 -12.29
C LEU G 160 -33.51 32.39 -10.78
N VAL G 161 -34.44 31.72 -10.12
CA VAL G 161 -34.36 31.41 -8.70
C VAL G 161 -33.70 30.02 -8.61
N ALA G 162 -34.09 29.12 -9.52
CA ALA G 162 -33.55 27.77 -9.60
C ALA G 162 -33.64 27.30 -11.02
N ALA G 163 -32.71 26.43 -11.39
CA ALA G 163 -32.73 25.81 -12.71
C ALA G 163 -31.87 24.56 -12.70
N GLY G 164 -32.07 23.72 -13.70
CA GLY G 164 -31.26 22.53 -13.85
C GLY G 164 -31.84 21.59 -14.87
N TYR G 165 -31.44 20.34 -14.76
CA TYR G 165 -31.93 19.29 -15.61
C TYR G 165 -31.88 17.91 -14.92
N ALA G 166 -32.69 16.99 -15.44
CA ALA G 166 -32.48 15.56 -15.22
C ALA G 166 -31.99 14.93 -16.50
N LEU G 167 -30.88 14.20 -16.39
CA LEU G 167 -30.35 13.44 -17.50
C LEU G 167 -30.80 12.00 -17.31
N TYR G 168 -31.40 11.43 -18.35
CA TYR G 168 -31.65 10.00 -18.38
C TYR G 168 -30.64 9.41 -19.36
N GLY G 169 -29.41 9.21 -18.85
CA GLY G 169 -28.35 8.61 -19.61
C GLY G 169 -28.19 7.14 -19.25
N SER G 170 -26.94 6.71 -19.08
CA SER G 170 -26.66 5.38 -18.57
C SER G 170 -27.23 5.26 -17.16
N ALA G 171 -27.10 6.31 -16.36
CA ALA G 171 -27.87 6.45 -15.12
C ALA G 171 -28.69 7.70 -15.19
N THR G 172 -29.66 7.84 -14.30
CA THR G 172 -30.42 9.08 -14.19
C THR G 172 -29.86 10.00 -13.09
N MET G 173 -29.56 11.24 -13.47
CA MET G 173 -29.04 12.20 -12.55
C MET G 173 -29.82 13.50 -12.62
N LEU G 174 -29.91 14.19 -11.49
CA LEU G 174 -30.56 15.48 -11.46
C LEU G 174 -29.56 16.50 -11.01
N VAL G 175 -29.40 17.51 -11.85
CA VAL G 175 -28.50 18.60 -11.54
C VAL G 175 -29.31 19.83 -11.14
N LEU G 176 -29.08 20.30 -9.92
CA LEU G 176 -29.79 21.46 -9.42
C LEU G 176 -28.86 22.62 -9.07
N ALA G 177 -29.11 23.75 -9.73
CA ALA G 177 -28.38 24.99 -9.53
C ALA G 177 -29.30 26.00 -8.86
N MET G 178 -28.85 26.53 -7.73
CA MET G 178 -29.53 27.61 -7.03
C MET G 178 -28.44 28.55 -6.58
N ASP G 179 -28.79 29.51 -5.73
CA ASP G 179 -27.84 30.51 -5.28
C ASP G 179 -26.64 29.90 -4.54
N CYS G 180 -26.89 28.80 -3.81
CA CYS G 180 -25.85 28.07 -3.07
C CYS G 180 -24.89 27.26 -3.97
N GLY G 181 -25.09 27.29 -5.28
CA GLY G 181 -24.22 26.57 -6.21
C GLY G 181 -24.92 25.43 -6.92
N VAL G 182 -24.15 24.59 -7.61
CA VAL G 182 -24.70 23.44 -8.32
C VAL G 182 -24.52 22.17 -7.49
N ASN G 183 -25.58 21.40 -7.36
CA ASN G 183 -25.50 20.10 -6.69
C ASN G 183 -26.05 18.99 -7.55
N CYS G 184 -25.36 17.86 -7.56
CA CYS G 184 -25.72 16.72 -8.44
C CYS G 184 -26.23 15.50 -7.68
N PHE G 185 -27.42 15.03 -8.08
CA PHE G 185 -28.11 13.94 -7.39
C PHE G 185 -28.33 12.74 -8.28
N MET G 186 -27.78 11.60 -7.89
CA MET G 186 -27.99 10.37 -8.64
C MET G 186 -29.30 9.75 -8.22
N LEU G 187 -30.11 9.36 -9.21
CA LEU G 187 -31.27 8.57 -8.92
C LEU G 187 -30.83 7.13 -8.74
N ASP G 188 -31.05 6.62 -7.53
CA ASP G 188 -30.81 5.23 -7.19
C ASP G 188 -32.15 4.54 -7.44
N PRO G 189 -32.25 3.79 -8.57
CA PRO G 189 -33.53 3.18 -8.96
C PRO G 189 -34.06 2.09 -7.97
N ALA G 190 -33.16 1.57 -7.13
CA ALA G 190 -33.54 0.55 -6.16
C ALA G 190 -34.46 1.11 -5.06
N ILE G 191 -34.28 2.37 -4.70
CA ILE G 191 -35.11 3.00 -3.66
C ILE G 191 -35.86 4.24 -4.15
N GLY G 192 -35.71 4.56 -5.43
CA GLY G 192 -36.44 5.68 -6.04
C GLY G 192 -36.17 6.95 -5.29
N GLU G 193 -34.90 7.24 -5.10
CA GLU G 193 -34.47 8.42 -4.35
C GLU G 193 -33.23 9.03 -4.98
N PHE G 194 -33.24 10.36 -5.12
CA PHE G 194 -32.10 11.12 -5.60
C PHE G 194 -31.11 11.28 -4.48
N ILE G 195 -29.88 10.85 -4.72
CA ILE G 195 -28.82 10.86 -3.74
C ILE G 195 -27.76 11.92 -4.12
N LEU G 196 -27.42 12.77 -3.15
CA LEU G 196 -26.38 13.76 -3.34
C LEU G 196 -25.05 13.07 -3.47
N VAL G 197 -24.41 13.28 -4.62
CA VAL G 197 -23.13 12.62 -4.92
C VAL G 197 -22.00 13.61 -5.24
N ASP G 198 -22.34 14.75 -5.85
CA ASP G 198 -21.38 15.83 -6.14
C ASP G 198 -21.89 17.15 -5.58
N LYS G 199 -21.14 17.75 -4.65
CA LYS G 199 -21.58 18.97 -3.99
C LYS G 199 -20.86 20.17 -4.59
N ASP G 200 -21.59 21.28 -4.71
CA ASP G 200 -21.01 22.57 -5.08
C ASP G 200 -20.02 22.41 -6.22
N VAL G 201 -20.50 21.81 -7.29
CA VAL G 201 -19.71 21.47 -8.46
C VAL G 201 -19.20 22.72 -9.14
N LYS G 202 -17.93 22.68 -9.54
CA LYS G 202 -17.30 23.73 -10.31
C LYS G 202 -16.75 23.14 -11.59
N ILE G 203 -16.99 23.81 -12.71
CA ILE G 203 -16.46 23.33 -13.98
C ILE G 203 -14.95 23.60 -14.03
N LYS G 204 -14.21 22.72 -14.69
CA LYS G 204 -12.80 22.97 -14.96
C LYS G 204 -12.70 24.29 -15.72
N LYS G 205 -11.65 25.04 -15.39
CA LYS G 205 -11.24 26.23 -16.11
C LYS G 205 -11.14 26.01 -17.62
N LYS G 206 -10.58 24.88 -18.02
CA LYS G 206 -10.39 24.58 -19.44
C LYS G 206 -10.53 23.09 -19.70
N GLY G 207 -11.19 22.74 -20.79
CA GLY G 207 -11.38 21.35 -21.16
C GLY G 207 -10.54 20.91 -22.34
N LYS G 208 -10.98 19.83 -22.99
CA LYS G 208 -10.21 19.15 -24.03
C LYS G 208 -11.18 18.52 -25.04
N ILE G 209 -12.44 18.87 -24.91
CA ILE G 209 -13.47 18.36 -25.80
C ILE G 209 -14.28 19.52 -26.33
N TYR G 210 -14.66 19.44 -27.60
CA TYR G 210 -15.58 20.40 -28.16
C TYR G 210 -16.76 19.67 -28.74
N SER G 211 -17.92 20.32 -28.69
CA SER G 211 -19.18 19.66 -28.96
C SER G 211 -20.08 20.54 -29.82
N LEU G 212 -20.21 20.17 -31.09
CA LEU G 212 -21.18 20.80 -31.99
C LEU G 212 -21.43 19.88 -33.19
N ASN G 213 -22.58 20.10 -33.84
CA ASN G 213 -22.92 19.41 -35.08
C ASN G 213 -22.16 20.05 -36.22
N GLU G 214 -21.12 19.36 -36.68
CA GLU G 214 -20.22 19.90 -37.68
C GLU G 214 -20.73 19.70 -39.09
N GLY G 215 -21.80 18.93 -39.24
CA GLY G 215 -22.45 18.73 -40.54
C GLY G 215 -23.04 20.03 -41.07
N TYR G 216 -23.11 21.04 -40.20
CA TYR G 216 -23.50 22.39 -40.56
C TYR G 216 -22.31 23.26 -40.97
N ALA G 217 -21.14 22.62 -41.12
CA ALA G 217 -19.89 23.30 -41.49
C ALA G 217 -20.06 24.34 -42.61
N LYS G 218 -20.84 23.96 -43.63
CA LYS G 218 -21.12 24.80 -44.80
C LYS G 218 -21.86 26.09 -44.46
N ASP G 219 -22.63 26.07 -43.37
CA ASP G 219 -23.43 27.22 -42.96
C ASP G 219 -22.83 28.05 -41.81
N PHE G 220 -21.72 27.58 -41.24
CA PHE G 220 -21.08 28.22 -40.10
C PHE G 220 -20.58 29.61 -40.44
N ASP G 221 -20.73 30.53 -39.51
CA ASP G 221 -20.09 31.83 -39.70
C ASP G 221 -18.58 31.63 -39.50
N PRO G 222 -17.75 32.50 -40.11
CA PRO G 222 -16.32 32.21 -40.17
C PRO G 222 -15.62 32.12 -38.80
N ALA G 223 -16.26 32.65 -37.77
CA ALA G 223 -15.72 32.62 -36.41
C ALA G 223 -15.76 31.21 -35.85
N VAL G 224 -16.87 30.53 -36.14
CA VAL G 224 -17.12 29.19 -35.67
C VAL G 224 -16.21 28.22 -36.41
N THR G 225 -16.05 28.44 -37.71
CA THR G 225 -15.09 27.67 -38.51
C THR G 225 -13.69 27.81 -37.93
N GLU G 226 -13.25 29.04 -37.65
CA GLU G 226 -11.91 29.24 -37.15
C GLU G 226 -11.71 28.69 -35.73
N TYR G 227 -12.72 28.82 -34.88
CA TYR G 227 -12.62 28.31 -33.53
C TYR G 227 -12.38 26.80 -33.56
N ILE G 228 -13.24 26.07 -34.27
CA ILE G 228 -13.15 24.60 -34.37
C ILE G 228 -11.86 24.17 -35.10
N GLN G 229 -11.41 24.99 -36.02
CA GLN G 229 -10.13 24.75 -36.70
C GLN G 229 -8.94 24.83 -35.72
N ARG G 230 -9.04 25.74 -34.75
CA ARG G 230 -8.08 25.84 -33.65
C ARG G 230 -8.10 24.62 -32.72
N LYS G 231 -9.26 24.00 -32.56
CA LYS G 231 -9.33 22.77 -31.75
C LYS G 231 -8.69 21.58 -32.45
N LYS G 232 -8.72 21.57 -33.78
CA LYS G 232 -8.11 20.47 -34.54
C LYS G 232 -6.63 20.73 -34.79
N PHE G 233 -6.30 21.99 -35.04
CA PHE G 233 -4.94 22.43 -35.33
C PHE G 233 -4.61 23.57 -34.34
N PRO G 234 -4.18 23.22 -33.11
CA PRO G 234 -3.96 24.18 -32.01
C PRO G 234 -2.84 25.18 -32.31
N PRO G 235 -3.11 26.50 -32.14
CA PRO G 235 -2.11 27.54 -32.49
C PRO G 235 -0.90 27.58 -31.53
N ASP G 236 -0.99 26.86 -30.41
CA ASP G 236 0.09 26.84 -29.41
C ASP G 236 0.81 25.49 -29.37
N ASN G 237 0.50 24.63 -30.34
CA ASN G 237 1.04 23.27 -30.38
C ASN G 237 0.79 22.54 -29.05
N SER G 238 -0.44 22.64 -28.57
CA SER G 238 -0.96 21.74 -27.53
C SER G 238 -1.69 20.59 -28.26
N ALA G 239 -2.12 19.59 -27.50
CA ALA G 239 -2.83 18.46 -28.09
C ALA G 239 -4.17 18.93 -28.68
N PRO G 240 -4.55 18.38 -29.84
CA PRO G 240 -5.88 18.68 -30.37
C PRO G 240 -7.00 18.21 -29.43
N TYR G 241 -8.11 18.93 -29.43
CA TYR G 241 -9.27 18.54 -28.65
C TYR G 241 -9.90 17.29 -29.25
N GLY G 242 -10.59 16.53 -28.40
CA GLY G 242 -11.45 15.46 -28.87
C GLY G 242 -12.80 16.07 -29.23
N ALA G 243 -13.49 15.45 -30.17
CA ALA G 243 -14.86 15.86 -30.52
C ALA G 243 -15.87 14.86 -29.95
N ARG G 244 -16.86 15.38 -29.24
CA ARG G 244 -18.06 14.62 -28.87
C ARG G 244 -19.29 15.39 -29.24
N TYR G 245 -20.27 14.71 -29.83
CA TYR G 245 -21.57 15.30 -30.03
C TYR G 245 -22.64 14.23 -29.97
N VAL G 246 -23.35 14.15 -28.84
CA VAL G 246 -24.36 13.12 -28.65
C VAL G 246 -25.57 13.49 -29.54
N GLY G 247 -25.78 14.80 -29.72
CA GLY G 247 -26.95 15.27 -30.44
C GLY G 247 -28.16 15.45 -29.52
N SER G 248 -27.94 15.29 -28.23
CA SER G 248 -28.94 15.56 -27.20
C SER G 248 -28.33 16.61 -26.28
N MET G 249 -29.02 17.72 -26.11
CA MET G 249 -28.44 18.85 -25.41
C MET G 249 -28.10 18.56 -23.94
N VAL G 250 -28.97 17.84 -23.25
CA VAL G 250 -28.72 17.56 -21.83
C VAL G 250 -27.46 16.72 -21.66
N ALA G 251 -27.33 15.70 -22.49
CA ALA G 251 -26.15 14.82 -22.50
C ALA G 251 -24.87 15.58 -22.80
N ASP G 252 -24.89 16.40 -23.86
CA ASP G 252 -23.72 17.14 -24.29
C ASP G 252 -23.34 18.20 -23.28
N VAL G 253 -24.34 18.86 -22.71
CA VAL G 253 -24.08 19.86 -21.69
C VAL G 253 -23.61 19.23 -20.37
N HIS G 254 -24.16 18.07 -20.02
CA HIS G 254 -23.69 17.41 -18.79
C HIS G 254 -22.25 16.94 -18.88
N ARG G 255 -21.84 16.42 -20.04
CA ARG G 255 -20.46 16.00 -20.21
C ARG G 255 -19.61 17.23 -20.03
N THR G 256 -20.12 18.36 -20.53
CA THR G 256 -19.40 19.63 -20.52
C THR G 256 -19.16 20.08 -19.11
N LEU G 257 -20.23 20.04 -18.29
CA LEU G 257 -20.14 20.38 -16.87
C LEU G 257 -19.13 19.49 -16.13
N VAL G 258 -19.16 18.20 -16.42
CA VAL G 258 -18.38 17.16 -15.70
C VAL G 258 -16.94 17.00 -16.20
N TYR G 259 -16.74 17.02 -17.52
CA TYR G 259 -15.42 16.86 -18.08
C TYR G 259 -14.78 18.20 -18.45
N GLY G 260 -15.62 19.21 -18.59
CA GLY G 260 -15.15 20.48 -19.08
C GLY G 260 -15.08 20.46 -20.58
N GLY G 261 -14.72 21.60 -21.14
CA GLY G 261 -14.62 21.77 -22.58
C GLY G 261 -15.73 22.70 -23.01
N ILE G 262 -16.19 22.55 -24.25
CA ILE G 262 -17.12 23.53 -24.80
C ILE G 262 -18.27 22.89 -25.59
N PHE G 263 -19.42 23.54 -25.54
CA PHE G 263 -20.59 23.12 -26.29
C PHE G 263 -21.08 24.34 -27.09
N LEU G 264 -21.39 24.13 -28.36
CA LEU G 264 -21.80 25.20 -29.27
C LEU G 264 -23.05 24.84 -30.08
N TYR G 265 -24.06 25.70 -30.00
CA TYR G 265 -25.13 25.69 -30.98
C TYR G 265 -25.33 27.11 -31.50
N PRO G 266 -24.48 27.53 -32.45
CA PRO G 266 -24.49 28.88 -32.99
C PRO G 266 -25.39 28.94 -34.23
N ALA G 267 -25.42 30.08 -34.93
CA ALA G 267 -26.26 30.22 -36.14
C ALA G 267 -25.87 29.31 -37.32
N ASN G 268 -26.86 28.74 -37.97
CA ASN G 268 -26.71 28.07 -39.27
C ASN G 268 -27.81 28.55 -40.23
N LYS G 269 -27.89 27.99 -41.45
CA LYS G 269 -28.81 28.52 -42.47
C LYS G 269 -30.30 28.32 -42.16
N LYS G 270 -30.62 27.20 -41.53
CA LYS G 270 -31.99 26.96 -41.06
C LYS G 270 -32.33 27.77 -39.78
N SER G 271 -31.32 28.47 -39.24
CA SER G 271 -31.43 29.12 -37.94
C SER G 271 -30.51 30.34 -37.73
N PRO G 272 -30.90 31.52 -38.27
CA PRO G 272 -30.11 32.76 -38.01
C PRO G 272 -30.10 33.24 -36.55
N ASN G 273 -30.88 32.59 -35.69
CA ASN G 273 -30.94 32.94 -34.26
C ASN G 273 -30.56 31.76 -33.36
N GLY G 274 -29.88 30.77 -33.92
CA GLY G 274 -29.69 29.50 -33.23
C GLY G 274 -30.89 28.59 -33.38
N LYS G 275 -30.76 27.37 -32.87
CA LYS G 275 -31.85 26.40 -32.89
C LYS G 275 -32.45 26.18 -31.49
N LEU G 276 -31.62 26.35 -30.47
CA LEU G 276 -32.03 26.01 -29.10
C LEU G 276 -32.91 27.08 -28.52
N ARG G 277 -33.84 26.65 -27.67
CA ARG G 277 -34.84 27.54 -27.08
C ARG G 277 -34.28 28.28 -25.86
N LEU G 278 -34.39 29.60 -25.87
CA LEU G 278 -33.89 30.41 -24.75
C LEU G 278 -34.48 30.05 -23.39
N LEU G 279 -35.80 30.08 -23.27
CA LEU G 279 -36.41 29.97 -21.96
C LEU G 279 -36.12 28.63 -21.25
N TYR G 280 -36.27 27.53 -21.99
CA TYR G 280 -36.29 26.21 -21.38
C TYR G 280 -35.14 25.30 -21.85
N GLU G 281 -34.17 25.86 -22.56
CA GLU G 281 -32.97 25.13 -22.91
C GLU G 281 -31.73 25.91 -22.53
N CYS G 282 -31.56 27.08 -23.16
CA CYS G 282 -30.35 27.88 -23.01
C CYS G 282 -30.21 28.44 -21.60
N ASN G 283 -31.23 29.15 -21.14
CA ASN G 283 -31.18 29.82 -19.84
C ASN G 283 -30.95 28.84 -18.68
N PRO G 284 -31.73 27.74 -18.61
CA PRO G 284 -31.47 26.79 -17.53
C PRO G 284 -30.01 26.34 -17.54
N MET G 285 -29.49 26.01 -18.72
CA MET G 285 -28.12 25.51 -18.88
C MET G 285 -27.08 26.57 -18.66
N ALA G 286 -27.39 27.82 -19.00
CA ALA G 286 -26.49 28.96 -18.76
C ALA G 286 -26.38 29.27 -17.28
N TYR G 287 -27.52 29.20 -16.60
CA TYR G 287 -27.55 29.38 -15.17
C TYR G 287 -26.77 28.30 -14.42
N VAL G 288 -26.94 27.03 -14.79
CA VAL G 288 -26.10 25.94 -14.23
C VAL G 288 -24.59 26.16 -14.47
N MET G 289 -24.24 26.53 -15.70
CA MET G 289 -22.87 26.84 -16.07
C MET G 289 -22.29 27.92 -15.19
N GLU G 290 -23.02 29.03 -15.10
CA GLU G 290 -22.54 30.20 -14.36
C GLU G 290 -22.39 29.97 -12.86
N LYS G 291 -23.37 29.28 -12.27
CA LYS G 291 -23.26 28.78 -10.90
C LYS G 291 -22.08 27.82 -10.68
N ALA G 292 -21.67 27.10 -11.73
CA ALA G 292 -20.49 26.24 -11.63
C ALA G 292 -19.20 26.96 -12.01
N GLY G 293 -19.28 28.27 -12.16
CA GLY G 293 -18.16 29.09 -12.65
C GLY G 293 -17.77 28.85 -14.10
N GLY G 294 -18.71 28.37 -14.91
CA GLY G 294 -18.48 28.24 -16.35
C GLY G 294 -19.10 29.45 -17.04
N MET G 295 -19.32 29.36 -18.34
CA MET G 295 -19.83 30.51 -19.10
C MET G 295 -20.81 30.09 -20.16
N ALA G 296 -21.68 31.02 -20.56
CA ALA G 296 -22.64 30.77 -21.64
C ALA G 296 -22.98 32.08 -22.31
N THR G 297 -22.71 32.14 -23.61
CA THR G 297 -22.83 33.40 -24.35
C THR G 297 -23.60 33.17 -25.64
N THR G 298 -24.22 34.22 -26.17
CA THR G 298 -24.80 34.12 -27.51
C THR G 298 -23.74 34.44 -28.58
N GLY G 299 -22.59 34.91 -28.11
CA GLY G 299 -21.60 35.50 -29.01
C GLY G 299 -21.59 37.01 -28.84
N LYS G 300 -22.77 37.58 -28.71
CA LYS G 300 -22.92 39.03 -28.61
C LYS G 300 -23.18 39.47 -27.19
N GLU G 301 -23.59 38.52 -26.34
CA GLU G 301 -23.91 38.79 -24.93
C GLU G 301 -24.09 37.49 -24.11
N ALA G 302 -24.12 37.64 -22.79
CA ALA G 302 -24.40 36.52 -21.88
C ALA G 302 -25.82 36.02 -22.13
N VAL G 303 -25.97 34.69 -22.23
CA VAL G 303 -27.29 34.08 -22.42
C VAL G 303 -28.29 34.59 -21.36
N LEU G 304 -27.79 34.73 -20.14
CA LEU G 304 -28.62 35.12 -19.00
C LEU G 304 -29.03 36.60 -19.04
N ASP G 305 -28.42 37.38 -19.93
CA ASP G 305 -28.74 38.80 -20.04
C ASP G 305 -29.74 39.07 -21.16
N VAL G 306 -30.05 38.06 -21.98
CA VAL G 306 -30.99 38.24 -23.08
C VAL G 306 -32.38 38.46 -22.51
N ILE G 307 -33.01 39.58 -22.85
CA ILE G 307 -34.39 39.82 -22.41
C ILE G 307 -35.33 39.21 -23.44
N PRO G 308 -36.05 38.16 -23.04
CA PRO G 308 -36.94 37.41 -23.94
C PRO G 308 -38.14 38.23 -24.40
N THR G 309 -38.57 38.02 -25.65
CA THR G 309 -39.76 38.68 -26.20
C THR G 309 -40.85 37.65 -26.56
N ASP G 310 -40.51 36.37 -26.42
CA ASP G 310 -41.29 35.27 -26.94
C ASP G 310 -40.87 34.01 -26.15
N ILE G 311 -41.85 33.25 -25.67
CA ILE G 311 -41.57 32.06 -24.85
C ILE G 311 -40.88 30.92 -25.59
N HIS G 312 -41.01 30.90 -26.92
CA HIS G 312 -40.35 29.87 -27.74
C HIS G 312 -39.24 30.48 -28.58
N GLN G 313 -38.69 31.57 -28.05
CA GLN G 313 -37.56 32.29 -28.62
C GLN G 313 -36.33 31.40 -28.74
N ARG G 314 -35.66 31.50 -29.89
CA ARG G 314 -34.44 30.76 -30.14
C ARG G 314 -33.23 31.63 -29.83
N ALA G 315 -32.13 31.00 -29.49
CA ALA G 315 -30.94 31.72 -29.06
C ALA G 315 -29.70 30.95 -29.50
N PRO G 316 -28.67 31.67 -30.01
CA PRO G 316 -27.38 31.03 -30.18
C PRO G 316 -26.80 30.75 -28.81
N VAL G 317 -26.04 29.66 -28.67
CA VAL G 317 -25.43 29.36 -27.38
C VAL G 317 -24.07 28.72 -27.56
N ILE G 318 -23.10 29.27 -26.86
CA ILE G 318 -21.77 28.71 -26.75
C ILE G 318 -21.51 28.68 -25.26
N LEU G 319 -21.33 27.51 -24.69
CA LEU G 319 -21.20 27.39 -23.23
C LEU G 319 -20.13 26.41 -22.85
N GLY G 320 -19.72 26.45 -21.59
CA GLY G 320 -18.76 25.50 -21.06
C GLY G 320 -17.70 26.16 -20.20
N SER G 321 -16.50 25.58 -20.23
CA SER G 321 -15.37 26.08 -19.42
C SER G 321 -15.08 27.54 -19.73
N PRO G 322 -14.68 28.33 -18.71
CA PRO G 322 -14.46 29.74 -18.98
C PRO G 322 -13.40 29.97 -20.06
N ASP G 323 -12.24 29.33 -19.94
CA ASP G 323 -11.13 29.52 -20.87
C ASP G 323 -11.44 29.11 -22.32
N ASP G 324 -12.38 28.18 -22.49
CA ASP G 324 -12.82 27.79 -23.83
C ASP G 324 -13.83 28.77 -24.44
N VAL G 325 -14.78 29.24 -23.64
CA VAL G 325 -15.78 30.19 -24.09
C VAL G 325 -15.13 31.56 -24.39
N LEU G 326 -14.24 32.00 -23.50
CA LEU G 326 -13.50 33.24 -23.67
C LEU G 326 -12.65 33.20 -24.93
N GLU G 327 -12.08 32.03 -25.20
CA GLU G 327 -11.33 31.79 -26.44
C GLU G 327 -12.23 31.86 -27.66
N PHE G 328 -13.43 31.30 -27.57
CA PHE G 328 -14.35 31.41 -28.68
C PHE G 328 -14.73 32.86 -28.87
N LEU G 329 -14.86 33.59 -27.77
CA LEU G 329 -15.25 34.98 -27.85
C LEU G 329 -14.11 35.86 -28.41
N LYS G 330 -12.85 35.57 -28.07
CA LYS G 330 -11.73 36.26 -28.74
C LYS G 330 -11.87 36.10 -30.25
N VAL G 331 -12.07 34.87 -30.70
CA VAL G 331 -12.18 34.57 -32.14
C VAL G 331 -13.41 35.24 -32.76
N TYR G 332 -14.55 35.15 -32.07
CA TYR G 332 -15.78 35.75 -32.52
C TYR G 332 -15.63 37.26 -32.67
N GLU G 333 -15.05 37.93 -31.66
CA GLU G 333 -14.94 39.37 -31.70
C GLU G 333 -13.80 39.88 -32.56
N LYS G 334 -12.87 38.99 -32.87
CA LYS G 334 -11.81 39.29 -33.81
C LYS G 334 -12.36 39.34 -35.24
N HIS G 335 -13.28 38.43 -35.57
CA HIS G 335 -13.95 38.44 -36.88
C HIS G 335 -14.91 39.63 -37.07
N SER G 336 -15.67 39.95 -36.02
CA SER G 336 -16.51 41.15 -35.98
C SER G 336 -17.38 41.24 -34.72
N ALA G 337 -17.93 42.29 -34.38
N ASP H 10 -47.87 -11.99 -31.29
CA ASP H 10 -47.45 -12.79 -30.11
C ASP H 10 -46.17 -12.28 -29.43
N VAL H 11 -46.30 -11.86 -28.16
CA VAL H 11 -45.14 -11.52 -27.32
C VAL H 11 -44.05 -12.58 -27.42
N ASN H 12 -42.81 -12.13 -27.38
CA ASN H 12 -41.68 -13.03 -27.33
C ASN H 12 -40.58 -12.35 -26.54
N THR H 13 -39.81 -13.15 -25.82
CA THR H 13 -38.71 -12.69 -24.99
C THR H 13 -37.42 -13.29 -25.55
N LEU H 14 -36.28 -12.76 -25.12
CA LEU H 14 -34.99 -13.22 -25.63
C LEU H 14 -34.84 -14.73 -25.46
N THR H 15 -35.09 -15.21 -24.24
CA THR H 15 -34.84 -16.62 -23.92
C THR H 15 -35.71 -17.52 -24.78
N ARG H 16 -36.99 -17.18 -24.86
CA ARG H 16 -37.96 -17.94 -25.61
C ARG H 16 -37.65 -17.94 -27.11
N PHE H 17 -37.35 -16.76 -27.66
CA PHE H 17 -36.95 -16.65 -29.07
C PHE H 17 -35.76 -17.58 -29.37
N VAL H 18 -34.74 -17.52 -28.52
CA VAL H 18 -33.52 -18.31 -28.71
C VAL H 18 -33.78 -19.81 -28.58
N MET H 19 -34.61 -20.20 -27.61
CA MET H 19 -35.01 -21.60 -27.44
C MET H 19 -35.75 -22.15 -28.65
N GLU H 20 -36.64 -21.33 -29.20
CA GLU H 20 -37.46 -21.68 -30.34
C GLU H 20 -36.60 -21.84 -31.60
N GLU H 21 -35.75 -20.86 -31.87
CA GLU H 21 -34.73 -20.97 -32.93
C GLU H 21 -33.75 -22.13 -32.68
N GLY H 22 -33.43 -22.40 -31.43
CA GLY H 22 -32.55 -23.51 -31.08
C GLY H 22 -33.16 -24.85 -31.42
N ARG H 23 -34.38 -25.09 -30.91
CA ARG H 23 -35.16 -26.28 -31.23
C ARG H 23 -35.34 -26.50 -32.74
N LYS H 24 -35.62 -25.44 -33.50
CA LYS H 24 -35.73 -25.56 -34.97
C LYS H 24 -34.46 -26.15 -35.54
N ALA H 25 -33.32 -25.57 -35.14
CA ALA H 25 -32.00 -26.02 -35.53
C ALA H 25 -31.67 -27.41 -34.97
N ARG H 26 -32.41 -27.82 -33.94
CA ARG H 26 -32.21 -29.12 -33.30
C ARG H 26 -30.82 -29.24 -32.65
N GLY H 27 -30.30 -28.10 -32.18
CA GLY H 27 -29.02 -28.09 -31.46
C GLY H 27 -29.10 -28.73 -30.07
N THR H 28 -27.98 -28.69 -29.36
CA THR H 28 -27.88 -29.28 -28.02
C THR H 28 -28.38 -28.38 -26.87
N GLY H 29 -28.48 -27.07 -27.10
CA GLY H 29 -28.91 -26.12 -26.06
C GLY H 29 -27.76 -25.38 -25.44
N GLU H 30 -26.53 -25.80 -25.77
CA GLU H 30 -25.33 -25.16 -25.27
C GLU H 30 -25.23 -23.67 -25.63
N LEU H 31 -25.51 -23.33 -26.90
CA LEU H 31 -25.56 -21.91 -27.31
C LEU H 31 -26.64 -21.14 -26.56
N THR H 32 -27.82 -21.74 -26.40
CA THR H 32 -28.93 -21.15 -25.65
C THR H 32 -28.54 -20.95 -24.20
N GLN H 33 -27.88 -21.96 -23.60
CA GLN H 33 -27.35 -21.82 -22.25
C GLN H 33 -26.40 -20.63 -22.18
N LEU H 34 -25.46 -20.59 -23.11
CA LEU H 34 -24.48 -19.50 -23.19
C LEU H 34 -25.22 -18.17 -23.26
N LEU H 35 -26.13 -18.03 -24.22
CA LEU H 35 -26.86 -16.78 -24.38
C LEU H 35 -27.72 -16.40 -23.16
N ASN H 36 -28.42 -17.38 -22.57
CA ASN H 36 -29.18 -17.11 -21.34
C ASN H 36 -28.27 -16.58 -20.24
N SER H 37 -27.11 -17.23 -20.05
CA SER H 37 -26.16 -16.81 -19.03
C SER H 37 -25.64 -15.39 -19.29
N LEU H 38 -25.44 -15.06 -20.56
CA LEU H 38 -24.93 -13.76 -20.95
C LEU H 38 -26.01 -12.69 -20.71
N CYS H 39 -27.24 -13.02 -21.11
CA CYS H 39 -28.41 -12.19 -20.86
C CYS H 39 -28.53 -11.79 -19.38
N THR H 40 -28.29 -12.75 -18.49
CA THR H 40 -28.30 -12.52 -17.03
C THR H 40 -27.19 -11.55 -16.61
N ALA H 41 -25.98 -11.78 -17.13
CA ALA H 41 -24.86 -10.87 -16.90
C ALA H 41 -25.25 -9.45 -17.32
N VAL H 42 -25.75 -9.30 -18.54
CA VAL H 42 -26.18 -8.02 -19.11
C VAL H 42 -27.17 -7.26 -18.22
N LYS H 43 -28.15 -7.97 -17.66
CA LYS H 43 -29.15 -7.35 -16.77
C LYS H 43 -28.50 -6.87 -15.49
N ALA H 44 -27.57 -7.66 -14.95
CA ALA H 44 -26.81 -7.26 -13.76
C ALA H 44 -25.91 -6.06 -14.07
N ILE H 45 -25.33 -6.02 -15.27
CA ILE H 45 -24.59 -4.84 -15.71
C ILE H 45 -25.50 -3.61 -15.83
N SER H 46 -26.63 -3.76 -16.50
CA SER H 46 -27.60 -2.68 -16.63
C SER H 46 -28.01 -2.07 -15.27
N SER H 47 -28.34 -2.92 -14.32
CA SER H 47 -28.74 -2.53 -12.97
C SER H 47 -27.65 -1.73 -12.26
N ALA H 48 -26.41 -2.23 -12.31
CA ALA H 48 -25.24 -1.53 -11.78
C ALA H 48 -24.98 -0.22 -12.53
N VAL H 49 -25.02 -0.26 -13.87
CA VAL H 49 -24.79 0.95 -14.66
C VAL H 49 -25.80 2.03 -14.29
N ARG H 50 -27.07 1.65 -14.15
CA ARG H 50 -28.12 2.59 -13.74
C ARG H 50 -28.04 2.95 -12.26
N LYS H 51 -27.01 2.44 -11.58
CA LYS H 51 -26.67 2.86 -10.22
C LYS H 51 -27.61 2.37 -9.13
N ALA H 52 -28.30 1.25 -9.38
CA ALA H 52 -29.06 0.59 -8.31
C ALA H 52 -28.13 0.34 -7.14
N GLY H 53 -28.51 0.81 -5.96
CA GLY H 53 -27.70 0.59 -4.74
C GLY H 53 -26.68 1.67 -4.40
N ILE H 54 -26.57 2.70 -5.24
CA ILE H 54 -25.59 3.78 -5.00
C ILE H 54 -25.78 4.52 -3.67
N ALA H 55 -27.01 4.53 -3.16
CA ALA H 55 -27.28 5.09 -1.85
C ALA H 55 -26.36 4.44 -0.79
N HIS H 56 -26.13 3.14 -0.93
CA HIS H 56 -25.36 2.39 0.06
C HIS H 56 -23.89 2.77 0.03
N LEU H 57 -23.41 3.17 -1.15
CA LEU H 57 -22.06 3.71 -1.32
C LEU H 57 -21.89 5.09 -0.73
N TYR H 58 -22.99 5.82 -0.57
CA TYR H 58 -22.96 7.18 -0.06
C TYR H 58 -23.40 7.30 1.37
N GLY H 59 -23.51 6.15 2.03
CA GLY H 59 -23.62 6.11 3.48
C GLY H 59 -25.02 6.13 4.02
N ILE H 60 -25.98 5.61 3.25
CA ILE H 60 -27.38 5.61 3.70
C ILE H 60 -27.63 4.74 4.93
N ALA H 61 -26.89 3.63 5.04
CA ALA H 61 -26.98 2.79 6.23
C ALA H 61 -25.82 3.06 7.21
N GLY H 62 -25.22 4.24 7.10
CA GLY H 62 -24.12 4.64 7.98
C GLY H 62 -22.78 4.65 7.27
N LYS H 73 -14.70 0.47 -10.45
CA LYS H 73 -15.27 -0.83 -10.12
C LYS H 73 -16.27 -1.29 -11.17
N LEU H 74 -16.99 -0.34 -11.78
CA LEU H 74 -18.07 -0.64 -12.71
C LEU H 74 -17.65 -1.50 -13.92
N ASP H 75 -16.49 -1.18 -14.52
CA ASP H 75 -15.91 -2.02 -15.58
C ASP H 75 -15.40 -3.34 -15.03
N VAL H 76 -14.80 -3.29 -13.84
CA VAL H 76 -14.31 -4.48 -13.15
C VAL H 76 -15.46 -5.39 -12.78
N LEU H 77 -16.46 -4.84 -12.09
CA LEU H 77 -17.70 -5.56 -11.78
C LEU H 77 -18.34 -6.18 -13.03
N SER H 78 -18.45 -5.40 -14.10
CA SER H 78 -19.07 -5.88 -15.34
C SER H 78 -18.29 -7.02 -15.99
N ASN H 79 -16.96 -6.93 -15.93
CA ASN H 79 -16.10 -8.04 -16.34
C ASN H 79 -16.34 -9.30 -15.50
N ASP H 80 -16.42 -9.11 -14.19
CA ASP H 80 -16.72 -10.22 -13.26
C ASP H 80 -18.08 -10.87 -13.52
N LEU H 81 -19.09 -10.05 -13.75
CA LEU H 81 -20.43 -10.55 -14.09
C LEU H 81 -20.41 -11.43 -15.33
N VAL H 82 -19.75 -10.98 -16.38
CA VAL H 82 -19.70 -11.75 -17.63
C VAL H 82 -18.84 -13.00 -17.49
N MET H 83 -17.62 -12.82 -17.01
CA MET H 83 -16.69 -13.94 -16.81
C MET H 83 -17.37 -15.02 -16.04
N ASN H 84 -17.92 -14.66 -14.88
CA ASN H 84 -18.50 -15.64 -13.99
C ASN H 84 -19.76 -16.28 -14.54
N MET H 85 -20.55 -15.53 -15.31
CA MET H 85 -21.78 -16.08 -15.87
C MET H 85 -21.48 -16.99 -17.05
N LEU H 86 -20.45 -16.65 -17.83
CA LEU H 86 -20.00 -17.51 -18.92
C LEU H 86 -19.30 -18.76 -18.40
N LYS H 87 -18.34 -18.60 -17.48
CA LYS H 87 -17.68 -19.78 -16.86
C LYS H 87 -18.71 -20.77 -16.29
N SER H 88 -19.67 -20.25 -15.53
CA SER H 88 -20.68 -21.09 -14.89
C SER H 88 -21.79 -21.60 -15.84
N SER H 89 -21.66 -21.30 -17.14
CA SER H 89 -22.67 -21.71 -18.12
C SER H 89 -22.43 -23.11 -18.67
N PHE H 90 -21.21 -23.62 -18.44
CA PHE H 90 -20.78 -24.91 -19.00
C PHE H 90 -20.82 -24.92 -20.53
N ALA H 91 -20.63 -23.75 -21.14
CA ALA H 91 -20.75 -23.61 -22.58
C ALA H 91 -19.50 -23.00 -23.22
N THR H 92 -18.57 -22.53 -22.39
CA THR H 92 -17.37 -21.85 -22.88
C THR H 92 -16.07 -22.55 -22.50
N CYS H 93 -15.05 -22.36 -23.34
CA CYS H 93 -13.70 -22.88 -23.07
C CYS H 93 -12.64 -21.79 -23.10
N VAL H 94 -12.91 -20.73 -23.86
CA VAL H 94 -11.96 -19.62 -23.99
C VAL H 94 -12.72 -18.30 -23.93
N LEU H 95 -12.24 -17.40 -23.07
CA LEU H 95 -12.85 -16.09 -22.91
C LEU H 95 -11.83 -14.98 -23.12
N VAL H 96 -12.13 -14.07 -24.04
CA VAL H 96 -11.29 -12.91 -24.30
C VAL H 96 -12.06 -11.68 -23.88
N SER H 97 -11.42 -10.87 -23.06
CA SER H 97 -12.02 -9.67 -22.52
C SER H 97 -11.10 -8.49 -22.73
N GLU H 98 -11.69 -7.34 -23.05
CA GLU H 98 -10.97 -6.08 -23.13
C GLU H 98 -10.11 -5.85 -21.88
N GLU H 99 -10.60 -6.37 -20.75
CA GLU H 99 -10.06 -6.12 -19.42
C GLU H 99 -8.88 -7.00 -19.05
N ASP H 100 -8.74 -8.13 -19.74
CA ASP H 100 -7.73 -9.14 -19.39
C ASP H 100 -6.66 -9.23 -20.47
N LYS H 101 -5.42 -9.10 -20.02
CA LYS H 101 -4.22 -9.16 -20.88
C LYS H 101 -4.22 -10.43 -21.72
N HIS H 102 -4.42 -11.58 -21.07
CA HIS H 102 -4.45 -12.87 -21.73
C HIS H 102 -5.86 -13.47 -21.77
N ALA H 103 -6.08 -14.39 -22.70
CA ALA H 103 -7.32 -15.13 -22.75
C ALA H 103 -7.47 -15.98 -21.48
N ILE H 104 -8.71 -16.07 -21.02
CA ILE H 104 -9.05 -16.91 -19.88
C ILE H 104 -9.46 -18.29 -20.39
N ILE H 105 -8.72 -19.30 -19.95
CA ILE H 105 -9.07 -20.67 -20.29
C ILE H 105 -9.90 -21.18 -19.14
N VAL H 106 -11.08 -21.68 -19.47
CA VAL H 106 -12.06 -22.15 -18.50
C VAL H 106 -11.63 -23.50 -17.95
N GLU H 107 -11.77 -23.67 -16.63
CA GLU H 107 -11.46 -24.94 -15.95
C GLU H 107 -12.13 -26.11 -16.64
N PRO H 108 -11.43 -27.26 -16.76
CA PRO H 108 -11.90 -28.44 -17.48
C PRO H 108 -13.34 -28.87 -17.16
N GLU H 109 -13.69 -28.97 -15.88
CA GLU H 109 -15.01 -29.46 -15.49
C GLU H 109 -16.17 -28.51 -15.84
N LYS H 110 -15.87 -27.40 -16.49
CA LYS H 110 -16.89 -26.38 -16.83
C LYS H 110 -16.86 -26.00 -18.30
N ARG H 111 -16.01 -26.67 -19.08
CA ARG H 111 -15.76 -26.31 -20.46
C ARG H 111 -16.91 -26.64 -21.36
N GLY H 112 -17.22 -25.72 -22.26
CA GLY H 112 -18.16 -25.98 -23.33
C GLY H 112 -17.53 -25.74 -24.69
N LYS H 113 -18.35 -25.79 -25.73
CA LYS H 113 -17.90 -25.72 -27.12
C LYS H 113 -17.37 -24.33 -27.51
N TYR H 114 -17.85 -23.29 -26.82
CA TYR H 114 -17.74 -21.91 -27.34
C TYR H 114 -16.64 -21.00 -26.83
N VAL H 115 -16.23 -20.10 -27.72
CA VAL H 115 -15.23 -19.09 -27.45
C VAL H 115 -15.97 -17.77 -27.44
N VAL H 116 -15.75 -16.96 -26.41
CA VAL H 116 -16.42 -15.69 -26.34
C VAL H 116 -15.41 -14.55 -26.15
N CYS H 117 -15.49 -13.57 -27.04
CA CYS H 117 -14.69 -12.35 -27.02
C CYS H 117 -15.63 -11.22 -26.67
N PHE H 118 -15.29 -10.44 -25.65
CA PHE H 118 -16.19 -9.41 -25.17
C PHE H 118 -15.53 -8.18 -24.55
N ASP H 119 -16.19 -7.04 -24.73
CA ASP H 119 -15.94 -5.84 -23.96
C ASP H 119 -17.16 -5.68 -23.03
N PRO H 120 -16.98 -5.96 -21.73
CA PRO H 120 -18.07 -5.94 -20.74
C PRO H 120 -18.68 -4.56 -20.54
N LEU H 121 -17.88 -3.52 -20.69
CA LEU H 121 -18.39 -2.16 -20.60
C LEU H 121 -17.67 -1.23 -21.60
N ASP H 122 -18.10 -1.30 -22.85
CA ASP H 122 -17.66 -0.40 -23.90
C ASP H 122 -17.98 1.07 -23.60
N GLY H 123 -17.00 1.94 -23.82
CA GLY H 123 -17.16 3.39 -23.60
C GLY H 123 -17.11 3.81 -22.13
N SER H 124 -16.55 2.96 -21.27
CA SER H 124 -16.65 3.12 -19.81
C SER H 124 -15.76 4.19 -19.22
N SER H 125 -14.79 4.69 -20.01
CA SER H 125 -13.91 5.76 -19.55
C SER H 125 -14.84 6.96 -19.42
N ASN H 126 -15.52 7.21 -20.53
CA ASN H 126 -16.55 8.22 -20.65
C ASN H 126 -17.93 7.69 -20.14
N ILE H 127 -17.90 7.03 -18.96
CA ILE H 127 -19.07 6.64 -18.19
C ILE H 127 -19.36 7.59 -17.02
N ASP H 128 -18.37 8.36 -16.60
CA ASP H 128 -18.54 9.34 -15.53
C ASP H 128 -19.51 10.46 -15.90
N CYS H 129 -19.61 10.79 -17.20
CA CYS H 129 -20.55 11.81 -17.64
C CYS H 129 -21.92 11.21 -17.97
N LEU H 130 -22.10 9.94 -17.64
CA LEU H 130 -23.38 9.25 -17.80
C LEU H 130 -23.86 9.18 -19.25
N VAL H 131 -22.93 9.16 -20.19
CA VAL H 131 -23.32 8.94 -21.57
C VAL H 131 -23.48 7.42 -21.80
N SER H 132 -24.30 7.05 -22.78
CA SER H 132 -24.49 5.66 -23.16
C SER H 132 -23.19 4.86 -23.14
N VAL H 133 -23.27 3.70 -22.48
CA VAL H 133 -22.23 2.66 -22.52
C VAL H 133 -22.89 1.34 -22.94
N GLY H 134 -22.12 0.28 -23.06
CA GLY H 134 -22.67 -0.98 -23.55
C GLY H 134 -21.76 -2.16 -23.38
N THR H 135 -22.25 -3.32 -23.81
CA THR H 135 -21.51 -4.57 -23.72
C THR H 135 -21.51 -5.21 -25.12
N ILE H 136 -20.32 -5.41 -25.67
CA ILE H 136 -20.16 -6.02 -27.00
C ILE H 136 -19.63 -7.44 -26.81
N PHE H 137 -20.20 -8.37 -27.58
CA PHE H 137 -19.84 -9.78 -27.47
C PHE H 137 -19.80 -10.43 -28.85
N GLY H 138 -18.85 -11.35 -29.03
CA GLY H 138 -18.81 -12.20 -30.22
C GLY H 138 -18.61 -13.64 -29.81
N ILE H 139 -19.42 -14.54 -30.36
CA ILE H 139 -19.36 -15.94 -29.98
C ILE H 139 -18.88 -16.77 -31.14
N TYR H 140 -17.75 -17.45 -30.93
CA TYR H 140 -17.21 -18.42 -31.86
C TYR H 140 -17.36 -19.82 -31.31
N ARG H 141 -17.50 -20.77 -32.23
CA ARG H 141 -17.35 -22.18 -31.98
C ARG H 141 -15.87 -22.49 -32.09
N LYS H 142 -15.34 -23.18 -31.09
CA LYS H 142 -13.98 -23.72 -31.13
C LYS H 142 -13.87 -24.64 -32.35
N LYS H 143 -12.85 -24.45 -33.18
CA LYS H 143 -12.75 -25.27 -34.40
C LYS H 143 -12.04 -26.61 -34.24
N SER H 144 -10.99 -26.66 -33.42
CA SER H 144 -10.27 -27.92 -33.19
C SER H 144 -10.74 -28.61 -31.92
N THR H 145 -10.44 -29.89 -31.80
CA THR H 145 -10.73 -30.62 -30.57
C THR H 145 -9.48 -30.57 -29.69
N ASP H 146 -8.51 -29.75 -30.12
CA ASP H 146 -7.27 -29.57 -29.40
C ASP H 146 -7.49 -28.89 -28.06
N GLU H 147 -6.45 -28.81 -27.25
CA GLU H 147 -6.55 -28.11 -25.98
C GLU H 147 -6.84 -26.64 -26.23
N PRO H 148 -7.79 -26.06 -25.48
CA PRO H 148 -8.16 -24.66 -25.70
C PRO H 148 -7.05 -23.70 -25.32
N SER H 149 -6.94 -22.61 -26.07
CA SER H 149 -5.91 -21.61 -25.88
C SER H 149 -6.36 -20.33 -26.58
N GLU H 150 -5.60 -19.25 -26.39
CA GLU H 150 -5.87 -17.99 -27.08
C GLU H 150 -6.11 -18.20 -28.58
N LYS H 151 -5.40 -19.15 -29.16
CA LYS H 151 -5.51 -19.45 -30.59
C LYS H 151 -6.95 -19.68 -31.06
N ASP H 152 -7.78 -20.27 -30.19
CA ASP H 152 -9.21 -20.49 -30.48
C ASP H 152 -10.01 -19.19 -30.61
N ALA H 153 -9.48 -18.10 -30.06
CA ALA H 153 -10.07 -16.78 -30.23
C ALA H 153 -9.67 -16.14 -31.57
N LEU H 154 -8.50 -16.51 -32.06
CA LEU H 154 -7.92 -15.92 -33.27
C LEU H 154 -8.60 -16.43 -34.55
N GLN H 155 -9.93 -16.34 -34.60
CA GLN H 155 -10.69 -16.71 -35.79
C GLN H 155 -11.13 -15.45 -36.54
N PRO H 156 -11.35 -15.53 -37.86
CA PRO H 156 -11.90 -14.36 -38.50
C PRO H 156 -13.37 -14.16 -38.12
N GLY H 157 -13.83 -12.91 -38.15
CA GLY H 157 -15.23 -12.60 -37.88
C GLY H 157 -16.22 -13.39 -38.70
N ARG H 158 -15.85 -13.72 -39.94
CA ARG H 158 -16.64 -14.64 -40.77
C ARG H 158 -17.12 -15.85 -39.99
N ASN H 159 -16.27 -16.33 -39.08
CA ASN H 159 -16.55 -17.52 -38.27
C ASN H 159 -17.54 -17.36 -37.11
N LEU H 160 -18.03 -16.13 -36.89
CA LEU H 160 -18.93 -15.86 -35.77
C LEU H 160 -20.22 -16.68 -35.85
N VAL H 161 -20.67 -17.12 -34.69
CA VAL H 161 -21.86 -17.95 -34.53
C VAL H 161 -23.04 -17.04 -34.13
N ALA H 162 -22.75 -16.13 -33.21
CA ALA H 162 -23.65 -15.05 -32.83
C ALA H 162 -22.79 -13.89 -32.36
N ALA H 163 -23.31 -12.68 -32.52
CA ALA H 163 -22.68 -11.47 -32.02
C ALA H 163 -23.76 -10.45 -31.72
N GLY H 164 -23.41 -9.46 -30.91
CA GLY H 164 -24.28 -8.32 -30.72
C GLY H 164 -23.75 -7.43 -29.63
N TYR H 165 -24.67 -6.72 -28.99
CA TYR H 165 -24.33 -5.80 -27.94
C TYR H 165 -25.56 -5.56 -27.07
N ALA H 166 -25.30 -5.11 -25.85
CA ALA H 166 -26.31 -4.55 -24.96
C ALA H 166 -26.00 -3.06 -24.91
N LEU H 167 -27.00 -2.23 -25.16
CA LEU H 167 -26.78 -0.81 -25.06
C LEU H 167 -27.48 -0.29 -23.82
N TYR H 168 -26.73 0.33 -22.91
CA TYR H 168 -27.32 0.95 -21.71
C TYR H 168 -27.48 2.45 -21.97
N GLY H 169 -28.48 2.82 -22.76
CA GLY H 169 -28.78 4.22 -23.09
C GLY H 169 -29.98 4.72 -22.30
N SER H 170 -30.82 5.53 -22.95
CA SER H 170 -32.07 5.97 -22.33
C SER H 170 -32.89 4.76 -21.86
N ALA H 171 -32.86 3.68 -22.64
CA ALA H 171 -33.27 2.37 -22.16
C ALA H 171 -32.16 1.37 -22.48
N THR H 172 -32.26 0.17 -21.91
CA THR H 172 -31.34 -0.91 -22.20
C THR H 172 -31.93 -1.82 -23.27
N MET H 173 -31.15 -2.11 -24.31
CA MET H 173 -31.58 -2.96 -25.41
C MET H 173 -30.48 -3.92 -25.74
N LEU H 174 -30.86 -5.17 -25.99
CA LEU H 174 -29.89 -6.16 -26.47
C LEU H 174 -30.11 -6.38 -27.95
N VAL H 175 -29.04 -6.22 -28.71
CA VAL H 175 -29.07 -6.51 -30.14
C VAL H 175 -28.30 -7.81 -30.35
N LEU H 176 -29.01 -8.79 -30.88
CA LEU H 176 -28.45 -10.11 -31.14
C LEU H 176 -28.46 -10.42 -32.63
N ALA H 177 -27.26 -10.70 -33.17
CA ALA H 177 -27.15 -11.13 -34.56
C ALA H 177 -26.77 -12.60 -34.65
N MET H 178 -27.47 -13.32 -35.52
CA MET H 178 -27.24 -14.74 -35.77
C MET H 178 -27.53 -14.96 -37.24
N ASP H 179 -27.39 -16.21 -37.68
CA ASP H 179 -27.74 -16.62 -39.04
C ASP H 179 -29.16 -16.23 -39.45
N CYS H 180 -30.11 -16.30 -38.51
CA CYS H 180 -31.49 -15.89 -38.80
C CYS H 180 -31.68 -14.37 -38.89
N GLY H 181 -30.59 -13.61 -38.90
CA GLY H 181 -30.63 -12.15 -38.96
C GLY H 181 -30.38 -11.43 -37.65
N VAL H 182 -30.85 -10.18 -37.57
CA VAL H 182 -30.66 -9.33 -36.39
C VAL H 182 -31.97 -9.10 -35.67
N ASN H 183 -31.96 -9.27 -34.35
CA ASN H 183 -33.16 -9.00 -33.56
C ASN H 183 -32.87 -8.14 -32.34
N CYS H 184 -33.71 -7.14 -32.13
CA CYS H 184 -33.56 -6.19 -31.05
C CYS H 184 -34.57 -6.44 -29.95
N PHE H 185 -34.08 -6.47 -28.72
CA PHE H 185 -34.86 -6.78 -27.53
C PHE H 185 -34.70 -5.64 -26.53
N MET H 186 -35.81 -5.13 -26.02
CA MET H 186 -35.76 -4.09 -24.99
C MET H 186 -35.85 -4.74 -23.63
N LEU H 187 -34.97 -4.34 -22.71
CA LEU H 187 -35.07 -4.75 -21.33
C LEU H 187 -36.21 -4.00 -20.66
N ASP H 188 -37.19 -4.75 -20.17
CA ASP H 188 -38.25 -4.18 -19.35
C ASP H 188 -37.77 -4.43 -17.92
N PRO H 189 -37.29 -3.37 -17.23
CA PRO H 189 -36.72 -3.53 -15.90
C PRO H 189 -37.76 -3.86 -14.83
N ALA H 190 -39.03 -3.60 -15.10
CA ALA H 190 -40.14 -3.99 -14.23
C ALA H 190 -40.17 -5.48 -13.93
N ILE H 191 -39.88 -6.30 -14.95
CA ILE H 191 -39.93 -7.77 -14.84
C ILE H 191 -38.61 -8.44 -15.23
N GLY H 192 -37.60 -7.64 -15.59
CA GLY H 192 -36.27 -8.16 -15.94
C GLY H 192 -36.33 -9.17 -17.08
N GLU H 193 -37.07 -8.81 -18.12
CA GLU H 193 -37.16 -9.59 -19.34
C GLU H 193 -36.83 -8.72 -20.55
N PHE H 194 -36.08 -9.30 -21.48
CA PHE H 194 -35.76 -8.69 -22.77
C PHE H 194 -36.85 -9.05 -23.77
N ILE H 195 -37.61 -8.05 -24.20
CA ILE H 195 -38.82 -8.22 -25.00
C ILE H 195 -38.47 -7.95 -26.47
N LEU H 196 -38.86 -8.87 -27.36
CA LEU H 196 -38.61 -8.69 -28.79
C LEU H 196 -39.42 -7.50 -29.29
N VAL H 197 -38.73 -6.47 -29.78
CA VAL H 197 -39.41 -5.25 -30.22
C VAL H 197 -39.14 -4.86 -31.68
N ASP H 198 -38.09 -5.44 -32.25
CA ASP H 198 -37.78 -5.27 -33.67
C ASP H 198 -37.19 -6.55 -34.23
N LYS H 199 -37.94 -7.21 -35.12
CA LYS H 199 -37.51 -8.50 -35.66
C LYS H 199 -36.80 -8.33 -36.99
N ASP H 200 -35.74 -9.12 -37.20
CA ASP H 200 -35.07 -9.22 -38.48
C ASP H 200 -34.81 -7.83 -39.09
N VAL H 201 -34.09 -7.00 -38.34
CA VAL H 201 -33.90 -5.61 -38.73
C VAL H 201 -32.86 -5.46 -39.86
N LYS H 202 -33.12 -4.50 -40.74
CA LYS H 202 -32.26 -4.21 -41.87
C LYS H 202 -31.93 -2.73 -41.83
N ILE H 203 -30.68 -2.40 -42.13
CA ILE H 203 -30.21 -1.03 -42.13
C ILE H 203 -30.62 -0.32 -43.42
N LYS H 204 -30.91 0.99 -43.32
CA LYS H 204 -31.18 1.83 -44.49
C LYS H 204 -30.06 1.73 -45.52
N LYS H 205 -30.47 1.63 -46.78
CA LYS H 205 -29.56 1.61 -47.93
C LYS H 205 -28.62 2.81 -47.89
N LYS H 206 -29.13 3.99 -47.51
CA LYS H 206 -28.32 5.20 -47.40
C LYS H 206 -28.82 6.12 -46.28
N GLY H 207 -27.90 6.61 -45.46
CA GLY H 207 -28.24 7.41 -44.29
C GLY H 207 -27.95 8.89 -44.49
N LYS H 208 -28.05 9.65 -43.42
CA LYS H 208 -27.90 11.11 -43.47
C LYS H 208 -27.04 11.58 -42.31
N ILE H 209 -26.29 10.65 -41.74
CA ILE H 209 -25.43 10.91 -40.60
C ILE H 209 -24.08 10.23 -40.82
N TYR H 210 -23.01 10.92 -40.46
CA TYR H 210 -21.69 10.33 -40.41
C TYR H 210 -21.18 10.45 -38.99
N SER H 211 -20.34 9.52 -38.55
CA SER H 211 -19.91 9.50 -37.17
C SER H 211 -18.44 9.15 -37.01
N LEU H 212 -17.66 10.14 -36.55
CA LEU H 212 -16.24 9.92 -36.22
C LEU H 212 -15.72 11.02 -35.32
N ASN H 213 -14.59 10.75 -34.65
CA ASN H 213 -13.91 11.74 -33.86
C ASN H 213 -13.15 12.71 -34.77
N GLU H 214 -13.81 13.82 -35.12
CA GLU H 214 -13.19 14.79 -36.02
C GLU H 214 -12.11 15.60 -35.33
N GLY H 215 -11.98 15.38 -34.02
CA GLY H 215 -10.98 16.05 -33.20
C GLY H 215 -9.59 15.67 -33.68
N TYR H 216 -9.52 14.59 -34.43
CA TYR H 216 -8.26 14.07 -34.91
C TYR H 216 -8.10 14.26 -36.43
N ALA H 217 -8.72 15.32 -36.94
CA ALA H 217 -8.67 15.72 -38.36
C ALA H 217 -7.25 15.85 -38.94
N LYS H 218 -6.34 16.47 -38.19
CA LYS H 218 -4.95 16.63 -38.62
C LYS H 218 -4.22 15.30 -38.89
N ASP H 219 -4.80 14.19 -38.42
CA ASP H 219 -4.19 12.89 -38.67
C ASP H 219 -4.88 12.08 -39.74
N PHE H 220 -6.04 12.55 -40.21
CA PHE H 220 -6.84 11.81 -41.17
C PHE H 220 -6.07 11.49 -42.44
N ASP H 221 -6.20 10.23 -42.85
CA ASP H 221 -5.87 9.75 -44.18
C ASP H 221 -6.60 10.68 -45.16
N PRO H 222 -5.94 11.07 -46.27
CA PRO H 222 -6.56 11.95 -47.27
C PRO H 222 -7.92 11.44 -47.77
N ALA H 223 -8.12 10.13 -47.77
CA ALA H 223 -9.41 9.55 -48.17
C ALA H 223 -10.54 9.86 -47.18
N VAL H 224 -10.23 9.83 -45.89
CA VAL H 224 -11.19 10.18 -44.84
C VAL H 224 -11.53 11.66 -44.94
N THR H 225 -10.49 12.47 -45.06
CA THR H 225 -10.64 13.91 -45.20
C THR H 225 -11.56 14.27 -46.36
N GLU H 226 -11.32 13.69 -47.53
CA GLU H 226 -12.15 13.97 -48.69
C GLU H 226 -13.58 13.50 -48.48
N TYR H 227 -13.72 12.30 -47.87
CA TYR H 227 -15.03 11.73 -47.63
C TYR H 227 -15.83 12.63 -46.72
N ILE H 228 -15.22 13.10 -45.63
CA ILE H 228 -15.92 13.98 -44.69
C ILE H 228 -16.23 15.32 -45.35
N GLN H 229 -15.31 15.80 -46.19
CA GLN H 229 -15.57 16.97 -47.05
C GLN H 229 -16.83 16.74 -47.88
N ARG H 230 -16.92 15.57 -48.53
CA ARG H 230 -18.13 15.23 -49.30
C ARG H 230 -19.39 15.35 -48.48
N LYS H 231 -19.34 14.87 -47.22
CA LYS H 231 -20.52 14.86 -46.35
C LYS H 231 -21.00 16.26 -45.98
N LYS H 232 -20.05 17.18 -45.81
CA LYS H 232 -20.33 18.54 -45.35
C LYS H 232 -20.58 19.51 -46.52
N PHE H 233 -19.71 19.43 -47.53
CA PHE H 233 -19.87 20.19 -48.78
C PHE H 233 -20.13 19.22 -49.94
N PRO H 234 -21.38 18.73 -50.07
CA PRO H 234 -21.67 17.76 -51.12
C PRO H 234 -21.58 18.36 -52.54
N PRO H 235 -20.99 17.60 -53.48
CA PRO H 235 -20.89 17.92 -54.92
C PRO H 235 -22.17 18.49 -55.53
N ASP H 236 -23.26 17.73 -55.42
CA ASP H 236 -24.54 18.12 -55.98
C ASP H 236 -25.28 19.14 -55.11
N ASN H 237 -26.61 19.11 -55.21
CA ASN H 237 -27.49 19.98 -54.45
C ASN H 237 -28.01 19.30 -53.19
N SER H 238 -27.47 18.11 -52.90
CA SER H 238 -27.93 17.35 -51.74
C SER H 238 -27.62 18.08 -50.43
N ALA H 239 -28.51 17.91 -49.46
CA ALA H 239 -28.32 18.42 -48.10
C ALA H 239 -27.10 17.73 -47.48
N PRO H 240 -26.26 18.50 -46.76
CA PRO H 240 -25.10 17.91 -46.04
C PRO H 240 -25.56 16.91 -44.99
N TYR H 241 -24.71 15.96 -44.61
CA TYR H 241 -25.01 15.00 -43.54
C TYR H 241 -24.96 15.64 -42.16
N GLY H 242 -25.85 15.20 -41.29
CA GLY H 242 -25.71 15.48 -39.87
C GLY H 242 -24.52 14.73 -39.29
N ALA H 243 -23.94 15.31 -38.25
CA ALA H 243 -22.83 14.69 -37.54
C ALA H 243 -23.32 14.22 -36.18
N ARG H 244 -22.87 13.03 -35.77
CA ARG H 244 -23.09 12.56 -34.41
C ARG H 244 -21.88 11.77 -33.99
N TYR H 245 -21.46 11.93 -32.74
CA TYR H 245 -20.41 11.08 -32.20
C TYR H 245 -20.52 11.07 -30.69
N VAL H 246 -21.15 10.03 -30.19
CA VAL H 246 -21.37 9.87 -28.76
C VAL H 246 -20.02 9.63 -28.08
N GLY H 247 -19.13 8.92 -28.78
CA GLY H 247 -17.80 8.60 -28.25
C GLY H 247 -17.82 7.26 -27.53
N SER H 248 -18.92 6.57 -27.68
CA SER H 248 -19.13 5.27 -27.12
C SER H 248 -19.62 4.44 -28.30
N MET H 249 -18.84 3.43 -28.66
CA MET H 249 -19.08 2.64 -29.87
C MET H 249 -20.46 2.00 -29.98
N VAL H 250 -20.94 1.38 -28.89
CA VAL H 250 -22.28 0.78 -28.89
C VAL H 250 -23.37 1.78 -29.31
N ALA H 251 -23.30 3.00 -28.80
CA ALA H 251 -24.30 4.03 -29.07
C ALA H 251 -24.25 4.52 -30.51
N ASP H 252 -23.02 4.74 -31.00
CA ASP H 252 -22.81 5.25 -32.36
C ASP H 252 -23.23 4.22 -33.38
N VAL H 253 -22.78 2.99 -33.19
CA VAL H 253 -23.15 1.88 -34.08
C VAL H 253 -24.64 1.59 -34.05
N HIS H 254 -25.26 1.70 -32.87
CA HIS H 254 -26.66 1.43 -32.75
C HIS H 254 -27.52 2.47 -33.44
N ARG H 255 -27.19 3.76 -33.26
CA ARG H 255 -27.84 4.82 -34.02
C ARG H 255 -27.69 4.54 -35.52
N THR H 256 -26.50 4.08 -35.91
CA THR H 256 -26.17 3.76 -37.28
C THR H 256 -27.12 2.68 -37.80
N LEU H 257 -27.30 1.61 -36.99
CA LEU H 257 -28.25 0.53 -37.29
C LEU H 257 -29.69 1.04 -37.48
N VAL H 258 -30.07 1.99 -36.61
CA VAL H 258 -31.45 2.45 -36.50
C VAL H 258 -31.82 3.56 -37.50
N TYR H 259 -30.91 4.51 -37.70
CA TYR H 259 -31.18 5.65 -38.59
C TYR H 259 -30.43 5.51 -39.91
N GLY H 260 -29.45 4.61 -39.91
CA GLY H 260 -28.60 4.46 -41.06
C GLY H 260 -27.50 5.49 -41.07
N GLY H 261 -26.68 5.44 -42.11
CA GLY H 261 -25.53 6.32 -42.19
C GLY H 261 -24.25 5.55 -42.00
N ILE H 262 -23.26 6.21 -41.41
CA ILE H 262 -21.92 5.68 -41.46
C ILE H 262 -21.19 6.04 -40.18
N PHE H 263 -20.39 5.09 -39.70
CA PHE H 263 -19.54 5.26 -38.53
C PHE H 263 -18.14 4.91 -38.97
N LEU H 264 -17.16 5.73 -38.56
CA LEU H 264 -15.76 5.50 -38.93
C LEU H 264 -14.87 5.64 -37.72
N TYR H 265 -14.01 4.66 -37.53
CA TYR H 265 -12.87 4.83 -36.63
C TYR H 265 -11.64 4.37 -37.40
N PRO H 266 -11.18 5.21 -38.35
CA PRO H 266 -10.27 4.81 -39.40
C PRO H 266 -8.80 4.80 -38.98
N ALA H 267 -7.95 4.39 -39.93
CA ALA H 267 -6.48 4.43 -39.78
C ALA H 267 -5.90 5.77 -40.27
N ASN H 268 -4.86 6.23 -39.59
CA ASN H 268 -4.14 7.45 -40.00
C ASN H 268 -2.67 7.16 -40.32
N LYS H 269 -1.77 8.07 -39.91
CA LYS H 269 -0.33 7.81 -39.94
C LYS H 269 0.24 7.67 -38.53
N LYS H 270 -0.51 8.14 -37.54
CA LYS H 270 -0.15 7.95 -36.13
C LYS H 270 -0.74 6.66 -35.54
N SER H 271 -1.83 6.16 -36.14
CA SER H 271 -2.46 4.90 -35.75
C SER H 271 -2.85 4.09 -37.00
N PRO H 272 -1.87 3.39 -37.61
CA PRO H 272 -2.07 2.78 -38.93
C PRO H 272 -3.02 1.59 -38.91
N ASN H 273 -3.34 1.12 -37.71
CA ASN H 273 -4.22 -0.04 -37.53
C ASN H 273 -5.46 0.28 -36.70
N GLY H 274 -5.82 1.57 -36.61
CA GLY H 274 -6.99 2.01 -35.87
C GLY H 274 -6.79 1.91 -34.37
N LYS H 275 -7.82 2.26 -33.62
CA LYS H 275 -7.75 2.24 -32.16
C LYS H 275 -8.68 1.16 -31.60
N LEU H 276 -9.77 0.90 -32.32
CA LEU H 276 -10.74 -0.10 -31.93
C LEU H 276 -10.17 -1.51 -32.08
N ARG H 277 -10.44 -2.36 -31.10
CA ARG H 277 -10.03 -3.76 -31.12
C ARG H 277 -10.86 -4.62 -32.06
N LEU H 278 -10.19 -5.49 -32.79
CA LEU H 278 -10.82 -6.36 -33.76
C LEU H 278 -11.77 -7.42 -33.16
N LEU H 279 -11.27 -8.16 -32.17
CA LEU H 279 -11.97 -9.35 -31.66
C LEU H 279 -13.32 -9.04 -31.01
N TYR H 280 -13.33 -8.04 -30.13
CA TYR H 280 -14.48 -7.78 -29.29
C TYR H 280 -15.10 -6.40 -29.50
N GLU H 281 -14.69 -5.71 -30.57
CA GLU H 281 -15.31 -4.46 -30.95
C GLU H 281 -15.69 -4.48 -32.42
N CYS H 282 -14.69 -4.49 -33.29
CA CYS H 282 -14.88 -4.44 -34.74
C CYS H 282 -15.63 -5.65 -35.27
N ASN H 283 -15.16 -6.86 -34.94
CA ASN H 283 -15.81 -8.07 -35.46
C ASN H 283 -17.32 -8.22 -35.12
N PRO H 284 -17.72 -8.11 -33.84
CA PRO H 284 -19.16 -8.21 -33.50
C PRO H 284 -20.07 -7.17 -34.17
N MET H 285 -19.60 -5.94 -34.27
CA MET H 285 -20.35 -4.87 -34.93
C MET H 285 -20.44 -5.04 -36.45
N ALA H 286 -19.38 -5.59 -37.03
CA ALA H 286 -19.36 -5.88 -38.46
C ALA H 286 -20.30 -7.03 -38.76
N TYR H 287 -20.29 -8.03 -37.87
CA TYR H 287 -21.22 -9.13 -37.98
C TYR H 287 -22.66 -8.62 -37.98
N VAL H 288 -23.01 -7.81 -36.98
CA VAL H 288 -24.35 -7.23 -36.87
C VAL H 288 -24.68 -6.44 -38.12
N MET H 289 -23.75 -5.61 -38.55
CA MET H 289 -23.95 -4.79 -39.73
C MET H 289 -24.25 -5.68 -40.92
N GLU H 290 -23.40 -6.67 -41.15
CA GLU H 290 -23.59 -7.57 -42.29
C GLU H 290 -24.91 -8.30 -42.26
N LYS H 291 -25.26 -8.90 -41.13
CA LYS H 291 -26.57 -9.52 -40.95
C LYS H 291 -27.74 -8.53 -41.17
N ALA H 292 -27.52 -7.25 -40.91
CA ALA H 292 -28.52 -6.21 -41.19
C ALA H 292 -28.53 -5.71 -42.65
N GLY H 293 -27.65 -6.25 -43.49
CA GLY H 293 -27.53 -5.80 -44.87
C GLY H 293 -26.70 -4.53 -44.99
N GLY H 294 -25.91 -4.25 -43.97
CA GLY H 294 -24.95 -3.15 -44.01
C GLY H 294 -23.58 -3.70 -44.31
N MET H 295 -22.57 -2.85 -44.23
CA MET H 295 -21.21 -3.21 -44.62
C MET H 295 -20.25 -2.73 -43.55
N ALA H 296 -19.10 -3.39 -43.47
CA ALA H 296 -18.03 -3.00 -42.55
C ALA H 296 -16.65 -3.32 -43.13
N THR H 297 -15.86 -2.29 -43.37
CA THR H 297 -14.56 -2.41 -44.03
C THR H 297 -13.44 -1.83 -43.17
N THR H 298 -12.21 -2.29 -43.40
CA THR H 298 -11.03 -1.60 -42.87
C THR H 298 -10.55 -0.52 -43.85
N GLY H 299 -11.17 -0.50 -45.03
CA GLY H 299 -10.68 0.28 -46.19
C GLY H 299 -10.02 -0.66 -47.20
N LYS H 300 -9.21 -1.60 -46.70
CA LYS H 300 -8.56 -2.61 -47.53
C LYS H 300 -9.44 -3.85 -47.77
N GLU H 301 -10.19 -4.24 -46.75
CA GLU H 301 -10.91 -5.52 -46.75
C GLU H 301 -12.09 -5.51 -45.78
N ALA H 302 -12.96 -6.49 -45.92
CA ALA H 302 -14.05 -6.67 -44.99
C ALA H 302 -13.44 -7.03 -43.63
N VAL H 303 -13.87 -6.29 -42.61
CA VAL H 303 -13.45 -6.51 -41.22
C VAL H 303 -13.54 -7.99 -40.84
N LEU H 304 -14.63 -8.63 -41.25
CA LEU H 304 -14.84 -10.05 -40.97
C LEU H 304 -13.86 -11.01 -41.69
N ASP H 305 -13.14 -10.51 -42.68
CA ASP H 305 -12.13 -11.29 -43.41
C ASP H 305 -10.71 -11.18 -42.84
N VAL H 306 -10.47 -10.19 -41.98
CA VAL H 306 -9.18 -10.07 -41.30
C VAL H 306 -8.91 -11.31 -40.45
N ILE H 307 -7.76 -11.94 -40.64
CA ILE H 307 -7.33 -13.04 -39.77
C ILE H 307 -6.44 -12.48 -38.65
N PRO H 308 -6.94 -12.49 -37.41
CA PRO H 308 -6.18 -12.01 -36.25
C PRO H 308 -4.97 -12.87 -35.87
N THR H 309 -3.93 -12.21 -35.36
CA THR H 309 -2.74 -12.89 -34.84
C THR H 309 -2.56 -12.55 -33.36
N ASP H 310 -3.26 -11.52 -32.92
CA ASP H 310 -3.18 -11.02 -31.54
C ASP H 310 -4.64 -10.82 -31.04
N ILE H 311 -4.94 -11.28 -29.84
CA ILE H 311 -6.30 -11.14 -29.27
C ILE H 311 -6.70 -9.69 -28.99
N HIS H 312 -5.72 -8.83 -28.79
CA HIS H 312 -5.97 -7.41 -28.52
C HIS H 312 -5.63 -6.50 -29.70
N GLN H 313 -5.59 -7.07 -30.90
CA GLN H 313 -5.16 -6.31 -32.06
C GLN H 313 -6.21 -5.32 -32.53
N ARG H 314 -5.75 -4.18 -33.01
CA ARG H 314 -6.63 -3.10 -33.42
C ARG H 314 -6.95 -3.31 -34.87
N ALA H 315 -8.07 -2.73 -35.30
CA ALA H 315 -8.43 -2.74 -36.70
C ALA H 315 -9.20 -1.47 -36.98
N PRO H 316 -8.94 -0.84 -38.15
CA PRO H 316 -9.71 0.31 -38.58
C PRO H 316 -11.11 -0.14 -38.96
N VAL H 317 -12.08 0.71 -38.73
CA VAL H 317 -13.45 0.30 -39.02
C VAL H 317 -14.22 1.46 -39.64
N ILE H 318 -14.85 1.16 -40.77
CA ILE H 318 -15.83 2.04 -41.39
C ILE H 318 -17.01 1.14 -41.62
N LEU H 319 -18.16 1.46 -41.02
CA LEU H 319 -19.35 0.60 -41.12
C LEU H 319 -20.63 1.40 -41.25
N GLY H 320 -21.65 0.77 -41.82
CA GLY H 320 -22.98 1.38 -41.88
C GLY H 320 -23.81 1.03 -43.10
N SER H 321 -24.60 2.01 -43.53
CA SER H 321 -25.42 1.89 -44.71
C SER H 321 -24.54 1.52 -45.90
N PRO H 322 -24.99 0.53 -46.71
CA PRO H 322 -24.17 0.00 -47.81
C PRO H 322 -23.80 1.06 -48.85
N ASP H 323 -24.75 1.88 -49.27
CA ASP H 323 -24.43 2.97 -50.20
C ASP H 323 -23.37 3.91 -49.61
N ASP H 324 -23.45 4.18 -48.31
CA ASP H 324 -22.52 5.09 -47.62
C ASP H 324 -21.10 4.56 -47.55
N VAL H 325 -20.98 3.29 -47.19
CA VAL H 325 -19.67 2.64 -47.09
C VAL H 325 -19.05 2.47 -48.49
N LEU H 326 -19.88 2.09 -49.46
CA LEU H 326 -19.43 1.98 -50.84
C LEU H 326 -18.92 3.33 -51.34
N GLU H 327 -19.67 4.39 -51.10
CA GLU H 327 -19.21 5.75 -51.36
C GLU H 327 -17.84 6.04 -50.72
N PHE H 328 -17.63 5.58 -49.49
CA PHE H 328 -16.35 5.82 -48.83
C PHE H 328 -15.23 5.04 -49.49
N LEU H 329 -15.54 3.81 -49.88
CA LEU H 329 -14.57 2.92 -50.54
C LEU H 329 -14.18 3.43 -51.94
N LYS H 330 -15.14 4.02 -52.65
CA LYS H 330 -14.86 4.77 -53.87
C LYS H 330 -13.76 5.83 -53.66
N VAL H 331 -13.89 6.60 -52.57
CA VAL H 331 -12.90 7.65 -52.23
C VAL H 331 -11.56 7.02 -51.79
N TYR H 332 -11.60 5.98 -50.96
CA TYR H 332 -10.38 5.29 -50.54
C TYR H 332 -9.60 4.80 -51.77
N GLU H 333 -10.31 4.17 -52.71
CA GLU H 333 -9.69 3.64 -53.92
C GLU H 333 -9.01 4.73 -54.75
N LYS H 334 -9.71 5.84 -54.96
CA LYS H 334 -9.18 7.05 -55.58
C LYS H 334 -7.74 7.35 -55.08
N HIS H 335 -7.53 7.22 -53.77
CA HIS H 335 -6.25 7.58 -53.13
C HIS H 335 -5.28 6.41 -52.97
N SER H 336 -5.68 5.21 -53.36
CA SER H 336 -4.95 3.99 -53.02
C SER H 336 -3.54 3.88 -53.62
N ALA H 337 -2.53 4.01 -52.90
#